data_6HZW
#
_entry.id   6HZW
#
_cell.length_a   182.416
_cell.length_b   133.401
_cell.length_c   160.474
_cell.angle_alpha   90.00
_cell.angle_beta   102.48
_cell.angle_gamma   90.00
#
_symmetry.space_group_name_H-M   'C 1 2 1'
#
loop_
_entity.id
_entity.type
_entity.pdbx_description
1 polymer 'Proton-gated ion channel'
2 non-polymer 'ACETATE ION'
3 non-polymer 'DIUNDECYL PHOSPHATIDYL CHOLINE'
4 non-polymer 'CHLORIDE ION'
5 non-polymer 'SODIUM ION'
6 non-polymer DODECYL-BETA-D-MALTOSIDE
7 water water
#
_entity_poly.entity_id   1
_entity_poly.type   'polypeptide(L)'
_entity_poly.pdbx_seq_one_letter_code
;GQDMVSPPPPIADEPLTVNTGIYLIECYSLDDKAETFKVNAFLSLSWKDRRLAFDPVRSGVRVKTYEPEAIWIPEIRFVN
VENARDADVVDISVSPDGTVQYLERFSARVLSPLDFRRYPFDSQTLHIYLIVRSVDTRNIVLAVDLEKVGKNDDVFLTGW
DIESFTAVVKPANFALEDRLESKLDYQLRISRQYFSYIPNIILPMLFILFISWTAFWSTSYEANVTLVVSTLIAHIAFNI
LVETNLPKTPYMTYTGAIIFMIYLFYFVAVIEVTVQHYLKVESQPARAASITRASRIAFPVVFLLANIILAFLFFGF
;
_entity_poly.pdbx_strand_id   A,B,C,D,E
#
loop_
_chem_comp.id
_chem_comp.type
_chem_comp.name
_chem_comp.formula
ACT non-polymer 'ACETATE ION' 'C2 H3 O2 -1'
CL non-polymer 'CHLORIDE ION' 'Cl -1'
LMT D-saccharide DODECYL-BETA-D-MALTOSIDE 'C24 H46 O11'
NA non-polymer 'SODIUM ION' 'Na 1'
PLC non-polymer 'DIUNDECYL PHOSPHATIDYL CHOLINE' 'C32 H65 N O8 P 1'
#
# COMPACT_ATOMS: atom_id res chain seq x y z
N VAL A 5 -34.72 25.66 -4.90
CA VAL A 5 -36.05 25.30 -5.43
C VAL A 5 -36.60 24.26 -4.43
N SER A 6 -37.70 23.58 -4.73
CA SER A 6 -38.25 22.56 -3.86
C SER A 6 -39.05 21.56 -4.73
N PRO A 7 -39.54 20.46 -4.13
CA PRO A 7 -39.96 19.37 -5.05
C PRO A 7 -41.21 19.68 -5.82
N PRO A 8 -41.39 19.08 -7.00
CA PRO A 8 -42.69 19.31 -7.71
C PRO A 8 -43.87 18.91 -6.88
N PRO A 9 -44.96 19.72 -6.86
CA PRO A 9 -46.00 19.40 -5.86
C PRO A 9 -46.95 18.35 -6.47
N PRO A 10 -47.57 17.52 -5.62
CA PRO A 10 -48.45 16.43 -6.13
C PRO A 10 -49.72 16.93 -6.79
N ILE A 11 -50.18 16.31 -7.90
CA ILE A 11 -51.54 16.65 -8.41
C ILE A 11 -52.51 16.30 -7.29
N ALA A 12 -52.29 15.17 -6.62
CA ALA A 12 -53.21 14.72 -5.56
C ALA A 12 -52.64 13.51 -4.85
N ASP A 13 -51.85 13.69 -3.79
CA ASP A 13 -51.41 12.65 -2.83
C ASP A 13 -50.55 11.44 -3.33
N GLU A 14 -50.25 11.42 -4.63
CA GLU A 14 -49.36 10.41 -5.27
C GLU A 14 -47.88 10.74 -5.01
N PRO A 15 -47.03 9.67 -4.80
CA PRO A 15 -45.60 9.88 -4.63
C PRO A 15 -44.97 10.39 -5.91
N LEU A 16 -43.83 11.08 -5.83
CA LEU A 16 -43.08 11.38 -7.06
C LEU A 16 -42.24 10.10 -7.44
N THR A 17 -42.45 9.65 -8.68
CA THR A 17 -41.66 8.57 -9.27
C THR A 17 -40.39 9.11 -9.96
N VAL A 18 -39.25 8.61 -9.49
CA VAL A 18 -37.97 8.89 -10.13
C VAL A 18 -37.51 7.60 -10.85
N ASN A 19 -37.53 7.63 -12.15
CA ASN A 19 -37.05 6.53 -12.96
C ASN A 19 -35.52 6.54 -13.00
N THR A 20 -34.94 5.37 -12.82
CA THR A 20 -33.46 5.23 -12.84
C THR A 20 -32.94 4.24 -13.84
N GLY A 21 -31.68 4.37 -14.20
CA GLY A 21 -30.90 3.45 -14.98
C GLY A 21 -29.40 3.59 -14.69
N ILE A 22 -28.69 2.47 -14.78
CA ILE A 22 -27.24 2.44 -14.63
C ILE A 22 -26.66 1.75 -15.87
N TYR A 23 -25.73 2.43 -16.55
CA TYR A 23 -25.04 1.83 -17.68
C TYR A 23 -23.52 1.74 -17.33
N LEU A 24 -23.05 0.52 -17.18
CA LEU A 24 -21.65 0.25 -16.77
C LEU A 24 -20.66 0.50 -17.92
N ILE A 25 -19.68 1.33 -17.63
CA ILE A 25 -18.64 1.70 -18.58
C ILE A 25 -17.37 0.91 -18.24
N GLU A 26 -17.01 0.86 -16.96
N GLU A 26 -17.01 0.86 -16.96
CA GLU A 26 -15.89 0.02 -16.49
CA GLU A 26 -15.89 0.02 -16.48
C GLU A 26 -16.20 -0.65 -15.14
C GLU A 26 -16.20 -0.65 -15.14
N CYS A 27 -15.75 -1.90 -15.00
CA CYS A 27 -15.72 -2.66 -13.73
C CYS A 27 -14.26 -3.08 -13.56
N TYR A 28 -13.72 -2.73 -12.41
CA TYR A 28 -12.34 -3.11 -12.07
C TYR A 28 -12.13 -3.28 -10.55
N SER A 29 -10.99 -3.89 -10.23
CA SER A 29 -10.48 -4.10 -8.87
C SER A 29 -11.47 -4.77 -7.92
N LEU A 30 -11.91 -5.99 -8.25
CA LEU A 30 -12.63 -6.80 -7.32
C LEU A 30 -11.57 -7.30 -6.30
N ASP A 31 -11.59 -6.71 -5.12
CA ASP A 31 -10.72 -7.06 -4.02
C ASP A 31 -11.44 -8.02 -3.07
N ASP A 32 -11.00 -9.28 -3.08
CA ASP A 32 -11.58 -10.38 -2.29
C ASP A 32 -11.48 -10.14 -0.78
N LYS A 33 -10.30 -9.74 -0.32
CA LYS A 33 -10.05 -9.47 1.11
C LYS A 33 -10.91 -8.32 1.64
N ALA A 34 -10.98 -7.22 0.92
CA ALA A 34 -11.80 -6.06 1.33
C ALA A 34 -13.31 -6.23 1.00
N GLU A 35 -13.64 -7.13 0.08
CA GLU A 35 -15.01 -7.36 -0.39
C GLU A 35 -15.57 -6.12 -1.08
N THR A 36 -14.72 -5.52 -1.92
CA THR A 36 -15.05 -4.30 -2.66
C THR A 36 -14.77 -4.47 -4.16
N PHE A 37 -15.36 -3.60 -4.96
CA PHE A 37 -15.12 -3.48 -6.38
C PHE A 37 -15.32 -2.03 -6.81
N LYS A 38 -14.57 -1.62 -7.81
CA LYS A 38 -14.69 -0.26 -8.31
C LYS A 38 -15.54 -0.24 -9.57
N VAL A 39 -16.33 0.82 -9.71
CA VAL A 39 -17.21 0.95 -10.86
C VAL A 39 -17.16 2.37 -11.46
N ASN A 40 -17.30 2.46 -12.77
CA ASN A 40 -17.38 3.69 -13.51
C ASN A 40 -18.58 3.50 -14.45
N ALA A 41 -19.54 4.40 -14.37
CA ALA A 41 -20.86 4.16 -15.00
C ALA A 41 -21.64 5.43 -15.23
N PHE A 42 -22.66 5.33 -16.12
CA PHE A 42 -23.67 6.38 -16.28
C PHE A 42 -24.80 6.12 -15.31
N LEU A 43 -25.27 7.17 -14.66
CA LEU A 43 -26.53 7.13 -13.88
C LEU A 43 -27.51 8.04 -14.59
N SER A 44 -28.61 7.47 -15.04
CA SER A 44 -29.70 8.24 -15.70
C SER A 44 -30.87 8.39 -14.72
N LEU A 45 -31.45 9.58 -14.65
CA LEU A 45 -32.63 9.84 -13.83
C LEU A 45 -33.72 10.54 -14.68
N SER A 46 -34.97 10.19 -14.42
CA SER A 46 -36.14 10.80 -15.03
C SER A 46 -37.32 11.00 -14.09
N TRP A 47 -37.90 12.19 -14.13
CA TRP A 47 -39.10 12.53 -13.34
C TRP A 47 -39.88 13.67 -14.00
N LYS A 48 -41.13 13.83 -13.57
CA LYS A 48 -42.05 14.88 -14.09
C LYS A 48 -42.01 16.10 -13.14
N ASP A 49 -41.72 17.27 -13.68
CA ASP A 49 -41.88 18.53 -13.00
C ASP A 49 -42.72 19.47 -13.91
N ARG A 50 -44.02 19.50 -13.63
CA ARG A 50 -45.03 20.31 -14.39
C ARG A 50 -44.75 21.81 -14.40
N ARG A 51 -44.08 22.33 -13.37
CA ARG A 51 -43.65 23.74 -13.31
C ARG A 51 -42.68 24.10 -14.42
N LEU A 52 -42.07 23.10 -15.06
CA LEU A 52 -41.12 23.31 -16.16
C LEU A 52 -41.73 23.07 -17.54
N ALA A 53 -43.04 22.76 -17.58
CA ALA A 53 -43.75 22.57 -18.83
C ALA A 53 -43.68 23.87 -19.66
N PHE A 54 -43.68 23.69 -20.98
CA PHE A 54 -43.61 24.85 -21.90
C PHE A 54 -44.30 24.50 -23.22
N ASP A 55 -44.57 25.54 -24.00
CA ASP A 55 -45.23 25.37 -25.29
C ASP A 55 -44.17 25.35 -26.38
N PRO A 56 -44.13 24.27 -27.19
CA PRO A 56 -43.06 24.16 -28.23
C PRO A 56 -43.22 25.21 -29.35
N VAL A 57 -44.46 25.33 -29.88
CA VAL A 57 -44.86 26.36 -30.88
C VAL A 57 -44.46 27.79 -30.41
N ARG A 58 -44.84 28.17 -29.18
CA ARG A 58 -44.46 29.49 -28.61
C ARG A 58 -42.95 29.63 -28.41
N SER A 59 -42.32 28.74 -27.63
CA SER A 59 -40.89 28.87 -27.27
C SER A 59 -39.92 28.66 -28.47
N GLY A 60 -40.40 27.97 -29.51
CA GLY A 60 -39.61 27.70 -30.73
C GLY A 60 -38.51 26.68 -30.59
N VAL A 61 -38.58 25.88 -29.53
CA VAL A 61 -37.57 24.83 -29.19
C VAL A 61 -38.35 23.60 -28.70
N ARG A 62 -37.90 22.39 -29.06
CA ARG A 62 -38.59 21.16 -28.62
C ARG A 62 -38.11 20.65 -27.28
N VAL A 63 -36.94 21.10 -26.85
CA VAL A 63 -36.28 20.64 -25.63
C VAL A 63 -35.56 21.82 -25.04
N LYS A 64 -35.54 21.88 -23.71
CA LYS A 64 -34.70 22.83 -23.00
C LYS A 64 -33.61 22.15 -22.19
N THR A 65 -32.48 22.82 -22.12
CA THR A 65 -31.32 22.38 -21.37
C THR A 65 -31.22 23.23 -20.14
N TYR A 66 -30.98 22.63 -18.99
CA TYR A 66 -30.71 23.41 -17.75
C TYR A 66 -29.40 23.00 -17.10
N GLU A 67 -28.92 23.87 -16.21
CA GLU A 67 -27.82 23.60 -15.29
C GLU A 67 -28.45 23.14 -13.95
N PRO A 68 -27.73 22.26 -13.22
CA PRO A 68 -28.31 21.63 -12.01
C PRO A 68 -28.82 22.56 -10.91
N GLU A 69 -28.21 23.74 -10.82
CA GLU A 69 -28.58 24.73 -9.77
C GLU A 69 -29.89 25.41 -10.13
N ALA A 70 -30.21 25.53 -11.43
CA ALA A 70 -31.43 26.17 -11.88
C ALA A 70 -32.73 25.41 -11.56
N ILE A 71 -32.68 24.08 -11.45
CA ILE A 71 -33.89 23.30 -11.16
C ILE A 71 -33.76 22.35 -9.94
N TRP A 72 -34.89 21.78 -9.53
CA TRP A 72 -34.94 20.78 -8.49
C TRP A 72 -34.45 19.44 -9.07
N ILE A 73 -33.54 18.81 -8.32
CA ILE A 73 -33.01 17.47 -8.64
C ILE A 73 -33.13 16.59 -7.41
N PRO A 74 -33.66 15.36 -7.52
CA PRO A 74 -33.68 14.48 -6.36
C PRO A 74 -32.24 14.13 -5.86
N GLU A 75 -32.09 14.09 -4.55
CA GLU A 75 -30.86 13.67 -3.91
C GLU A 75 -30.85 12.14 -3.92
N ILE A 76 -30.23 11.60 -5.00
CA ILE A 76 -30.01 10.17 -5.14
C ILE A 76 -28.64 9.79 -4.54
N ARG A 77 -28.63 8.76 -3.70
CA ARG A 77 -27.39 8.23 -3.15
C ARG A 77 -27.28 6.72 -3.33
N PHE A 78 -26.08 6.21 -3.13
CA PHE A 78 -25.79 4.79 -3.08
C PHE A 78 -25.73 4.40 -1.60
N VAL A 79 -26.32 3.26 -1.27
CA VAL A 79 -26.23 2.75 0.10
C VAL A 79 -24.80 2.21 0.36
N ASN A 80 -24.36 1.24 -0.44
CA ASN A 80 -23.17 0.43 -0.16
C ASN A 80 -21.84 0.91 -0.84
N VAL A 81 -21.53 2.19 -0.62
CA VAL A 81 -20.30 2.81 -1.06
C VAL A 81 -19.41 3.27 0.08
N GLU A 82 -18.08 3.23 -0.13
CA GLU A 82 -17.11 3.66 0.91
C GLU A 82 -17.31 5.17 1.23
N ASN A 83 -17.20 5.96 0.19
CA ASN A 83 -17.38 7.41 0.21
C ASN A 83 -18.43 7.74 -0.83
N ALA A 84 -19.02 8.93 -0.78
CA ALA A 84 -19.98 9.39 -1.78
C ALA A 84 -19.27 9.27 -3.18
N ARG A 85 -20.05 8.95 -4.21
CA ARG A 85 -19.57 8.83 -5.56
C ARG A 85 -18.92 10.13 -6.10
N ASP A 86 -17.94 9.96 -7.01
CA ASP A 86 -17.38 11.06 -7.74
C ASP A 86 -18.27 11.19 -8.97
N ALA A 87 -19.11 12.21 -8.99
CA ALA A 87 -20.05 12.44 -10.14
C ALA A 87 -19.83 13.74 -10.91
N ASP A 88 -19.95 13.64 -12.24
CA ASP A 88 -19.99 14.79 -13.13
CA ASP A 88 -19.99 14.79 -13.13
C ASP A 88 -21.28 14.73 -13.98
N VAL A 89 -22.07 15.79 -13.91
CA VAL A 89 -23.31 15.88 -14.69
C VAL A 89 -22.95 16.02 -16.19
N VAL A 90 -23.55 15.19 -17.01
CA VAL A 90 -23.33 15.21 -18.46
C VAL A 90 -24.46 16.08 -19.11
N ASP A 91 -25.72 15.87 -18.73
CA ASP A 91 -26.83 16.49 -19.41
C ASP A 91 -28.13 16.51 -18.58
N ILE A 92 -28.87 17.64 -18.71
CA ILE A 92 -30.19 17.83 -18.19
C ILE A 92 -31.06 18.37 -19.32
N SER A 93 -32.05 17.58 -19.71
CA SER A 93 -32.99 17.85 -20.80
C SER A 93 -34.44 17.87 -20.31
N VAL A 94 -35.16 18.91 -20.68
CA VAL A 94 -36.58 19.03 -20.30
C VAL A 94 -37.48 19.04 -21.53
N SER A 95 -38.41 18.12 -21.59
CA SER A 95 -39.38 18.06 -22.70
C SER A 95 -40.62 18.96 -22.40
N PRO A 96 -41.48 19.25 -23.41
CA PRO A 96 -42.58 20.29 -23.24
C PRO A 96 -43.56 20.01 -22.08
N ASP A 97 -43.82 18.76 -21.76
CA ASP A 97 -44.72 18.37 -20.66
C ASP A 97 -44.06 18.42 -19.26
N GLY A 98 -42.79 18.85 -19.21
CA GLY A 98 -42.04 18.94 -17.97
C GLY A 98 -41.31 17.66 -17.54
N THR A 99 -41.14 16.68 -18.43
CA THR A 99 -40.36 15.49 -18.16
C THR A 99 -38.87 15.83 -18.19
N VAL A 100 -38.21 15.67 -17.03
CA VAL A 100 -36.77 15.88 -16.92
C VAL A 100 -35.98 14.61 -17.22
N GLN A 101 -34.94 14.74 -18.04
CA GLN A 101 -33.97 13.69 -18.35
C GLN A 101 -32.59 14.13 -17.84
N TYR A 102 -32.15 13.45 -16.80
CA TYR A 102 -30.87 13.72 -16.14
C TYR A 102 -29.86 12.62 -16.43
N LEU A 103 -28.62 13.01 -16.75
CA LEU A 103 -27.53 12.07 -16.97
C LEU A 103 -26.23 12.53 -16.33
N GLU A 104 -25.66 11.67 -15.48
CA GLU A 104 -24.34 11.84 -14.91
C GLU A 104 -23.45 10.65 -15.16
N ARG A 105 -22.15 10.91 -15.20
CA ARG A 105 -21.14 9.85 -15.21
C ARG A 105 -20.51 9.83 -13.82
N PHE A 106 -20.45 8.67 -13.21
CA PHE A 106 -19.83 8.56 -11.87
C PHE A 106 -18.83 7.42 -11.75
N SER A 107 -18.01 7.48 -10.73
CA SER A 107 -17.11 6.42 -10.30
C SER A 107 -17.32 6.24 -8.78
N ALA A 108 -17.25 4.99 -8.35
CA ALA A 108 -17.41 4.65 -6.91
C ALA A 108 -16.77 3.35 -6.52
N ARG A 109 -16.41 3.26 -5.23
CA ARG A 109 -15.89 2.03 -4.64
C ARG A 109 -17.08 1.43 -3.86
N VAL A 110 -17.51 0.27 -4.27
CA VAL A 110 -18.69 -0.41 -3.71
C VAL A 110 -18.37 -1.58 -2.74
N LEU A 111 -19.02 -1.60 -1.59
CA LEU A 111 -18.96 -2.67 -0.61
C LEU A 111 -20.01 -3.70 -0.96
N SER A 112 -19.59 -4.91 -1.21
CA SER A 112 -20.55 -5.99 -1.48
C SER A 112 -20.02 -7.31 -0.96
N PRO A 113 -20.74 -7.92 -0.02
CA PRO A 113 -20.25 -9.21 0.61
C PRO A 113 -20.12 -10.36 -0.40
N LEU A 114 -19.10 -11.17 -0.25
CA LEU A 114 -18.80 -12.29 -1.12
C LEU A 114 -18.90 -13.61 -0.33
N ASP A 115 -19.46 -14.65 -0.96
CA ASP A 115 -19.60 -15.95 -0.35
C ASP A 115 -18.45 -16.85 -0.85
N PHE A 116 -17.49 -17.14 0.04
CA PHE A 116 -16.29 -17.90 -0.36
C PHE A 116 -16.37 -19.43 -0.20
N ARG A 117 -17.53 -19.95 0.20
CA ARG A 117 -17.75 -21.39 0.43
C ARG A 117 -17.19 -22.31 -0.66
N ARG A 118 -17.37 -21.93 -1.91
CA ARG A 118 -16.91 -22.79 -3.05
C ARG A 118 -15.68 -22.27 -3.78
N TYR A 119 -14.94 -21.33 -3.17
CA TYR A 119 -13.67 -20.78 -3.68
C TYR A 119 -12.65 -21.91 -4.03
N PRO A 120 -11.96 -21.88 -5.19
CA PRO A 120 -12.01 -20.82 -6.21
C PRO A 120 -13.00 -21.10 -7.37
N PHE A 121 -14.00 -21.97 -7.13
CA PHE A 121 -15.02 -22.34 -8.13
C PHE A 121 -16.36 -21.65 -7.79
N ASP A 122 -16.27 -20.42 -7.27
CA ASP A 122 -17.40 -19.64 -6.79
C ASP A 122 -17.96 -18.67 -7.83
N SER A 123 -19.23 -18.35 -7.61
CA SER A 123 -19.98 -17.33 -8.34
C SER A 123 -20.47 -16.29 -7.32
N GLN A 124 -20.65 -15.06 -7.76
CA GLN A 124 -21.10 -14.03 -6.84
C GLN A 124 -22.20 -13.16 -7.52
N THR A 125 -22.98 -12.52 -6.65
CA THR A 125 -23.97 -11.52 -7.03
C THR A 125 -23.54 -10.24 -6.35
N LEU A 126 -22.91 -9.35 -7.13
CA LEU A 126 -22.57 -8.03 -6.59
C LEU A 126 -23.81 -7.12 -6.64
N HIS A 127 -23.96 -6.27 -5.63
CA HIS A 127 -25.07 -5.34 -5.54
C HIS A 127 -24.63 -3.88 -5.57
N ILE A 128 -25.40 -3.04 -6.26
CA ILE A 128 -25.31 -1.61 -6.18
C ILE A 128 -26.71 -1.13 -5.76
N TYR A 129 -26.85 -0.67 -4.53
CA TYR A 129 -28.10 -0.16 -3.99
C TYR A 129 -28.30 1.34 -4.18
N LEU A 130 -29.29 1.71 -5.00
CA LEU A 130 -29.69 3.09 -5.24
C LEU A 130 -30.76 3.48 -4.24
N ILE A 131 -30.65 4.70 -3.70
CA ILE A 131 -31.59 5.16 -2.68
C ILE A 131 -31.97 6.64 -2.72
N VAL A 132 -33.22 6.92 -2.31
CA VAL A 132 -33.73 8.28 -2.17
C VAL A 132 -34.58 8.41 -0.90
N ARG A 133 -34.37 9.50 -0.20
CA ARG A 133 -35.08 9.82 1.04
C ARG A 133 -36.21 10.81 0.69
N SER A 134 -37.39 10.54 1.26
CA SER A 134 -38.57 11.41 1.04
C SER A 134 -38.34 12.75 1.83
N VAL A 135 -39.01 13.77 1.35
CA VAL A 135 -39.00 15.10 1.95
C VAL A 135 -40.35 15.43 2.62
N ASP A 136 -40.39 16.51 3.41
CA ASP A 136 -41.60 16.82 4.22
C ASP A 136 -42.83 17.11 3.34
N THR A 137 -42.52 17.74 2.24
CA THR A 137 -43.48 18.22 1.29
C THR A 137 -43.92 17.07 0.33
N ARG A 138 -43.20 15.94 0.25
CA ARG A 138 -43.45 14.94 -0.80
C ARG A 138 -42.78 13.57 -0.62
N ASN A 139 -43.50 12.46 -0.84
CA ASN A 139 -42.93 11.15 -0.82
C ASN A 139 -42.27 10.78 -2.17
N ILE A 140 -41.00 10.31 -2.14
CA ILE A 140 -40.33 10.04 -3.41
C ILE A 140 -40.04 8.55 -3.49
N VAL A 141 -40.26 8.01 -4.65
CA VAL A 141 -40.19 6.53 -4.84
C VAL A 141 -39.42 6.28 -6.13
N LEU A 142 -38.61 5.19 -6.14
CA LEU A 142 -37.72 4.90 -7.30
C LEU A 142 -38.31 3.80 -8.20
N ALA A 143 -38.01 3.86 -9.48
CA ALA A 143 -38.35 2.83 -10.43
C ALA A 143 -37.17 2.62 -11.43
N VAL A 144 -37.24 1.50 -12.15
CA VAL A 144 -36.27 1.12 -13.13
C VAL A 144 -36.76 1.33 -14.58
N ASP A 145 -36.04 2.10 -15.37
CA ASP A 145 -36.23 2.16 -16.80
C ASP A 145 -35.24 1.14 -17.42
N LEU A 146 -35.76 -0.03 -17.74
CA LEU A 146 -35.03 -1.17 -18.32
C LEU A 146 -34.28 -0.84 -19.59
N GLU A 147 -34.77 0.11 -20.37
CA GLU A 147 -34.09 0.56 -21.60
C GLU A 147 -32.79 1.33 -21.30
N LYS A 148 -32.65 1.80 -20.05
CA LYS A 148 -31.46 2.54 -19.61
C LYS A 148 -30.56 1.77 -18.61
N VAL A 149 -30.73 0.45 -18.54
CA VAL A 149 -29.92 -0.46 -17.77
C VAL A 149 -29.11 -1.32 -18.75
N GLY A 150 -27.81 -1.34 -18.54
CA GLY A 150 -26.92 -2.12 -19.40
C GLY A 150 -25.46 -2.00 -19.01
N LYS A 151 -24.62 -2.49 -19.92
CA LYS A 151 -23.16 -2.46 -19.79
C LYS A 151 -22.47 -2.46 -21.14
N ASN A 152 -21.34 -1.78 -21.25
CA ASN A 152 -20.59 -1.79 -22.49
C ASN A 152 -19.95 -3.23 -22.69
N ASP A 153 -19.85 -3.65 -23.95
CA ASP A 153 -19.46 -5.04 -24.33
C ASP A 153 -18.04 -5.38 -23.91
N ASP A 154 -17.17 -4.36 -23.94
CA ASP A 154 -15.78 -4.44 -23.45
C ASP A 154 -15.55 -4.49 -21.91
N VAL A 155 -16.56 -4.19 -21.06
CA VAL A 155 -16.42 -4.29 -19.59
C VAL A 155 -15.84 -5.68 -19.28
N PHE A 156 -14.67 -5.69 -18.66
CA PHE A 156 -13.97 -6.89 -18.21
C PHE A 156 -13.61 -6.68 -16.72
N LEU A 157 -13.77 -7.73 -15.93
CA LEU A 157 -13.40 -7.72 -14.53
C LEU A 157 -12.31 -8.80 -14.40
N THR A 158 -11.04 -8.36 -14.29
CA THR A 158 -9.92 -9.30 -14.38
C THR A 158 -10.03 -10.40 -13.30
N GLY A 159 -9.92 -11.63 -13.76
CA GLY A 159 -10.07 -12.83 -12.95
C GLY A 159 -11.50 -13.34 -12.84
N TRP A 160 -12.44 -12.66 -13.52
CA TRP A 160 -13.87 -12.99 -13.49
C TRP A 160 -14.53 -12.96 -14.85
N ASP A 161 -15.61 -13.75 -15.01
CA ASP A 161 -16.53 -13.71 -16.14
C ASP A 161 -17.79 -12.95 -15.69
N ILE A 162 -18.23 -12.02 -16.47
CA ILE A 162 -19.45 -11.25 -16.23
C ILE A 162 -20.63 -11.96 -16.90
N GLU A 163 -21.60 -12.42 -16.11
CA GLU A 163 -22.80 -13.07 -16.66
C GLU A 163 -23.93 -12.12 -17.03
N SER A 164 -24.39 -11.30 -16.10
CA SER A 164 -25.50 -10.38 -16.35
C SER A 164 -25.48 -9.18 -15.39
N PHE A 165 -26.15 -8.10 -15.84
CA PHE A 165 -26.33 -6.88 -15.09
C PHE A 165 -27.80 -6.53 -15.25
N THR A 166 -28.56 -6.76 -14.19
CA THR A 166 -30.01 -6.52 -14.16
C THR A 166 -30.39 -5.77 -12.91
N ALA A 167 -31.63 -5.24 -12.87
CA ALA A 167 -32.17 -4.54 -11.70
C ALA A 167 -33.44 -5.24 -11.21
N VAL A 168 -33.61 -5.34 -9.90
CA VAL A 168 -34.85 -5.79 -9.30
C VAL A 168 -35.79 -4.57 -9.40
N VAL A 169 -36.76 -4.66 -10.30
CA VAL A 169 -37.69 -3.55 -10.69
C VAL A 169 -38.54 -2.97 -9.56
N LYS A 170 -38.90 -3.78 -8.57
CA LYS A 170 -39.67 -3.31 -7.43
C LYS A 170 -38.75 -2.83 -6.31
N PRO A 171 -38.93 -1.57 -5.90
CA PRO A 171 -38.07 -1.04 -4.82
C PRO A 171 -38.36 -1.59 -3.43
N ALA A 172 -37.42 -1.46 -2.54
CA ALA A 172 -37.67 -1.80 -1.13
C ALA A 172 -37.95 -0.45 -0.42
N ASN A 173 -39.25 -0.22 -0.17
CA ASN A 173 -39.76 0.98 0.50
C ASN A 173 -39.84 0.72 2.00
N PHE A 174 -39.23 1.61 2.78
CA PHE A 174 -39.21 1.44 4.25
C PHE A 174 -39.01 2.77 4.97
N ALA A 175 -39.30 2.76 6.25
CA ALA A 175 -39.19 3.96 7.10
C ALA A 175 -37.82 3.97 7.78
N LEU A 176 -37.15 5.11 7.72
CA LEU A 176 -35.91 5.32 8.49
C LEU A 176 -35.90 6.74 9.06
N GLU A 177 -35.92 6.82 10.39
CA GLU A 177 -35.99 8.08 11.14
C GLU A 177 -37.23 8.91 10.73
N ASP A 178 -38.42 8.27 10.75
CA ASP A 178 -39.68 8.89 10.40
C ASP A 178 -39.80 9.56 9.01
N ARG A 179 -38.99 9.09 8.06
CA ARG A 179 -39.23 9.38 6.64
C ARG A 179 -39.16 8.10 5.80
N LEU A 180 -39.86 8.12 4.67
CA LEU A 180 -39.85 7.05 3.73
C LEU A 180 -38.50 7.08 2.94
N GLU A 181 -38.02 5.87 2.66
CA GLU A 181 -36.79 5.68 1.94
C GLU A 181 -37.11 4.61 0.82
N SER A 182 -36.70 4.88 -0.42
CA SER A 182 -37.01 4.01 -1.52
C SER A 182 -35.68 3.47 -2.14
N LYS A 183 -35.51 2.16 -2.06
CA LYS A 183 -34.21 1.51 -2.40
C LYS A 183 -34.32 0.51 -3.56
N LEU A 184 -33.46 0.69 -4.59
CA LEU A 184 -33.36 -0.26 -5.70
C LEU A 184 -32.09 -1.10 -5.66
N ASP A 185 -32.21 -2.35 -6.09
CA ASP A 185 -31.14 -3.36 -6.10
C ASP A 185 -30.69 -3.68 -7.54
N TYR A 186 -29.54 -3.10 -7.96
CA TYR A 186 -28.90 -3.41 -9.23
C TYR A 186 -27.90 -4.56 -8.99
N GLN A 187 -28.04 -5.61 -9.74
CA GLN A 187 -27.32 -6.89 -9.54
C GLN A 187 -26.37 -7.24 -10.67
N LEU A 188 -25.10 -7.42 -10.33
CA LEU A 188 -24.04 -7.77 -11.29
C LEU A 188 -23.59 -9.19 -10.95
N ARG A 189 -23.99 -10.13 -11.80
CA ARG A 189 -23.72 -11.58 -11.59
C ARG A 189 -22.40 -11.94 -12.26
N ILE A 190 -21.49 -12.50 -11.46
CA ILE A 190 -20.15 -12.87 -11.95
C ILE A 190 -19.74 -14.27 -11.48
N SER A 191 -18.82 -14.88 -12.23
CA SER A 191 -18.28 -16.19 -11.88
C SER A 191 -16.76 -16.17 -12.03
N ARG A 192 -16.09 -16.74 -11.03
CA ARG A 192 -14.63 -16.75 -10.95
C ARG A 192 -14.01 -17.62 -12.02
N GLN A 193 -12.93 -17.11 -12.62
CA GLN A 193 -12.08 -17.82 -13.57
C GLN A 193 -11.11 -18.62 -12.70
N TYR A 194 -11.47 -19.88 -12.52
CA TYR A 194 -10.74 -20.82 -11.63
C TYR A 194 -9.46 -21.38 -12.30
N PHE A 195 -9.34 -21.23 -13.64
CA PHE A 195 -8.27 -21.81 -14.44
C PHE A 195 -6.88 -21.79 -13.79
N SER A 196 -6.31 -20.61 -13.50
CA SER A 196 -4.96 -20.45 -13.01
C SER A 196 -4.68 -21.13 -11.65
N TYR A 197 -5.73 -21.36 -10.84
CA TYR A 197 -5.59 -22.03 -9.55
C TYR A 197 -5.10 -23.51 -9.71
N ILE A 198 -5.41 -24.13 -10.86
CA ILE A 198 -5.03 -25.48 -11.17
C ILE A 198 -3.52 -25.67 -11.32
N PRO A 199 -2.83 -25.01 -12.29
CA PRO A 199 -1.35 -25.13 -12.43
C PRO A 199 -0.55 -24.46 -11.30
N ASN A 200 -1.12 -23.43 -10.68
CA ASN A 200 -0.40 -22.66 -9.65
C ASN A 200 -0.53 -23.07 -8.19
N ILE A 201 -1.66 -23.64 -7.78
CA ILE A 201 -1.88 -24.03 -6.41
C ILE A 201 -2.29 -25.52 -6.29
N ILE A 202 -3.36 -25.93 -6.95
CA ILE A 202 -3.93 -27.26 -6.78
C ILE A 202 -2.99 -28.42 -7.19
N LEU A 203 -2.47 -28.41 -8.42
CA LEU A 203 -1.57 -29.43 -8.87
C LEU A 203 -0.24 -29.46 -8.10
N PRO A 204 0.46 -28.31 -7.87
CA PRO A 204 1.68 -28.33 -7.06
C PRO A 204 1.46 -28.94 -5.69
N MET A 205 0.33 -28.61 -5.07
CA MET A 205 -0.06 -29.14 -3.74
C MET A 205 -0.29 -30.67 -3.77
N LEU A 206 -0.85 -31.19 -4.86
CA LEU A 206 -1.05 -32.62 -5.05
C LEU A 206 0.28 -33.36 -5.30
N PHE A 207 1.17 -32.75 -6.11
CA PHE A 207 2.49 -33.31 -6.41
C PHE A 207 3.32 -33.52 -5.16
N ILE A 208 3.41 -32.51 -4.27
CA ILE A 208 4.20 -32.64 -3.05
C ILE A 208 3.63 -33.68 -2.10
N LEU A 209 2.28 -33.80 -2.05
CA LEU A 209 1.57 -34.78 -1.23
C LEU A 209 1.92 -36.20 -1.73
N PHE A 210 1.85 -36.42 -3.05
CA PHE A 210 2.17 -37.70 -3.67
C PHE A 210 3.65 -38.05 -3.50
N ILE A 211 4.53 -37.04 -3.46
CA ILE A 211 5.95 -37.22 -3.20
C ILE A 211 6.18 -37.74 -1.79
N SER A 212 5.41 -37.23 -0.81
CA SER A 212 5.51 -37.72 0.56
C SER A 212 5.15 -39.22 0.65
N TRP A 213 4.27 -39.71 -0.23
CA TRP A 213 3.81 -41.09 -0.24
C TRP A 213 4.85 -42.10 -0.80
N THR A 214 5.97 -41.59 -1.36
CA THR A 214 7.07 -42.42 -1.80
C THR A 214 7.75 -43.10 -0.59
N ALA A 215 7.57 -42.55 0.62
CA ALA A 215 8.05 -43.06 1.87
C ALA A 215 7.53 -44.48 2.14
N PHE A 216 6.39 -44.83 1.52
CA PHE A 216 5.77 -46.15 1.66
C PHE A 216 6.48 -47.25 0.80
N TRP A 217 7.50 -46.85 0.05
CA TRP A 217 8.32 -47.73 -0.76
C TRP A 217 9.81 -47.61 -0.30
N SER A 218 10.00 -47.14 0.93
CA SER A 218 11.32 -46.98 1.53
C SER A 218 11.37 -47.44 2.98
N THR A 219 12.48 -48.12 3.31
CA THR A 219 12.81 -48.63 4.64
C THR A 219 13.79 -47.67 5.34
N SER A 220 14.32 -46.66 4.63
CA SER A 220 15.22 -45.69 5.22
C SER A 220 14.41 -44.63 6.01
N TYR A 221 14.45 -44.73 7.34
CA TYR A 221 13.81 -43.79 8.26
C TYR A 221 14.24 -42.31 8.07
N GLU A 222 15.55 -42.11 7.95
CA GLU A 222 16.21 -40.83 7.82
C GLU A 222 15.69 -40.12 6.51
N ALA A 223 15.57 -40.90 5.43
CA ALA A 223 15.11 -40.42 4.15
C ALA A 223 13.58 -40.14 4.17
N ASN A 224 12.85 -41.01 4.86
CA ASN A 224 11.40 -40.90 5.06
C ASN A 224 11.05 -39.62 5.83
N VAL A 225 11.75 -39.35 6.92
CA VAL A 225 11.55 -38.18 7.73
C VAL A 225 11.80 -36.92 6.85
N THR A 226 12.85 -36.93 6.02
CA THR A 226 13.16 -35.88 5.09
C THR A 226 12.07 -35.68 4.05
N LEU A 227 11.54 -36.78 3.50
CA LEU A 227 10.45 -36.74 2.51
C LEU A 227 9.16 -36.13 3.07
N VAL A 228 8.69 -36.60 4.22
CA VAL A 228 7.42 -36.20 4.81
C VAL A 228 7.48 -34.77 5.46
N VAL A 229 8.56 -34.45 6.16
CA VAL A 229 8.73 -33.17 6.80
C VAL A 229 8.94 -32.02 5.79
N SER A 230 9.77 -32.22 4.78
CA SER A 230 10.05 -31.22 3.74
C SER A 230 8.80 -30.87 2.93
N THR A 231 8.04 -31.87 2.52
CA THR A 231 6.80 -31.70 1.76
C THR A 231 5.72 -31.01 2.62
N LEU A 232 5.69 -31.30 3.94
CA LEU A 232 4.77 -30.70 4.88
C LEU A 232 5.03 -29.17 4.93
N ILE A 233 6.30 -28.77 5.00
CA ILE A 233 6.72 -27.40 5.04
C ILE A 233 6.28 -26.66 3.75
N ALA A 234 6.44 -27.32 2.59
CA ALA A 234 5.98 -26.81 1.31
C ALA A 234 4.44 -26.65 1.32
N HIS A 235 3.73 -27.57 1.99
CA HIS A 235 2.28 -27.52 2.12
C HIS A 235 1.85 -26.31 2.97
N ILE A 236 2.62 -26.04 4.04
CA ILE A 236 2.41 -24.90 4.94
C ILE A 236 2.53 -23.59 4.10
N ALA A 237 3.55 -23.50 3.25
CA ALA A 237 3.79 -22.38 2.35
C ALA A 237 2.59 -22.12 1.43
N PHE A 238 2.01 -23.16 0.86
CA PHE A 238 0.82 -23.04 0.01
C PHE A 238 -0.41 -22.61 0.84
N ASN A 239 -0.55 -23.16 2.06
CA ASN A 239 -1.63 -22.78 2.97
C ASN A 239 -1.54 -21.24 3.26
N ILE A 240 -0.34 -20.75 3.61
CA ILE A 240 -0.11 -19.36 3.87
C ILE A 240 -0.39 -18.49 2.63
N LEU A 241 0.08 -18.92 1.45
CA LEU A 241 -0.14 -18.23 0.19
C LEU A 241 -1.65 -18.06 -0.08
N VAL A 242 -2.41 -19.14 0.07
CA VAL A 242 -3.84 -19.13 -0.18
C VAL A 242 -4.58 -18.18 0.80
N GLU A 243 -4.27 -18.24 2.11
CA GLU A 243 -4.94 -17.43 3.10
C GLU A 243 -4.62 -15.91 3.00
N THR A 244 -3.56 -15.53 2.29
CA THR A 244 -3.23 -14.12 2.03
C THR A 244 -4.10 -13.52 0.96
N ASN A 245 -4.70 -14.34 0.11
CA ASN A 245 -5.58 -13.94 -0.98
C ASN A 245 -7.01 -13.86 -0.49
N LEU A 246 -7.28 -14.35 0.69
CA LEU A 246 -8.64 -14.46 1.22
C LEU A 246 -8.87 -13.77 2.56
N PRO A 247 -10.08 -13.21 2.77
CA PRO A 247 -10.45 -12.74 4.10
C PRO A 247 -10.67 -13.95 5.08
N LYS A 248 -10.73 -13.64 6.35
CA LYS A 248 -11.05 -14.64 7.35
C LYS A 248 -12.57 -14.85 7.30
N THR A 249 -12.99 -16.10 7.19
CA THR A 249 -14.42 -16.44 7.11
C THR A 249 -14.92 -17.21 8.35
N PRO A 250 -16.18 -17.03 8.78
CA PRO A 250 -16.67 -17.82 9.92
C PRO A 250 -17.16 -19.21 9.50
N TYR A 251 -16.70 -19.68 8.34
CA TYR A 251 -17.06 -20.97 7.74
C TYR A 251 -15.84 -21.50 6.97
N MET A 252 -15.89 -22.79 6.60
CA MET A 252 -14.82 -23.39 5.82
C MET A 252 -15.08 -23.14 4.33
N THR A 253 -14.05 -22.79 3.57
CA THR A 253 -14.11 -22.73 2.14
C THR A 253 -13.71 -24.11 1.60
N TYR A 254 -14.06 -24.39 0.34
CA TYR A 254 -13.76 -25.69 -0.28
C TYR A 254 -12.25 -25.96 -0.32
N THR A 255 -11.46 -24.98 -0.74
CA THR A 255 -9.99 -25.05 -0.79
C THR A 255 -9.41 -25.16 0.61
N GLY A 256 -9.95 -24.36 1.56
CA GLY A 256 -9.55 -24.42 2.96
C GLY A 256 -9.72 -25.79 3.57
N ALA A 257 -10.82 -26.46 3.23
CA ALA A 257 -11.17 -27.82 3.70
C ALA A 257 -10.19 -28.86 3.17
N ILE A 258 -9.83 -28.82 1.88
CA ILE A 258 -8.84 -29.68 1.27
C ILE A 258 -7.47 -29.44 1.88
N ILE A 259 -7.05 -28.17 1.98
CA ILE A 259 -5.78 -27.79 2.61
C ILE A 259 -5.68 -28.34 4.03
N PHE A 260 -6.72 -28.14 4.84
CA PHE A 260 -6.78 -28.61 6.23
C PHE A 260 -6.70 -30.16 6.29
N MET A 261 -7.45 -30.85 5.44
CA MET A 261 -7.52 -32.27 5.39
C MET A 261 -6.13 -32.86 5.07
N ILE A 262 -5.40 -32.26 4.12
CA ILE A 262 -4.08 -32.72 3.73
C ILE A 262 -3.09 -32.77 4.92
N TYR A 263 -3.25 -31.87 5.91
CA TYR A 263 -2.44 -31.87 7.13
C TYR A 263 -2.58 -33.21 7.88
N LEU A 264 -3.82 -33.73 7.94
CA LEU A 264 -4.14 -34.98 8.61
C LEU A 264 -3.42 -36.15 7.91
N PHE A 265 -3.37 -36.12 6.56
CA PHE A 265 -2.65 -37.09 5.78
C PHE A 265 -1.13 -37.05 6.02
N TYR A 266 -0.57 -35.85 6.21
CA TYR A 266 0.84 -35.69 6.54
C TYR A 266 1.11 -36.22 7.94
N PHE A 267 0.21 -35.93 8.89
CA PHE A 267 0.31 -36.35 10.27
C PHE A 267 0.28 -37.89 10.39
N VAL A 268 -0.68 -38.55 9.74
CA VAL A 268 -0.79 -40.00 9.76
C VAL A 268 0.45 -40.66 9.04
N ALA A 269 0.94 -40.03 7.98
CA ALA A 269 2.14 -40.49 7.28
C ALA A 269 3.39 -40.48 8.20
N VAL A 270 3.52 -39.45 9.04
CA VAL A 270 4.60 -39.37 10.03
C VAL A 270 4.46 -40.53 11.07
N ILE A 271 3.22 -40.79 11.55
CA ILE A 271 2.94 -41.88 12.47
C ILE A 271 3.39 -43.24 11.83
N GLU A 272 2.98 -43.50 10.57
CA GLU A 272 3.35 -44.67 9.85
C GLU A 272 4.87 -44.84 9.72
N VAL A 273 5.56 -43.77 9.33
CA VAL A 273 7.01 -43.74 9.20
C VAL A 273 7.70 -44.02 10.57
N THR A 274 7.14 -43.50 11.66
CA THR A 274 7.62 -43.68 13.02
C THR A 274 7.40 -45.18 13.46
N VAL A 275 6.17 -45.70 13.26
CA VAL A 275 5.79 -47.04 13.57
C VAL A 275 6.65 -48.07 12.80
N GLN A 276 6.86 -47.83 11.50
CA GLN A 276 7.71 -48.64 10.65
C GLN A 276 9.13 -48.76 11.24
N HIS A 277 9.78 -47.61 11.53
CA HIS A 277 11.10 -47.57 12.11
C HIS A 277 11.19 -48.30 13.50
N TYR A 278 10.23 -48.02 14.37
CA TYR A 278 10.15 -48.61 15.68
C TYR A 278 10.12 -50.17 15.65
N LEU A 279 9.31 -50.75 14.77
CA LEU A 279 9.19 -52.16 14.58
C LEU A 279 10.47 -52.81 14.03
N LYS A 280 11.13 -52.13 13.07
CA LYS A 280 12.38 -52.60 12.50
CA LYS A 280 12.39 -52.60 12.49
C LYS A 280 13.49 -52.65 13.56
N VAL A 281 13.54 -51.63 14.42
CA VAL A 281 14.53 -51.56 15.48
C VAL A 281 14.27 -52.65 16.54
N GLU A 282 13.00 -53.01 16.73
CA GLU A 282 12.51 -54.05 17.65
C GLU A 282 12.62 -55.48 17.02
N SER A 283 13.24 -55.59 15.84
CA SER A 283 13.31 -56.84 15.09
C SER A 283 11.95 -57.47 14.74
N GLN A 284 11.02 -56.60 14.29
CA GLN A 284 9.71 -57.00 13.75
C GLN A 284 9.45 -56.39 12.36
N PRO A 285 10.36 -56.64 11.38
CA PRO A 285 10.19 -56.04 10.03
C PRO A 285 9.03 -56.63 9.22
N ALA A 286 8.68 -57.90 9.46
CA ALA A 286 7.59 -58.52 8.68
C ALA A 286 6.26 -57.81 8.97
N ARG A 287 6.10 -57.36 10.18
CA ARG A 287 4.94 -56.63 10.62
C ARG A 287 4.92 -55.17 10.08
N ALA A 288 6.09 -54.51 10.12
CA ALA A 288 6.32 -53.22 9.57
C ALA A 288 5.97 -53.26 8.08
N ALA A 289 6.37 -54.33 7.40
CA ALA A 289 6.13 -54.52 5.96
C ALA A 289 4.64 -54.65 5.64
N SER A 290 3.84 -55.25 6.54
CA SER A 290 2.39 -55.36 6.38
C SER A 290 1.71 -54.00 6.46
N ILE A 291 2.12 -53.17 7.42
CA ILE A 291 1.61 -51.82 7.65
C ILE A 291 1.97 -50.90 6.43
N THR A 292 3.24 -50.99 5.98
CA THR A 292 3.74 -50.23 4.85
C THR A 292 3.04 -50.58 3.55
N ARG A 293 2.83 -51.87 3.27
CA ARG A 293 2.17 -52.34 2.05
C ARG A 293 0.68 -51.92 2.04
N ALA A 294 0.02 -51.96 3.20
CA ALA A 294 -1.36 -51.55 3.35
C ALA A 294 -1.48 -50.01 3.10
N SER A 295 -0.51 -49.23 3.63
CA SER A 295 -0.45 -47.79 3.51
C SER A 295 -0.36 -47.34 2.03
N ARG A 296 0.34 -48.13 1.18
CA ARG A 296 0.48 -47.85 -0.23
C ARG A 296 -0.89 -47.76 -0.95
N ILE A 297 -1.86 -48.56 -0.49
CA ILE A 297 -3.21 -48.56 -1.01
C ILE A 297 -4.15 -47.64 -0.20
N ALA A 298 -4.13 -47.75 1.13
CA ALA A 298 -4.97 -46.97 2.03
C ALA A 298 -4.87 -45.44 1.85
N PHE A 299 -3.63 -44.86 1.82
CA PHE A 299 -3.43 -43.44 1.62
C PHE A 299 -4.10 -42.87 0.34
N PRO A 300 -3.79 -43.36 -0.87
CA PRO A 300 -4.46 -42.83 -2.08
C PRO A 300 -6.01 -43.11 -2.10
N VAL A 301 -6.44 -44.28 -1.59
CA VAL A 301 -7.85 -44.61 -1.55
C VAL A 301 -8.64 -43.71 -0.60
N VAL A 302 -8.21 -43.58 0.66
CA VAL A 302 -8.86 -42.70 1.64
C VAL A 302 -8.81 -41.22 1.13
N PHE A 303 -7.75 -40.82 0.44
CA PHE A 303 -7.64 -39.49 -0.12
C PHE A 303 -8.68 -39.24 -1.22
N LEU A 304 -8.88 -40.23 -2.11
CA LEU A 304 -9.88 -40.15 -3.16
C LEU A 304 -11.31 -40.11 -2.58
N LEU A 305 -11.64 -41.01 -1.65
CA LEU A 305 -12.95 -41.05 -1.02
C LEU A 305 -13.27 -39.77 -0.23
N ALA A 306 -12.31 -39.26 0.54
CA ALA A 306 -12.47 -38.04 1.33
C ALA A 306 -12.74 -36.81 0.40
N ASN A 307 -12.09 -36.78 -0.77
CA ASN A 307 -12.28 -35.73 -1.74
C ASN A 307 -13.65 -35.81 -2.42
N ILE A 308 -14.15 -37.04 -2.68
CA ILE A 308 -15.48 -37.26 -3.23
C ILE A 308 -16.52 -36.74 -2.19
N ILE A 309 -16.36 -37.09 -0.92
CA ILE A 309 -17.23 -36.62 0.15
C ILE A 309 -17.23 -35.08 0.24
N LEU A 310 -16.04 -34.44 0.26
CA LEU A 310 -15.90 -32.99 0.31
C LEU A 310 -16.57 -32.30 -0.90
N ALA A 311 -16.31 -32.79 -2.13
CA ALA A 311 -16.89 -32.25 -3.34
C ALA A 311 -18.45 -32.34 -3.30
N PHE A 312 -18.95 -33.43 -2.74
CA PHE A 312 -20.37 -33.66 -2.59
C PHE A 312 -20.99 -32.67 -1.58
N LEU A 313 -20.35 -32.49 -0.40
CA LEU A 313 -20.84 -31.57 0.62
C LEU A 313 -20.82 -30.10 0.15
N PHE A 314 -19.85 -29.72 -0.67
CA PHE A 314 -19.71 -28.35 -1.14
C PHE A 314 -20.43 -28.02 -2.48
N PHE A 315 -20.67 -29.01 -3.38
CA PHE A 315 -21.22 -28.68 -4.69
C PHE A 315 -22.60 -29.28 -5.05
N VAL B 5 -24.09 28.50 -21.41
CA VAL B 5 -24.03 28.71 -22.89
C VAL B 5 -24.66 27.44 -23.49
N SER B 6 -24.61 27.27 -24.79
CA SER B 6 -25.04 25.99 -25.43
C SER B 6 -24.27 25.89 -26.78
N PRO B 7 -24.41 24.76 -27.51
CA PRO B 7 -23.42 24.56 -28.56
C PRO B 7 -23.57 25.51 -29.75
N PRO B 8 -22.48 25.77 -30.45
CA PRO B 8 -22.58 26.64 -31.64
C PRO B 8 -23.58 26.08 -32.66
N PRO B 9 -24.41 26.95 -33.28
CA PRO B 9 -25.44 26.40 -34.13
C PRO B 9 -24.86 26.10 -35.54
N PRO B 10 -25.44 25.11 -36.23
CA PRO B 10 -24.92 24.71 -37.57
C PRO B 10 -25.17 25.79 -38.65
N ILE B 11 -24.25 26.00 -39.59
CA ILE B 11 -24.57 26.82 -40.78
C ILE B 11 -25.77 26.15 -41.48
N ALA B 12 -25.77 24.85 -41.57
CA ALA B 12 -26.80 24.08 -42.28
C ALA B 12 -26.55 22.58 -42.07
N ASP B 13 -27.17 21.96 -41.05
CA ASP B 13 -27.38 20.51 -40.93
C ASP B 13 -26.12 19.62 -40.62
N GLU B 14 -24.91 20.20 -40.63
CA GLU B 14 -23.66 19.44 -40.40
C GLU B 14 -23.40 19.19 -38.88
N PRO B 15 -22.78 18.06 -38.53
CA PRO B 15 -22.35 17.85 -37.13
C PRO B 15 -21.25 18.82 -36.73
N LEU B 16 -21.09 19.09 -35.43
CA LEU B 16 -19.94 19.90 -35.01
C LEU B 16 -18.66 18.95 -34.92
N THR B 17 -17.62 19.32 -35.65
CA THR B 17 -16.35 18.64 -35.59
C THR B 17 -15.46 19.24 -34.50
N VAL B 18 -15.04 18.38 -33.55
CA VAL B 18 -14.05 18.76 -32.55
C VAL B 18 -12.75 18.06 -32.92
N ASN B 19 -11.76 18.85 -33.31
CA ASN B 19 -10.45 18.27 -33.62
C ASN B 19 -9.69 18.03 -32.30
N THR B 20 -9.06 16.87 -32.22
CA THR B 20 -8.28 16.49 -31.01
C THR B 20 -6.84 16.16 -31.28
N GLY B 21 -6.02 16.24 -30.25
CA GLY B 21 -4.65 15.79 -30.20
C GLY B 21 -4.21 15.46 -28.77
N ILE B 22 -3.34 14.47 -28.64
CA ILE B 22 -2.76 14.10 -27.35
C ILE B 22 -1.23 14.10 -27.52
N TYR B 23 -0.55 14.89 -26.68
CA TYR B 23 0.90 14.90 -26.68
C TYR B 23 1.40 14.39 -25.29
N LEU B 24 2.02 13.21 -25.31
CA LEU B 24 2.50 12.54 -24.08
C LEU B 24 3.74 13.22 -23.51
N ILE B 25 3.65 13.59 -22.23
CA ILE B 25 4.74 14.24 -21.51
C ILE B 25 5.42 13.22 -20.61
N GLU B 26 4.63 12.42 -19.89
CA GLU B 26 5.17 11.30 -19.09
CA GLU B 26 5.17 11.30 -19.09
C GLU B 26 4.25 10.05 -19.18
N CYS B 27 4.88 8.88 -19.22
CA CYS B 27 4.26 7.56 -19.06
C CYS B 27 4.98 6.89 -17.90
N TYR B 28 4.22 6.47 -16.93
CA TYR B 28 4.79 5.77 -15.76
C TYR B 28 3.78 4.76 -15.15
N SER B 29 4.33 3.89 -14.30
CA SER B 29 3.62 2.91 -13.48
C SER B 29 2.70 1.98 -14.29
N LEU B 30 3.26 1.23 -15.26
CA LEU B 30 2.57 0.16 -15.87
C LEU B 30 2.49 -0.97 -14.82
N ASP B 31 1.31 -1.14 -14.24
CA ASP B 31 1.02 -2.14 -13.25
C ASP B 31 0.36 -3.35 -13.94
N ASP B 32 1.13 -4.45 -14.02
CA ASP B 32 0.73 -5.70 -14.69
C ASP B 32 -0.50 -6.35 -14.04
N LYS B 33 -0.50 -6.45 -12.72
CA LYS B 33 -1.60 -7.04 -11.95
C LYS B 33 -2.90 -6.28 -12.12
N ALA B 34 -2.86 -4.95 -11.98
CA ALA B 34 -4.07 -4.11 -12.16
C ALA B 34 -4.44 -3.84 -13.64
N GLU B 35 -3.48 -4.03 -14.55
CA GLU B 35 -3.65 -3.75 -15.99
C GLU B 35 -3.91 -2.27 -16.24
N THR B 36 -3.15 -1.45 -15.54
CA THR B 36 -3.23 0.01 -15.60
C THR B 36 -1.87 0.64 -15.89
N PHE B 37 -1.91 1.91 -16.32
CA PHE B 37 -0.75 2.75 -16.52
C PHE B 37 -1.14 4.20 -16.27
N LYS B 38 -0.20 4.97 -15.78
CA LYS B 38 -0.46 6.38 -15.50
C LYS B 38 0.10 7.22 -16.65
N VAL B 39 -0.62 8.28 -16.97
CA VAL B 39 -0.21 9.17 -18.06
C VAL B 39 -0.34 10.66 -17.66
N ASN B 40 0.59 11.47 -18.14
CA ASN B 40 0.61 12.90 -17.98
C ASN B 40 0.85 13.45 -19.38
N ALA B 41 -0.07 14.27 -19.85
CA ALA B 41 -0.12 14.64 -21.28
C ALA B 41 -0.85 15.93 -21.53
N PHE B 42 -0.62 16.50 -22.73
CA PHE B 42 -1.40 17.62 -23.26
C PHE B 42 -2.60 17.07 -24.02
N LEU B 43 -3.78 17.65 -23.79
CA LEU B 43 -4.94 17.42 -24.64
C LEU B 43 -5.23 18.73 -25.36
N SER B 44 -5.19 18.69 -26.69
CA SER B 44 -5.54 19.87 -27.52
C SER B 44 -6.92 19.67 -28.15
N LEU B 45 -7.75 20.71 -28.15
CA LEU B 45 -9.08 20.67 -28.76
C LEU B 45 -9.25 21.91 -29.70
N SER B 46 -9.91 21.68 -30.83
CA SER B 46 -10.25 22.75 -31.76
C SER B 46 -11.63 22.62 -32.40
N TRP B 47 -12.40 23.69 -32.40
CA TRP B 47 -13.73 23.73 -33.05
C TRP B 47 -14.07 25.22 -33.44
N LYS B 48 -15.07 25.37 -34.30
CA LYS B 48 -15.56 26.67 -34.76
C LYS B 48 -16.80 27.10 -33.95
N ASP B 49 -16.73 28.27 -33.30
CA ASP B 49 -17.89 28.90 -32.70
C ASP B 49 -18.06 30.33 -33.27
N ARG B 50 -18.88 30.47 -34.30
CA ARG B 50 -19.10 31.77 -35.02
C ARG B 50 -19.64 32.88 -34.14
N ARG B 51 -20.35 32.56 -33.06
CA ARG B 51 -20.80 33.53 -32.05
C ARG B 51 -19.66 34.25 -31.36
N LEU B 52 -18.44 33.74 -31.46
CA LEU B 52 -17.24 34.33 -30.88
C LEU B 52 -16.40 35.08 -31.90
N ALA B 53 -16.84 35.12 -33.16
CA ALA B 53 -16.14 35.89 -34.20
C ALA B 53 -16.05 37.37 -33.80
N PHE B 54 -14.96 38.02 -34.24
CA PHE B 54 -14.72 39.39 -33.81
C PHE B 54 -13.85 40.08 -34.84
N ASP B 55 -13.86 41.43 -34.72
CA ASP B 55 -13.07 42.26 -35.64
C ASP B 55 -11.78 42.61 -34.94
N PRO B 56 -10.62 42.30 -35.57
CA PRO B 56 -9.30 42.66 -34.97
C PRO B 56 -9.07 44.19 -34.83
N VAL B 57 -9.31 44.91 -35.93
CA VAL B 57 -9.30 46.43 -35.97
C VAL B 57 -10.15 47.04 -34.83
N ARG B 58 -11.41 46.63 -34.69
CA ARG B 58 -12.28 47.09 -33.58
C ARG B 58 -11.79 46.66 -32.20
N SER B 59 -11.65 45.36 -31.96
CA SER B 59 -11.29 44.84 -30.61
C SER B 59 -9.84 45.20 -30.16
N GLY B 60 -8.97 45.50 -31.13
CA GLY B 60 -7.62 45.97 -30.88
C GLY B 60 -6.62 44.89 -30.57
N VAL B 61 -7.01 43.61 -30.69
CA VAL B 61 -6.13 42.44 -30.50
C VAL B 61 -6.43 41.39 -31.58
N ARG B 62 -5.44 40.64 -32.03
CA ARG B 62 -5.60 39.67 -33.13
C ARG B 62 -6.10 38.30 -32.70
N VAL B 63 -5.98 38.02 -31.39
CA VAL B 63 -6.47 36.80 -30.79
C VAL B 63 -7.02 37.19 -29.45
N LYS B 64 -8.08 36.50 -29.04
CA LYS B 64 -8.60 36.67 -27.70
C LYS B 64 -8.40 35.40 -26.84
N THR B 65 -8.16 35.67 -25.56
CA THR B 65 -7.98 34.69 -24.53
C THR B 65 -9.23 34.65 -23.70
N TYR B 66 -9.74 33.48 -23.37
CA TYR B 66 -10.88 33.34 -22.47
C TYR B 66 -10.56 32.35 -21.37
N GLU B 67 -11.38 32.42 -20.32
CA GLU B 67 -11.47 31.42 -19.27
C GLU B 67 -12.60 30.44 -19.62
N PRO B 68 -12.46 29.18 -19.17
CA PRO B 68 -13.41 28.11 -19.61
C PRO B 68 -14.90 28.37 -19.30
N GLU B 69 -15.16 29.10 -18.22
CA GLU B 69 -16.55 29.40 -17.80
C GLU B 69 -17.19 30.44 -18.71
N ALA B 70 -16.38 31.31 -19.31
CA ALA B 70 -16.90 32.34 -20.22
C ALA B 70 -17.46 31.84 -21.54
N ILE B 71 -17.00 30.69 -22.05
CA ILE B 71 -17.49 30.18 -23.35
C ILE B 71 -18.01 28.72 -23.28
N TRP B 72 -18.61 28.28 -24.41
CA TRP B 72 -19.01 26.89 -24.57
C TRP B 72 -17.76 26.06 -24.90
N ILE B 73 -17.62 24.93 -24.18
CA ILE B 73 -16.54 23.96 -24.36
C ILE B 73 -17.17 22.58 -24.46
N PRO B 74 -16.77 21.76 -25.46
CA PRO B 74 -17.29 20.39 -25.51
C PRO B 74 -16.90 19.56 -24.28
N GLU B 75 -17.84 18.72 -23.81
CA GLU B 75 -17.58 17.82 -22.71
C GLU B 75 -16.87 16.60 -23.28
N ILE B 76 -15.54 16.66 -23.31
CA ILE B 76 -14.71 15.57 -23.76
C ILE B 76 -14.31 14.70 -22.54
N ARG B 77 -14.51 13.39 -22.66
CA ARG B 77 -14.12 12.46 -21.61
C ARG B 77 -13.30 11.31 -22.17
N PHE B 78 -12.64 10.60 -21.22
CA PHE B 78 -11.92 9.38 -21.53
C PHE B 78 -12.84 8.22 -21.14
N VAL B 79 -12.88 7.18 -21.99
CA VAL B 79 -13.67 6.02 -21.68
C VAL B 79 -12.98 5.20 -20.56
N ASN B 80 -11.74 4.77 -20.79
CA ASN B 80 -11.05 3.77 -19.99
C ASN B 80 -10.09 4.35 -18.89
N VAL B 81 -10.64 5.24 -18.07
CA VAL B 81 -9.95 5.81 -16.92
C VAL B 81 -10.64 5.42 -15.61
N GLU B 82 -9.86 5.29 -14.52
CA GLU B 82 -10.43 4.89 -13.23
C GLU B 82 -11.39 5.99 -12.71
N ASN B 83 -10.87 7.19 -12.62
CA ASN B 83 -11.60 8.38 -12.22
C ASN B 83 -11.42 9.41 -13.32
N ALA B 84 -12.27 10.45 -13.34
CA ALA B 84 -12.14 11.54 -14.31
C ALA B 84 -10.70 12.13 -14.19
N ARG B 85 -10.15 12.55 -15.32
CA ARG B 85 -8.78 13.07 -15.36
C ARG B 85 -8.59 14.35 -14.48
N ASP B 86 -7.38 14.52 -13.99
CA ASP B 86 -6.99 15.73 -13.26
C ASP B 86 -6.51 16.65 -14.36
N ALA B 87 -7.31 17.66 -14.71
CA ALA B 87 -6.96 18.62 -15.79
C ALA B 87 -6.80 20.08 -15.34
N ASP B 88 -5.79 20.73 -15.91
CA ASP B 88 -5.55 22.16 -15.75
CA ASP B 88 -5.45 22.13 -15.73
C ASP B 88 -5.46 22.83 -17.14
N VAL B 89 -6.31 23.80 -17.38
CA VAL B 89 -6.35 24.50 -18.66
C VAL B 89 -5.08 25.35 -18.79
N VAL B 90 -4.38 25.22 -19.92
CA VAL B 90 -3.16 25.98 -20.19
C VAL B 90 -3.51 27.24 -21.02
N ASP B 91 -4.34 27.09 -22.06
CA ASP B 91 -4.75 28.19 -22.90
C ASP B 91 -6.07 27.93 -23.63
N ILE B 92 -6.87 28.98 -23.80
CA ILE B 92 -8.00 29.07 -24.72
C ILE B 92 -7.82 30.33 -25.57
N SER B 93 -7.60 30.11 -26.85
CA SER B 93 -7.28 31.16 -27.86
C SER B 93 -8.40 31.16 -28.96
N VAL B 94 -8.96 32.36 -29.19
CA VAL B 94 -10.00 32.50 -30.20
C VAL B 94 -9.51 33.43 -31.33
N SER B 95 -9.55 32.92 -32.56
CA SER B 95 -9.11 33.72 -33.70
C SER B 95 -10.36 34.53 -34.26
N PRO B 96 -10.13 35.55 -35.13
CA PRO B 96 -11.24 36.46 -35.53
C PRO B 96 -12.51 35.78 -36.17
N ASP B 97 -12.33 34.66 -36.84
CA ASP B 97 -13.44 33.92 -37.44
C ASP B 97 -14.18 32.96 -36.44
N GLY B 98 -13.80 33.01 -35.18
CA GLY B 98 -14.36 32.19 -34.13
C GLY B 98 -13.78 30.76 -33.97
N THR B 99 -12.61 30.50 -34.52
CA THR B 99 -11.94 29.21 -34.33
C THR B 99 -11.28 29.19 -32.93
N VAL B 100 -11.77 28.27 -32.09
CA VAL B 100 -11.26 28.11 -30.73
C VAL B 100 -10.09 27.10 -30.73
N GLN B 101 -8.99 27.45 -30.04
CA GLN B 101 -7.87 26.57 -29.77
C GLN B 101 -7.78 26.36 -28.25
N TYR B 102 -8.05 25.14 -27.86
CA TYR B 102 -8.07 24.76 -26.42
C TYR B 102 -6.89 23.86 -26.10
N LEU B 103 -6.20 24.13 -25.00
CA LEU B 103 -5.09 23.30 -24.52
C LEU B 103 -5.13 23.10 -23.02
N GLU B 104 -5.18 21.83 -22.61
CA GLU B 104 -5.06 21.45 -21.21
C GLU B 104 -3.94 20.45 -21.00
N ARG B 105 -3.40 20.48 -19.80
CA ARG B 105 -2.45 19.44 -19.36
C ARG B 105 -3.21 18.57 -18.36
N PHE B 106 -3.17 17.28 -18.57
CA PHE B 106 -3.90 16.35 -17.67
C PHE B 106 -3.02 15.17 -17.22
N SER B 107 -3.46 14.53 -16.16
CA SER B 107 -2.92 13.29 -15.66
C SER B 107 -4.11 12.34 -15.41
N ALA B 108 -3.89 11.06 -15.72
CA ALA B 108 -4.92 10.03 -15.52
C ALA B 108 -4.36 8.64 -15.34
N ARG B 109 -5.14 7.80 -14.65
CA ARG B 109 -4.84 6.39 -14.51
C ARG B 109 -5.74 5.67 -15.53
N VAL B 110 -5.12 5.01 -16.50
CA VAL B 110 -5.81 4.34 -17.59
C VAL B 110 -5.90 2.82 -17.46
N LEU B 111 -7.10 2.26 -17.66
CA LEU B 111 -7.36 0.81 -17.68
C LEU B 111 -7.13 0.34 -19.11
N SER B 112 -6.22 -0.58 -19.30
CA SER B 112 -6.04 -1.17 -20.63
C SER B 112 -5.59 -2.62 -20.51
N PRO B 113 -6.40 -3.53 -21.05
CA PRO B 113 -6.08 -5.00 -20.93
C PRO B 113 -4.77 -5.43 -21.56
N LEU B 114 -4.07 -6.33 -20.92
CA LEU B 114 -2.77 -6.82 -21.36
C LEU B 114 -2.85 -8.33 -21.67
N ASP B 115 -2.17 -8.74 -22.74
CA ASP B 115 -2.11 -10.14 -23.14
C ASP B 115 -0.79 -10.76 -22.65
N PHE B 116 -0.89 -11.61 -21.62
CA PHE B 116 0.33 -12.19 -20.99
C PHE B 116 0.82 -13.54 -21.57
N ARG B 117 0.19 -14.02 -22.64
CA ARG B 117 0.53 -15.30 -23.30
C ARG B 117 2.04 -15.54 -23.50
N ARG B 118 2.75 -14.52 -23.93
CA ARG B 118 4.21 -14.63 -24.22
C ARG B 118 5.12 -13.97 -23.19
N TYR B 119 4.59 -13.66 -21.99
CA TYR B 119 5.35 -13.11 -20.86
C TYR B 119 6.60 -13.99 -20.51
N PRO B 120 7.80 -13.41 -20.27
CA PRO B 120 8.09 -11.98 -20.26
C PRO B 120 8.62 -11.40 -21.60
N PHE B 121 8.34 -12.10 -22.71
CA PHE B 121 8.77 -11.68 -24.07
C PHE B 121 7.56 -11.12 -24.84
N ASP B 122 6.68 -10.42 -24.14
CA ASP B 122 5.43 -9.89 -24.67
C ASP B 122 5.52 -8.43 -25.12
N SER B 123 4.61 -8.10 -26.04
CA SER B 123 4.38 -6.74 -26.55
C SER B 123 2.93 -6.37 -26.30
N GLN B 124 2.66 -5.10 -26.15
CA GLN B 124 1.29 -4.67 -25.85
C GLN B 124 0.91 -3.45 -26.68
N THR B 125 -0.41 -3.28 -26.86
CA THR B 125 -1.00 -2.09 -27.47
C THR B 125 -1.88 -1.47 -26.41
N LEU B 126 -1.39 -0.43 -25.78
CA LEU B 126 -2.22 0.31 -24.80
C LEU B 126 -3.15 1.28 -25.53
N HIS B 127 -4.35 1.44 -25.02
CA HIS B 127 -5.36 2.33 -25.59
C HIS B 127 -5.74 3.48 -24.66
N ILE B 128 -5.93 4.67 -25.22
CA ILE B 128 -6.58 5.79 -24.59
C ILE B 128 -7.76 6.17 -25.48
N TYR B 129 -8.97 5.89 -25.02
CA TYR B 129 -10.21 6.22 -25.74
C TYR B 129 -10.79 7.58 -25.40
N LEU B 130 -10.79 8.48 -26.37
CA LEU B 130 -11.43 9.82 -26.26
C LEU B 130 -12.87 9.74 -26.71
N ILE B 131 -13.76 10.39 -25.98
CA ILE B 131 -15.18 10.37 -26.28
C ILE B 131 -15.96 11.66 -26.04
N VAL B 132 -17.00 11.87 -26.88
CA VAL B 132 -17.96 12.96 -26.73
C VAL B 132 -19.37 12.51 -27.01
N ARG B 133 -20.30 12.97 -26.21
CA ARG B 133 -21.72 12.65 -26.33
C ARG B 133 -22.44 13.84 -27.01
N SER B 134 -23.29 13.52 -27.98
CA SER B 134 -24.07 14.52 -28.75
C SER B 134 -25.18 15.10 -27.82
N VAL B 135 -25.58 16.31 -28.15
CA VAL B 135 -26.63 17.05 -27.41
C VAL B 135 -27.91 17.14 -28.27
N ASP B 136 -29.00 17.59 -27.67
CA ASP B 136 -30.34 17.58 -28.35
C ASP B 136 -30.34 18.51 -29.58
N THR B 137 -29.61 19.59 -29.45
CA THR B 137 -29.59 20.67 -30.34
C THR B 137 -28.55 20.34 -31.48
N ARG B 138 -27.64 19.36 -31.32
CA ARG B 138 -26.53 19.16 -32.27
C ARG B 138 -25.78 17.83 -32.12
N ASN B 139 -25.40 17.17 -33.22
CA ASN B 139 -24.52 16.04 -33.21
C ASN B 139 -23.04 16.46 -33.17
N ILE B 140 -22.26 15.89 -32.21
CA ILE B 140 -20.87 16.27 -32.09
C ILE B 140 -20.00 15.07 -32.42
N VAL B 141 -18.97 15.34 -33.17
CA VAL B 141 -18.15 14.23 -33.80
C VAL B 141 -16.69 14.63 -33.61
N LEU B 142 -15.83 13.62 -33.37
CA LEU B 142 -14.41 13.88 -33.09
C LEU B 142 -13.54 13.60 -34.31
N ALA B 143 -12.43 14.34 -34.42
CA ALA B 143 -11.41 14.05 -35.41
C ALA B 143 -10.01 14.23 -34.78
N VAL B 144 -9.01 13.69 -35.50
CA VAL B 144 -7.62 13.77 -35.15
C VAL B 144 -6.86 14.83 -35.95
N ASP B 145 -6.21 15.78 -35.27
CA ASP B 145 -5.23 16.65 -35.88
C ASP B 145 -3.87 15.99 -35.62
N LEU B 146 -3.38 15.29 -36.64
CA LEU B 146 -2.10 14.56 -36.63
C LEU B 146 -0.88 15.40 -36.27
N GLU B 147 -0.93 16.70 -36.56
CA GLU B 147 0.16 17.62 -36.18
C GLU B 147 0.21 17.86 -34.67
N LYS B 148 -0.86 17.53 -33.97
CA LYS B 148 -0.95 17.68 -32.50
C LYS B 148 -0.97 16.33 -31.71
N VAL B 149 -0.55 15.25 -32.37
CA VAL B 149 -0.38 13.93 -31.81
C VAL B 149 1.11 13.63 -31.75
N GLY B 150 1.59 13.26 -30.57
CA GLY B 150 3.00 12.92 -30.40
C GLY B 150 3.35 12.59 -28.97
N LYS B 151 4.68 12.54 -28.75
CA LYS B 151 5.25 12.25 -27.42
C LYS B 151 6.62 12.89 -27.26
N ASN B 152 6.95 13.31 -26.04
CA ASN B 152 8.27 13.86 -25.81
C ASN B 152 9.33 12.69 -25.86
N ASP B 153 10.53 13.03 -26.35
CA ASP B 153 11.59 12.04 -26.65
C ASP B 153 12.11 11.34 -25.40
N ASP B 154 12.12 12.04 -24.29
CA ASP B 154 12.41 11.49 -22.94
C ASP B 154 11.36 10.58 -22.26
N VAL B 155 10.10 10.51 -22.76
CA VAL B 155 9.08 9.58 -22.20
C VAL B 155 9.73 8.19 -22.11
N PHE B 156 9.81 7.67 -20.90
CA PHE B 156 10.34 6.34 -20.58
C PHE B 156 9.29 5.63 -19.72
N LEU B 157 9.07 4.36 -20.00
CA LEU B 157 8.16 3.54 -19.22
C LEU B 157 9.03 2.43 -18.63
N THR B 158 9.36 2.54 -17.33
CA THR B 158 10.38 1.65 -16.72
C THR B 158 9.96 0.16 -16.90
N GLY B 159 10.90 -0.60 -17.42
CA GLY B 159 10.71 -2.01 -17.74
C GLY B 159 10.16 -2.29 -19.14
N TRP B 160 9.94 -1.21 -19.92
CA TRP B 160 9.38 -1.28 -21.27
C TRP B 160 10.12 -0.40 -22.28
N ASP B 161 10.05 -0.79 -23.55
CA ASP B 161 10.47 0.00 -24.70
C ASP B 161 9.20 0.57 -25.36
N ILE B 162 9.20 1.85 -25.63
CA ILE B 162 8.09 2.51 -26.32
C ILE B 162 8.35 2.50 -27.83
N GLU B 163 7.49 1.85 -28.59
CA GLU B 163 7.61 1.80 -30.06
C GLU B 163 6.96 2.97 -30.80
N SER B 164 5.67 3.21 -30.58
CA SER B 164 4.95 4.29 -31.25
C SER B 164 3.70 4.73 -30.48
N PHE B 165 3.29 5.96 -30.78
CA PHE B 165 2.08 6.58 -30.26
C PHE B 165 1.36 7.17 -31.47
N THR B 166 0.31 6.51 -31.89
CA THR B 166 -0.51 6.96 -33.02
C THR B 166 -1.99 6.94 -32.67
N ALA B 167 -2.82 7.55 -33.53
CA ALA B 167 -4.28 7.57 -33.37
C ALA B 167 -4.95 6.94 -34.60
N VAL B 168 -6.00 6.18 -34.37
CA VAL B 168 -6.87 5.69 -35.43
C VAL B 168 -7.74 6.91 -35.79
N VAL B 169 -7.45 7.49 -36.95
CA VAL B 169 -8.04 8.77 -37.44
C VAL B 169 -9.57 8.75 -37.63
N LYS B 170 -10.17 7.59 -37.94
CA LYS B 170 -11.61 7.48 -38.06
C LYS B 170 -12.26 7.16 -36.74
N PRO B 171 -13.21 7.99 -36.31
CA PRO B 171 -13.87 7.71 -35.02
C PRO B 171 -14.85 6.55 -35.08
N ALA B 172 -15.20 5.99 -33.93
CA ALA B 172 -16.26 5.02 -33.86
C ALA B 172 -17.50 5.79 -33.40
N ASN B 173 -18.39 6.09 -34.35
CA ASN B 173 -19.67 6.78 -34.11
C ASN B 173 -20.76 5.74 -33.85
N PHE B 174 -21.45 5.86 -32.72
CA PHE B 174 -22.47 4.87 -32.34
C PHE B 174 -23.48 5.44 -31.37
N ALA B 175 -24.61 4.74 -31.23
CA ALA B 175 -25.72 5.16 -30.38
C ALA B 175 -25.60 4.49 -29.01
N LEU B 176 -25.75 5.28 -27.97
CA LEU B 176 -25.78 4.82 -26.59
C LEU B 176 -26.78 5.65 -25.84
N GLU B 177 -27.86 4.99 -25.39
CA GLU B 177 -28.96 5.60 -24.62
C GLU B 177 -29.62 6.74 -25.41
N ASP B 178 -30.03 6.45 -26.65
CA ASP B 178 -30.67 7.43 -27.54
C ASP B 178 -29.88 8.67 -27.90
N ARG B 179 -28.56 8.70 -27.74
CA ARG B 179 -27.73 9.76 -28.30
C ARG B 179 -26.52 9.22 -29.02
N LEU B 180 -26.03 10.00 -29.95
CA LEU B 180 -24.81 9.70 -30.68
C LEU B 180 -23.60 9.91 -29.75
N GLU B 181 -22.65 9.05 -29.91
CA GLU B 181 -21.38 9.09 -29.18
C GLU B 181 -20.24 8.92 -30.20
N SER B 182 -19.23 9.76 -30.13
CA SER B 182 -18.11 9.77 -31.07
C SER B 182 -16.80 9.42 -30.32
N LYS B 183 -16.21 8.29 -30.67
CA LYS B 183 -15.07 7.72 -29.94
C LYS B 183 -13.78 7.57 -30.75
N LEU B 184 -12.65 8.11 -30.25
CA LEU B 184 -11.34 7.96 -30.89
C LEU B 184 -10.41 7.04 -30.12
N ASP B 185 -9.57 6.29 -30.84
CA ASP B 185 -8.65 5.29 -30.29
C ASP B 185 -7.17 5.73 -30.46
N TYR B 186 -6.57 6.23 -29.37
CA TYR B 186 -5.16 6.58 -29.34
C TYR B 186 -4.37 5.35 -28.82
N GLN B 187 -3.40 4.93 -29.58
CA GLN B 187 -2.67 3.66 -29.38
C GLN B 187 -1.20 3.83 -29.06
N LEU B 188 -0.79 3.31 -27.90
CA LEU B 188 0.60 3.37 -27.43
C LEU B 188 1.18 1.94 -27.47
N ARG B 189 2.04 1.71 -28.44
CA ARG B 189 2.65 0.36 -28.70
C ARG B 189 3.94 0.23 -27.89
N ILE B 190 3.98 -0.81 -27.08
CA ILE B 190 5.16 -1.05 -26.20
C ILE B 190 5.60 -2.52 -26.22
N SER B 191 6.87 -2.75 -25.87
CA SER B 191 7.41 -4.11 -25.78
C SER B 191 8.24 -4.23 -24.52
N ARG B 192 8.03 -5.35 -23.83
CA ARG B 192 8.69 -5.62 -22.54
C ARG B 192 10.18 -5.85 -22.67
N GLN B 193 10.93 -5.25 -21.74
CA GLN B 193 12.38 -5.45 -21.60
C GLN B 193 12.52 -6.73 -20.78
N TYR B 194 12.73 -7.83 -21.51
CA TYR B 194 12.84 -9.18 -20.93
C TYR B 194 14.22 -9.45 -20.23
N PHE B 195 15.21 -8.59 -20.50
CA PHE B 195 16.59 -8.78 -20.05
C PHE B 195 16.75 -9.34 -18.63
N SER B 196 16.28 -8.61 -17.60
CA SER B 196 16.49 -8.94 -16.21
C SER B 196 15.86 -10.29 -15.77
N TYR B 197 14.84 -10.77 -16.51
CA TYR B 197 14.21 -12.05 -16.21
C TYR B 197 15.20 -13.25 -16.36
N ILE B 198 16.19 -13.08 -17.25
CA ILE B 198 17.19 -14.08 -17.52
C ILE B 198 18.12 -14.36 -16.32
N PRO B 199 18.90 -13.39 -15.80
CA PRO B 199 19.76 -13.61 -14.62
C PRO B 199 18.98 -13.78 -13.30
N ASN B 200 17.81 -13.20 -13.20
CA ASN B 200 17.01 -13.23 -11.95
C ASN B 200 16.01 -14.38 -11.73
N ILE B 201 15.41 -14.92 -12.79
CA ILE B 201 14.44 -15.96 -12.67
C ILE B 201 14.78 -17.19 -13.53
N ILE B 202 14.97 -17.01 -14.83
CA ILE B 202 15.14 -18.12 -15.76
C ILE B 202 16.41 -18.98 -15.50
N LEU B 203 17.60 -18.36 -15.43
CA LEU B 203 18.82 -19.07 -15.19
C LEU B 203 18.86 -19.71 -13.78
N PRO B 204 18.52 -18.98 -12.67
CA PRO B 204 18.49 -19.61 -11.36
C PRO B 204 17.59 -20.84 -11.32
N MET B 205 16.44 -20.77 -12.00
CA MET B 205 15.48 -21.88 -12.07
C MET B 205 16.05 -23.09 -12.84
N LEU B 206 16.84 -22.83 -13.88
CA LEU B 206 17.52 -23.88 -14.64
C LEU B 206 18.67 -24.52 -13.84
N PHE B 207 19.44 -23.70 -13.11
CA PHE B 207 20.54 -24.17 -12.28
C PHE B 207 20.09 -25.15 -11.22
N ILE B 208 19.01 -24.82 -10.47
CA ILE B 208 18.50 -25.72 -9.43
C ILE B 208 17.96 -27.03 -10.01
N LEU B 209 17.33 -26.96 -11.20
CA LEU B 209 16.81 -28.13 -11.90
C LEU B 209 17.98 -29.06 -12.30
N PHE B 210 19.05 -28.50 -12.88
CA PHE B 210 20.22 -29.24 -13.28
C PHE B 210 20.96 -29.85 -12.05
N ILE B 211 20.90 -29.16 -10.90
CA ILE B 211 21.46 -29.63 -9.65
C ILE B 211 20.70 -30.89 -9.18
N SER B 212 19.37 -30.90 -9.34
CA SER B 212 18.57 -32.07 -9.00
C SER B 212 18.99 -33.30 -9.81
N TRP B 213 19.46 -33.09 -11.05
CA TRP B 213 19.85 -34.17 -11.96
C TRP B 213 21.22 -34.83 -11.61
N THR B 214 21.96 -34.26 -10.63
CA THR B 214 23.16 -34.87 -10.12
C THR B 214 22.84 -36.20 -9.37
N ALA B 215 21.59 -36.38 -8.94
CA ALA B 215 21.08 -37.56 -8.31
C ALA B 215 21.21 -38.80 -9.21
N PHE B 216 21.31 -38.57 -10.52
CA PHE B 216 21.48 -39.64 -11.52
C PHE B 216 22.95 -40.17 -11.58
N TRP B 217 23.84 -39.59 -10.78
CA TRP B 217 25.23 -39.99 -10.65
C TRP B 217 25.52 -40.36 -9.18
N SER B 218 24.47 -40.68 -8.44
CA SER B 218 24.55 -41.04 -7.03
C SER B 218 23.66 -42.23 -6.68
N THR B 219 24.23 -43.14 -5.87
CA THR B 219 23.59 -44.34 -5.33
C THR B 219 23.11 -44.07 -3.90
N SER B 220 23.47 -42.93 -3.29
CA SER B 220 22.99 -42.59 -1.96
C SER B 220 21.54 -42.05 -2.03
N TYR B 221 20.59 -42.86 -1.62
CA TYR B 221 19.16 -42.51 -1.53
C TYR B 221 18.87 -41.27 -0.66
N GLU B 222 19.50 -41.22 0.52
CA GLU B 222 19.35 -40.18 1.52
C GLU B 222 19.79 -38.81 0.91
N ALA B 223 20.92 -38.82 0.17
CA ALA B 223 21.47 -37.65 -0.48
C ALA B 223 20.61 -37.23 -1.69
N ASN B 224 20.11 -38.22 -2.41
CA ASN B 224 19.22 -38.04 -3.58
C ASN B 224 17.90 -37.37 -3.16
N VAL B 225 17.28 -37.84 -2.09
CA VAL B 225 16.05 -37.31 -1.56
C VAL B 225 16.30 -35.81 -1.16
N THR B 226 17.44 -35.53 -0.53
CA THR B 226 17.83 -34.19 -0.16
C THR B 226 18.03 -33.30 -1.39
N LEU B 227 18.67 -33.82 -2.44
CA LEU B 227 18.91 -33.09 -3.68
C LEU B 227 17.61 -32.71 -4.40
N VAL B 228 16.70 -33.67 -4.62
CA VAL B 228 15.49 -33.48 -5.38
C VAL B 228 14.40 -32.66 -4.60
N VAL B 229 14.22 -32.95 -3.31
CA VAL B 229 13.26 -32.27 -2.50
C VAL B 229 13.64 -30.79 -2.20
N SER B 230 14.90 -30.53 -1.89
CA SER B 230 15.38 -29.18 -1.62
C SER B 230 15.27 -28.25 -2.84
N THR B 231 15.66 -28.75 -4.02
CA THR B 231 15.59 -28.01 -5.26
C THR B 231 14.12 -27.77 -5.68
N LEU B 232 13.22 -28.74 -5.38
CA LEU B 232 11.81 -28.61 -5.66
C LEU B 232 11.22 -27.42 -4.85
N ILE B 233 11.60 -27.31 -3.57
CA ILE B 233 11.17 -26.27 -2.70
C ILE B 233 11.62 -24.89 -3.22
N ALA B 234 12.89 -24.81 -3.71
CA ALA B 234 13.43 -23.62 -4.32
C ALA B 234 12.63 -23.26 -5.60
N HIS B 235 12.18 -24.29 -6.36
CA HIS B 235 11.37 -24.13 -7.54
C HIS B 235 9.99 -23.54 -7.20
N ILE B 236 9.42 -24.02 -6.08
CA ILE B 236 8.14 -23.54 -5.55
C ILE B 236 8.27 -22.02 -5.24
N ALA B 237 9.36 -21.63 -4.60
CA ALA B 237 9.68 -20.25 -4.26
C ALA B 237 9.70 -19.34 -5.50
N PHE B 238 10.33 -19.81 -6.58
CA PHE B 238 10.36 -19.07 -7.86
C PHE B 238 8.97 -19.01 -8.50
N ASN B 239 8.19 -20.10 -8.43
CA ASN B 239 6.82 -20.15 -8.93
C ASN B 239 5.98 -19.06 -8.20
N ILE B 240 6.06 -19.02 -6.85
CA ILE B 240 5.37 -18.05 -6.06
C ILE B 240 5.80 -16.62 -6.40
N LEU B 241 7.13 -16.38 -6.52
CA LEU B 241 7.69 -15.08 -6.89
C LEU B 241 7.12 -14.59 -8.24
N VAL B 242 7.11 -15.45 -9.24
CA VAL B 242 6.63 -15.11 -10.56
C VAL B 242 5.11 -14.76 -10.53
N GLU B 243 4.27 -15.57 -9.85
CA GLU B 243 2.86 -15.36 -9.82
C GLU B 243 2.41 -14.09 -9.01
N THR B 244 3.30 -13.55 -8.17
CA THR B 244 3.04 -12.29 -7.47
C THR B 244 3.19 -11.08 -8.36
N ASN B 245 3.91 -11.20 -9.46
CA ASN B 245 4.15 -10.16 -10.44
C ASN B 245 3.07 -10.16 -11.50
N LEU B 246 2.25 -11.17 -11.51
CA LEU B 246 1.24 -11.35 -12.55
C LEU B 246 -0.19 -11.51 -12.06
N PRO B 247 -1.18 -11.01 -12.85
CA PRO B 247 -2.58 -11.31 -12.54
C PRO B 247 -2.90 -12.80 -12.83
N LYS B 248 -4.04 -13.25 -12.35
CA LYS B 248 -4.53 -14.57 -12.67
C LYS B 248 -5.13 -14.49 -14.08
N THR B 249 -4.69 -15.39 -14.97
CA THR B 249 -5.16 -15.43 -16.35
C THR B 249 -6.00 -16.67 -16.68
N PRO B 250 -7.02 -16.56 -17.56
CA PRO B 250 -7.78 -17.77 -17.91
C PRO B 250 -7.09 -18.60 -19.00
N TYR B 251 -5.77 -18.43 -19.14
CA TYR B 251 -4.92 -19.10 -20.12
C TYR B 251 -3.53 -19.28 -19.53
N MET B 252 -2.70 -20.13 -20.17
CA MET B 252 -1.32 -20.34 -19.73
C MET B 252 -0.42 -19.26 -20.34
N THR B 253 0.48 -18.71 -19.56
CA THR B 253 1.54 -17.85 -20.05
C THR B 253 2.74 -18.76 -20.39
N TYR B 254 3.66 -18.25 -21.21
CA TYR B 254 4.84 -19.00 -21.64
C TYR B 254 5.70 -19.41 -20.43
N THR B 255 5.97 -18.48 -19.52
CA THR B 255 6.72 -18.71 -18.27
C THR B 255 5.98 -19.69 -17.36
N GLY B 256 4.66 -19.49 -17.22
CA GLY B 256 3.80 -20.35 -16.45
C GLY B 256 3.84 -21.80 -16.91
N ALA B 257 3.88 -22.01 -18.22
CA ALA B 257 3.95 -23.32 -18.87
C ALA B 257 5.28 -24.02 -18.59
N ILE B 258 6.41 -23.32 -18.66
CA ILE B 258 7.72 -23.82 -18.32
C ILE B 258 7.79 -24.17 -16.84
N ILE B 259 7.36 -23.25 -15.98
CA ILE B 259 7.31 -23.46 -14.53
C ILE B 259 6.51 -24.71 -14.17
N PHE B 260 5.31 -24.85 -14.76
CA PHE B 260 4.43 -25.99 -14.53
C PHE B 260 5.09 -27.31 -15.01
N MET B 261 5.69 -27.30 -16.19
CA MET B 261 6.32 -28.43 -16.80
C MET B 261 7.47 -28.95 -15.90
N ILE B 262 8.28 -28.03 -15.35
CA ILE B 262 9.39 -28.37 -14.50
C ILE B 262 8.97 -29.20 -13.27
N TYR B 263 7.75 -29.00 -12.75
CA TYR B 263 7.19 -29.80 -11.65
C TYR B 263 7.12 -31.29 -12.03
N LEU B 264 6.71 -31.56 -13.27
CA LEU B 264 6.59 -32.93 -13.79
C LEU B 264 8.00 -33.60 -13.82
N PHE B 265 9.04 -32.83 -14.21
CA PHE B 265 10.41 -33.28 -14.17
C PHE B 265 10.91 -33.60 -12.76
N TYR B 266 10.50 -32.81 -11.76
CA TYR B 266 10.83 -33.06 -10.36
C TYR B 266 10.11 -34.32 -9.88
N PHE B 267 8.83 -34.46 -10.27
CA PHE B 267 8.01 -35.59 -9.89
C PHE B 267 8.58 -36.92 -10.43
N VAL B 268 8.93 -36.96 -11.72
CA VAL B 268 9.50 -38.14 -12.35
C VAL B 268 10.91 -38.47 -11.74
N ALA B 269 11.69 -37.43 -11.42
CA ALA B 269 12.99 -37.58 -10.77
C ALA B 269 12.87 -38.26 -9.38
N VAL B 270 11.83 -37.90 -8.62
CA VAL B 270 11.54 -38.55 -7.32
C VAL B 270 11.20 -40.06 -7.55
N ILE B 271 10.37 -40.36 -8.58
CA ILE B 271 10.01 -41.71 -8.93
C ILE B 271 11.30 -42.53 -9.25
N GLU B 272 12.18 -42.00 -10.10
CA GLU B 272 13.43 -42.61 -10.46
C GLU B 272 14.31 -42.90 -9.22
N VAL B 273 14.46 -41.90 -8.35
CA VAL B 273 15.24 -42.00 -7.13
C VAL B 273 14.63 -43.10 -6.18
N THR B 274 13.30 -43.21 -6.14
CA THR B 274 12.57 -44.17 -5.36
C THR B 274 12.77 -45.61 -5.96
N VAL B 275 12.58 -45.75 -7.28
CA VAL B 275 12.74 -46.98 -8.01
C VAL B 275 14.18 -47.51 -7.87
N GLN B 276 15.19 -46.62 -8.02
CA GLN B 276 16.58 -46.94 -7.85
C GLN B 276 16.84 -47.58 -6.47
N HIS B 277 16.42 -46.89 -5.39
CA HIS B 277 16.60 -47.36 -4.03
C HIS B 277 15.89 -48.74 -3.78
N TYR B 278 14.63 -48.85 -4.22
CA TYR B 278 13.83 -50.04 -4.07
C TYR B 278 14.52 -51.31 -4.68
N LEU B 279 15.06 -51.18 -5.90
CA LEU B 279 15.77 -52.23 -6.59
C LEU B 279 17.06 -52.64 -5.89
N LYS B 280 17.81 -51.65 -5.39
CA LYS B 280 19.06 -51.91 -4.67
CA LYS B 280 19.06 -51.91 -4.66
C LYS B 280 18.79 -52.69 -3.38
N VAL B 281 17.74 -52.33 -2.66
CA VAL B 281 17.37 -53.00 -1.42
C VAL B 281 16.89 -54.44 -1.70
N GLU B 282 16.29 -54.66 -2.88
CA GLU B 282 15.80 -55.94 -3.38
C GLU B 282 16.93 -56.78 -4.03
N SER B 283 18.18 -56.32 -3.93
CA SER B 283 19.33 -56.95 -4.58
C SER B 283 19.23 -57.07 -6.10
N GLN B 284 18.76 -55.98 -6.74
CA GLN B 284 18.75 -55.82 -8.20
C GLN B 284 19.43 -54.52 -8.65
N PRO B 285 20.72 -54.32 -8.27
CA PRO B 285 21.43 -53.05 -8.61
C PRO B 285 21.74 -52.92 -10.12
N ALA B 286 21.96 -54.05 -10.82
CA ALA B 286 22.28 -54.02 -12.24
C ALA B 286 21.17 -53.37 -13.05
N ARG B 287 19.96 -53.60 -12.62
CA ARG B 287 18.78 -53.08 -13.20
C ARG B 287 18.56 -51.59 -12.87
N ALA B 288 18.78 -51.23 -11.59
CA ALA B 288 18.75 -49.90 -11.10
C ALA B 288 19.74 -49.06 -11.90
N ALA B 289 20.92 -49.63 -12.18
CA ALA B 289 21.99 -48.98 -12.92
C ALA B 289 21.59 -48.68 -14.36
N SER B 290 20.79 -49.56 -14.99
CA SER B 290 20.28 -49.34 -16.34
C SER B 290 19.31 -48.17 -16.42
N ILE B 291 18.40 -48.08 -15.44
CA ILE B 291 17.40 -47.02 -15.31
C ILE B 291 18.10 -45.65 -15.05
N THR B 292 19.09 -45.66 -14.12
CA THR B 292 19.86 -44.48 -13.77
C THR B 292 20.67 -43.95 -14.93
N ARG B 293 21.36 -44.84 -15.67
CA ARG B 293 22.19 -44.44 -16.82
C ARG B 293 21.33 -43.87 -17.97
N ALA B 294 20.14 -44.46 -18.19
CA ALA B 294 19.21 -44.00 -19.20
C ALA B 294 18.67 -42.59 -18.81
N SER B 295 18.37 -42.38 -17.52
CA SER B 295 17.86 -41.13 -16.96
C SER B 295 18.84 -39.97 -17.19
N ARG B 296 20.16 -40.24 -17.15
CA ARG B 296 21.21 -39.25 -17.38
C ARG B 296 21.06 -38.58 -18.77
N ILE B 297 20.60 -39.36 -19.75
CA ILE B 297 20.37 -38.86 -21.11
C ILE B 297 18.91 -38.43 -21.32
N ALA B 298 17.94 -39.27 -20.93
CA ALA B 298 16.53 -39.01 -21.08
C ALA B 298 16.04 -37.66 -20.47
N PHE B 299 16.40 -37.36 -19.19
CA PHE B 299 16.02 -36.11 -18.57
C PHE B 299 16.44 -34.84 -19.35
N PRO B 300 17.72 -34.60 -19.65
CA PRO B 300 18.09 -33.39 -20.43
C PRO B 300 17.52 -33.40 -21.88
N VAL B 301 17.42 -34.58 -22.53
CA VAL B 301 16.88 -34.69 -23.86
C VAL B 301 15.38 -34.35 -23.92
N VAL B 302 14.58 -35.00 -23.08
CA VAL B 302 13.13 -34.74 -23.00
C VAL B 302 12.89 -33.25 -22.58
N PHE B 303 13.76 -32.69 -21.72
CA PHE B 303 13.65 -31.30 -21.31
C PHE B 303 13.90 -30.35 -22.47
N LEU B 304 14.90 -30.63 -23.31
CA LEU B 304 15.21 -29.84 -24.48
C LEU B 304 14.07 -29.92 -25.54
N LEU B 305 13.60 -31.13 -25.85
CA LEU B 305 12.51 -31.33 -26.81
C LEU B 305 11.21 -30.66 -26.36
N ALA B 306 10.84 -30.83 -25.08
CA ALA B 306 9.62 -30.23 -24.53
C ALA B 306 9.67 -28.67 -24.59
N ASN B 307 10.86 -28.09 -24.40
CA ASN B 307 11.06 -26.67 -24.49
C ASN B 307 10.98 -26.15 -25.94
N ILE B 308 11.48 -26.95 -26.91
CA ILE B 308 11.38 -26.64 -28.32
C ILE B 308 9.86 -26.65 -28.72
N ILE B 309 9.12 -27.66 -28.29
CA ILE B 309 7.69 -27.73 -28.53
C ILE B 309 6.94 -26.53 -27.94
N LEU B 310 7.20 -26.18 -26.65
CA LEU B 310 6.60 -25.03 -25.99
C LEU B 310 6.91 -23.70 -26.70
N ALA B 311 8.19 -23.45 -27.05
CA ALA B 311 8.60 -22.27 -27.75
C ALA B 311 7.88 -22.14 -29.13
N PHE B 312 7.70 -23.27 -29.79
CA PHE B 312 7.01 -23.34 -31.07
C PHE B 312 5.51 -23.01 -30.91
N LEU B 313 4.83 -23.60 -29.91
CA LEU B 313 3.42 -23.35 -29.67
C LEU B 313 3.14 -21.89 -29.26
N PHE B 314 4.05 -21.26 -28.54
CA PHE B 314 3.88 -19.89 -28.07
C PHE B 314 4.42 -18.78 -29.01
N PHE B 315 5.42 -19.06 -29.86
CA PHE B 315 6.02 -17.98 -30.65
C PHE B 315 5.89 -18.06 -32.20
N VAL C 5 -6.63 39.40 -16.98
CA VAL C 5 -5.60 40.40 -17.43
C VAL C 5 -4.94 39.72 -18.65
N SER C 6 -3.81 40.22 -19.15
CA SER C 6 -3.07 39.56 -20.23
C SER C 6 -1.59 40.00 -20.13
N PRO C 7 -0.70 39.44 -20.97
CA PRO C 7 0.72 39.62 -20.59
C PRO C 7 1.23 41.04 -20.77
N PRO C 8 2.24 41.43 -20.01
CA PRO C 8 2.81 42.77 -20.23
C PRO C 8 3.30 42.95 -21.66
N PRO C 9 3.06 44.14 -22.27
CA PRO C 9 3.43 44.25 -23.68
C PRO C 9 4.92 44.61 -23.79
N PRO C 10 5.57 44.19 -24.88
CA PRO C 10 7.03 44.49 -25.05
C PRO C 10 7.29 45.99 -25.28
N ILE C 11 8.40 46.56 -24.76
CA ILE C 11 8.83 47.90 -25.19
C ILE C 11 9.03 47.87 -26.71
N ALA C 12 9.61 46.77 -27.24
CA ALA C 12 9.86 46.64 -28.66
C ALA C 12 9.40 45.28 -29.24
N ASP C 13 10.35 44.37 -29.36
CA ASP C 13 10.10 42.96 -29.75
C ASP C 13 10.93 41.89 -28.95
N GLU C 14 11.30 42.26 -27.71
CA GLU C 14 12.02 41.36 -26.79
C GLU C 14 11.06 40.34 -26.11
N PRO C 15 11.55 39.11 -25.85
CA PRO C 15 10.76 38.15 -25.09
C PRO C 15 10.57 38.62 -23.65
N LEU C 16 9.53 38.15 -22.95
CA LEU C 16 9.45 38.42 -21.51
C LEU C 16 10.39 37.39 -20.77
N THR C 17 11.33 37.92 -19.99
CA THR C 17 12.19 37.13 -19.13
C THR C 17 11.52 36.93 -17.76
N VAL C 18 11.33 35.66 -17.40
CA VAL C 18 10.83 35.29 -16.08
C VAL C 18 12.02 34.68 -15.32
N ASN C 19 12.46 35.39 -14.31
CA ASN C 19 13.56 34.88 -13.46
C ASN C 19 12.99 33.89 -12.46
N THR C 20 13.68 32.77 -12.31
CA THR C 20 13.21 31.69 -11.40
C THR C 20 14.23 31.34 -10.33
N GLY C 21 13.74 30.73 -9.26
CA GLY C 21 14.51 30.11 -8.22
C GLY C 21 13.73 29.03 -7.49
N ILE C 22 14.44 28.01 -7.03
CA ILE C 22 13.85 26.94 -6.23
C ILE C 22 14.69 26.81 -4.96
N TYR C 23 14.03 26.90 -3.81
CA TYR C 23 14.70 26.71 -2.54
C TYR C 23 14.07 25.50 -1.83
N LEU C 24 14.85 24.43 -1.71
CA LEU C 24 14.39 23.16 -1.13
C LEU C 24 14.25 23.23 0.38
N ILE C 25 13.05 22.91 0.87
CA ILE C 25 12.72 22.91 2.29
C ILE C 25 12.78 21.48 2.80
N GLU C 26 12.18 20.54 2.05
CA GLU C 26 12.28 19.10 2.36
C GLU C 26 12.48 18.26 1.06
N CYS C 27 13.30 17.23 1.17
CA CYS C 27 13.45 16.14 0.22
C CYS C 27 13.18 14.86 1.01
N TYR C 28 12.26 14.08 0.51
CA TYR C 28 11.92 12.79 1.13
C TYR C 28 11.43 11.77 0.09
N SER C 29 11.40 10.51 0.53
CA SER C 29 10.89 9.33 -0.18
C SER C 29 11.46 9.15 -1.58
N LEU C 30 12.79 8.99 -1.69
CA LEU C 30 13.40 8.53 -2.89
C LEU C 30 13.03 7.04 -3.01
N ASP C 31 12.12 6.74 -3.90
CA ASP C 31 11.65 5.39 -4.18
C ASP C 31 12.37 4.86 -5.43
N ASP C 32 13.28 3.90 -5.19
CA ASP C 32 14.13 3.29 -6.23
C ASP C 32 13.33 2.57 -7.31
N LYS C 33 12.35 1.75 -6.89
CA LYS C 33 11.48 1.00 -7.82
C LYS C 33 10.67 1.90 -8.70
N ALA C 34 10.02 2.91 -8.15
CA ALA C 34 9.20 3.88 -8.93
C ALA C 34 10.03 4.95 -9.65
N GLU C 35 11.28 5.16 -9.21
CA GLU C 35 12.18 6.19 -9.73
C GLU C 35 11.59 7.58 -9.52
N THR C 36 11.07 7.78 -8.30
CA THR C 36 10.44 9.04 -7.88
C THR C 36 11.04 9.53 -6.56
N PHE C 37 10.82 10.81 -6.27
CA PHE C 37 11.16 11.46 -5.02
C PHE C 37 10.17 12.58 -4.74
N LYS C 38 9.90 12.83 -3.49
CA LYS C 38 8.98 13.88 -3.11
C LYS C 38 9.77 15.14 -2.70
N VAL C 39 9.22 16.30 -3.03
CA VAL C 39 9.87 17.56 -2.73
C VAL C 39 8.88 18.60 -2.17
N ASN C 40 9.37 19.42 -1.25
CA ASN C 40 8.62 20.52 -0.66
C ASN C 40 9.58 21.70 -0.70
N ALA C 41 9.18 22.78 -1.32
CA ALA C 41 10.12 23.84 -1.75
C ALA C 41 9.43 25.17 -2.00
N PHE C 42 10.25 26.24 -1.99
CA PHE C 42 9.83 27.56 -2.45
C PHE C 42 10.11 27.67 -3.93
N LEU C 43 9.14 28.23 -4.66
CA LEU C 43 9.35 28.63 -6.06
C LEU C 43 9.25 30.15 -6.08
N SER C 44 10.33 30.79 -6.51
CA SER C 44 10.35 32.26 -6.66
C SER C 44 10.29 32.63 -8.14
N LEU C 45 9.48 33.63 -8.47
CA LEU C 45 9.36 34.13 -9.85
C LEU C 45 9.52 35.67 -9.86
N SER C 46 10.20 36.18 -10.88
CA SER C 46 10.37 37.60 -11.08
C SER C 46 10.28 38.03 -12.54
N TRP C 47 9.50 39.07 -12.80
CA TRP C 47 9.37 39.64 -14.16
C TRP C 47 8.97 41.12 -14.08
N LYS C 48 9.13 41.82 -15.20
CA LYS C 48 8.77 43.26 -15.32
C LYS C 48 7.40 43.42 -15.95
N ASP C 49 6.50 44.12 -15.27
CA ASP C 49 5.20 44.52 -15.80
C ASP C 49 5.08 46.06 -15.62
N ARG C 50 5.40 46.80 -16.68
CA ARG C 50 5.39 48.29 -16.67
C ARG C 50 4.03 48.91 -16.36
N ARG C 51 2.94 48.21 -16.66
CA ARG C 51 1.58 48.63 -16.32
C ARG C 51 1.36 48.75 -14.82
N LEU C 52 2.24 48.16 -14.01
CA LEU C 52 2.16 48.18 -12.55
C LEU C 52 3.16 49.20 -11.94
N ALA C 53 3.91 49.91 -12.78
CA ALA C 53 4.84 50.94 -12.29
C ALA C 53 4.08 52.05 -11.52
N PHE C 54 4.75 52.64 -10.55
CA PHE C 54 4.20 53.75 -9.74
C PHE C 54 5.30 54.66 -9.23
N ASP C 55 4.93 55.82 -8.70
CA ASP C 55 5.92 56.81 -8.23
C ASP C 55 6.08 56.63 -6.72
N PRO C 56 7.34 56.39 -6.25
CA PRO C 56 7.54 56.17 -4.80
C PRO C 56 7.28 57.45 -3.94
N VAL C 57 7.88 58.57 -4.38
CA VAL C 57 7.69 59.92 -3.80
C VAL C 57 6.18 60.27 -3.68
N ARG C 58 5.41 60.13 -4.78
CA ARG C 58 3.97 60.38 -4.79
C ARG C 58 3.19 59.40 -3.90
N SER C 59 3.30 58.09 -4.16
CA SER C 59 2.49 57.08 -3.46
C SER C 59 2.87 56.91 -1.99
N GLY C 60 4.10 57.31 -1.62
CA GLY C 60 4.57 57.24 -0.22
C GLY C 60 4.90 55.84 0.28
N VAL C 61 5.06 54.90 -0.65
CA VAL C 61 5.33 53.48 -0.36
C VAL C 61 6.42 53.01 -1.36
N ARG C 62 7.37 52.18 -0.89
CA ARG C 62 8.34 51.59 -1.80
C ARG C 62 7.89 50.34 -2.50
N VAL C 63 6.86 49.69 -1.96
CA VAL C 63 6.40 48.40 -2.46
C VAL C 63 4.90 48.32 -2.35
N LYS C 64 4.29 47.68 -3.33
CA LYS C 64 2.89 47.28 -3.24
C LYS C 64 2.72 45.74 -3.23
N THR C 65 1.71 45.30 -2.51
CA THR C 65 1.32 43.92 -2.37
C THR C 65 0.10 43.65 -3.18
N TYR C 66 0.05 42.56 -3.93
CA TYR C 66 -1.16 42.17 -4.64
C TYR C 66 -1.57 40.74 -4.32
N GLU C 67 -2.83 40.44 -4.63
CA GLU C 67 -3.36 39.08 -4.65
C GLU C 67 -3.26 38.54 -6.10
N PRO C 68 -3.05 37.22 -6.24
CA PRO C 68 -2.78 36.63 -7.59
C PRO C 68 -3.83 36.90 -8.66
N GLU C 69 -5.09 37.05 -8.24
CA GLU C 69 -6.20 37.27 -9.20
C GLU C 69 -6.17 38.70 -9.73
N ALA C 70 -5.65 39.65 -8.97
CA ALA C 70 -5.56 41.04 -9.39
C ALA C 70 -4.57 41.33 -10.54
N ILE C 71 -3.52 40.52 -10.70
CA ILE C 71 -2.53 40.76 -11.75
C ILE C 71 -2.25 39.54 -12.65
N TRP C 72 -1.51 39.78 -13.74
CA TRP C 72 -1.07 38.73 -14.64
C TRP C 72 0.12 38.01 -13.98
N ILE C 73 0.06 36.67 -14.02
CA ILE C 73 1.12 35.78 -13.52
C ILE C 73 1.44 34.75 -14.61
N PRO C 74 2.71 34.52 -14.94
CA PRO C 74 3.03 33.45 -15.93
C PRO C 74 2.63 32.04 -15.40
N GLU C 75 2.10 31.21 -16.30
CA GLU C 75 1.77 29.83 -16.04
C GLU C 75 3.06 29.03 -16.12
N ILE C 76 3.69 28.88 -14.93
CA ILE C 76 4.89 28.05 -14.79
C ILE C 76 4.46 26.62 -14.38
N ARG C 77 4.99 25.63 -15.07
CA ARG C 77 4.75 24.22 -14.72
C ARG C 77 6.07 23.43 -14.61
N PHE C 78 5.94 22.25 -14.00
CA PHE C 78 7.03 21.28 -13.92
C PHE C 78 6.78 20.25 -15.04
N VAL C 79 7.84 19.87 -15.75
CA VAL C 79 7.70 18.84 -16.76
C VAL C 79 7.53 17.46 -16.08
N ASN C 80 8.49 17.05 -15.25
CA ASN C 80 8.61 15.70 -14.73
C ASN C 80 7.95 15.42 -13.32
N VAL C 81 6.69 15.78 -13.23
CA VAL C 81 5.86 15.53 -12.03
C VAL C 81 4.70 14.59 -12.34
N GLU C 82 4.30 13.79 -11.34
CA GLU C 82 3.19 12.83 -11.51
C GLU C 82 1.86 13.60 -11.80
N ASN C 83 1.53 14.49 -10.89
CA ASN C 83 0.37 15.37 -10.96
C ASN C 83 0.86 16.78 -10.79
N ALA C 84 0.04 17.77 -11.16
CA ALA C 84 0.35 19.18 -10.97
C ALA C 84 0.72 19.39 -9.46
N ARG C 85 1.66 20.30 -9.20
CA ARG C 85 2.07 20.62 -7.85
C ARG C 85 0.93 21.16 -6.96
N ASP C 86 1.04 20.89 -5.66
CA ASP C 86 0.18 21.49 -4.65
C ASP C 86 0.90 22.78 -4.29
N ALA C 87 0.36 23.91 -4.75
CA ALA C 87 0.97 25.24 -4.44
C ALA C 87 0.11 26.20 -3.60
N ASP C 88 0.77 26.93 -2.71
CA ASP C 88 0.18 28.03 -1.94
C ASP C 88 1.04 29.30 -2.12
N VAL C 89 0.44 30.38 -2.59
CA VAL C 89 1.14 31.65 -2.77
C VAL C 89 1.47 32.25 -1.41
N VAL C 90 2.72 32.63 -1.21
CA VAL C 90 3.19 33.23 0.05
C VAL C 90 3.17 34.76 -0.07
N ASP C 91 3.67 35.32 -1.18
CA ASP C 91 3.76 36.76 -1.33
C ASP C 91 3.92 37.20 -2.80
N ILE C 92 3.33 38.37 -3.14
CA ILE C 92 3.51 39.09 -4.36
C ILE C 92 3.84 40.53 -3.99
N SER C 93 5.04 40.98 -4.38
CA SER C 93 5.56 42.33 -4.14
C SER C 93 5.88 43.02 -5.48
N VAL C 94 5.43 44.28 -5.62
CA VAL C 94 5.71 45.07 -6.79
C VAL C 94 6.53 46.33 -6.45
N SER C 95 7.68 46.49 -7.09
CA SER C 95 8.54 47.63 -6.85
C SER C 95 8.11 48.80 -7.84
N PRO C 96 8.61 50.06 -7.60
CA PRO C 96 8.11 51.22 -8.35
C PRO C 96 8.24 51.14 -9.90
N ASP C 97 9.30 50.50 -10.39
CA ASP C 97 9.51 50.33 -11.83
C ASP C 97 8.66 49.16 -12.46
N GLY C 98 7.80 48.54 -11.65
CA GLY C 98 6.95 47.46 -12.09
C GLY C 98 7.55 46.04 -12.04
N THR C 99 8.66 45.85 -11.34
CA THR C 99 9.24 44.55 -11.13
C THR C 99 8.40 43.77 -10.10
N VAL C 100 7.83 42.65 -10.55
CA VAL C 100 7.06 41.76 -9.68
C VAL C 100 7.97 40.70 -9.05
N GLN C 101 7.78 40.47 -7.74
CA GLN C 101 8.44 39.41 -6.97
C GLN C 101 7.37 38.47 -6.44
N TYR C 102 7.37 37.26 -7.01
CA TYR C 102 6.36 36.23 -6.67
C TYR C 102 7.03 35.11 -5.88
N LEU C 103 6.35 34.66 -4.81
CA LEU C 103 6.84 33.54 -4.02
C LEU C 103 5.71 32.60 -3.61
N GLU C 104 5.87 31.32 -3.99
CA GLU C 104 4.98 30.24 -3.57
C GLU C 104 5.73 29.11 -2.88
N ARG C 105 5.04 28.42 -2.00
CA ARG C 105 5.55 27.18 -1.42
C ARG C 105 4.77 26.03 -2.07
N PHE C 106 5.49 25.05 -2.55
CA PHE C 106 4.82 23.89 -3.19
C PHE C 106 5.38 22.55 -2.72
N SER C 107 4.61 21.51 -2.99
CA SER C 107 5.01 20.12 -2.79
C SER C 107 4.66 19.36 -4.10
N ALA C 108 5.52 18.43 -4.46
CA ALA C 108 5.31 17.59 -5.65
C ALA C 108 6.05 16.26 -5.63
N ARG C 109 5.53 15.32 -6.40
CA ARG C 109 6.14 13.99 -6.59
C ARG C 109 6.82 14.06 -7.95
N VAL C 110 8.12 13.95 -7.98
CA VAL C 110 8.96 14.08 -9.19
C VAL C 110 9.45 12.74 -9.79
N LEU C 111 9.28 12.57 -11.10
CA LEU C 111 9.77 11.45 -11.88
C LEU C 111 11.18 11.77 -12.33
N SER C 112 12.15 10.98 -11.94
CA SER C 112 13.51 11.20 -12.41
C SER C 112 14.27 9.87 -12.50
N PRO C 113 14.74 9.54 -13.71
CA PRO C 113 15.42 8.23 -13.93
C PRO C 113 16.69 8.03 -13.10
N LEU C 114 16.90 6.82 -12.62
CA LEU C 114 18.06 6.46 -11.83
C LEU C 114 18.91 5.41 -12.55
N ASP C 115 20.24 5.54 -12.47
CA ASP C 115 21.17 4.62 -13.09
C ASP C 115 21.68 3.64 -12.01
N PHE C 116 21.20 2.39 -12.09
CA PHE C 116 21.54 1.39 -11.04
C PHE C 116 22.81 0.54 -11.29
N ARG C 117 23.54 0.81 -12.38
CA ARG C 117 24.74 0.06 -12.77
C ARG C 117 25.71 -0.22 -11.63
N ARG C 118 25.95 0.76 -10.77
CA ARG C 118 26.90 0.60 -9.65
C ARG C 118 26.28 0.42 -8.27
N TYR C 119 24.99 0.11 -8.22
CA TYR C 119 24.24 -0.17 -6.97
C TYR C 119 24.92 -1.26 -6.10
N PRO C 120 25.07 -1.09 -4.76
CA PRO C 120 24.59 0.05 -3.97
C PRO C 120 25.63 1.18 -3.76
N PHE C 121 26.66 1.24 -4.62
CA PHE C 121 27.73 2.25 -4.53
C PHE C 121 27.51 3.32 -5.63
N ASP C 122 26.26 3.64 -5.89
CA ASP C 122 25.86 4.56 -6.95
C ASP C 122 25.63 6.00 -6.48
N SER C 123 25.74 6.90 -7.46
CA SER C 123 25.45 8.33 -7.33
C SER C 123 24.41 8.69 -8.37
N GLN C 124 23.61 9.69 -8.09
CA GLN C 124 22.56 10.08 -9.02
C GLN C 124 22.51 11.59 -9.19
N THR C 125 21.96 12.00 -10.35
CA THR C 125 21.64 13.40 -10.63
C THR C 125 20.12 13.44 -10.82
N LEU C 126 19.42 13.89 -9.79
CA LEU C 126 17.97 14.09 -9.91
C LEU C 126 17.70 15.43 -10.64
N HIS C 127 16.67 15.46 -11.46
CA HIS C 127 16.25 16.64 -12.19
C HIS C 127 14.86 17.15 -11.80
N ILE C 128 14.71 18.47 -11.75
CA ILE C 128 13.44 19.14 -11.65
C ILE C 128 13.41 20.11 -12.83
N TYR C 129 12.59 19.82 -13.82
CA TYR C 129 12.44 20.65 -15.02
C TYR C 129 11.33 21.68 -14.94
N LEU C 130 11.72 22.95 -14.93
CA LEU C 130 10.78 24.08 -14.91
C LEU C 130 10.46 24.49 -16.34
N ILE C 131 9.20 24.81 -16.59
CA ILE C 131 8.78 25.14 -17.96
C ILE C 131 7.68 26.20 -18.07
N VAL C 132 7.74 26.97 -19.17
CA VAL C 132 6.73 27.97 -19.53
C VAL C 132 6.44 27.91 -21.03
N ARG C 133 5.18 28.04 -21.37
CA ARG C 133 4.73 28.03 -22.75
C ARG C 133 4.45 29.51 -23.14
N SER C 134 4.92 29.87 -24.33
CA SER C 134 4.71 31.24 -24.86
C SER C 134 3.21 31.41 -25.24
N VAL C 135 2.80 32.65 -25.23
CA VAL C 135 1.44 33.07 -25.60
C VAL C 135 1.43 33.79 -26.97
N ASP C 136 0.24 33.97 -27.55
CA ASP C 136 0.14 34.51 -28.92
C ASP C 136 0.70 35.94 -29.05
N THR C 137 0.46 36.66 -27.98
CA THR C 137 0.80 38.04 -27.82
C THR C 137 2.29 38.22 -27.46
N ARG C 138 3.04 37.19 -27.04
CA ARG C 138 4.41 37.38 -26.49
C ARG C 138 5.19 36.06 -26.25
N ASN C 139 6.47 36.03 -26.58
CA ASN C 139 7.36 34.94 -26.25
C ASN C 139 7.88 35.03 -24.80
N ILE C 140 7.75 33.92 -24.04
CA ILE C 140 8.19 33.97 -22.63
C ILE C 140 9.37 33.02 -22.47
N VAL C 141 10.35 33.50 -21.77
CA VAL C 141 11.68 32.79 -21.70
C VAL C 141 12.08 32.79 -20.21
N LEU C 142 12.69 31.68 -19.76
CA LEU C 142 13.05 31.52 -18.33
C LEU C 142 14.54 31.80 -18.09
N ALA C 143 14.85 32.29 -16.91
CA ALA C 143 16.22 32.47 -16.45
C ALA C 143 16.31 32.08 -14.95
N VAL C 144 17.54 31.94 -14.50
CA VAL C 144 17.88 31.55 -13.14
C VAL C 144 18.41 32.78 -12.35
N ASP C 145 17.76 33.11 -11.22
CA ASP C 145 18.32 33.99 -10.25
C ASP C 145 19.02 33.12 -9.19
N LEU C 146 20.34 33.01 -9.35
CA LEU C 146 21.22 32.19 -8.47
C LEU C 146 21.12 32.54 -6.98
N GLU C 147 20.78 33.76 -6.66
CA GLU C 147 20.61 34.19 -5.26
C GLU C 147 19.37 33.56 -4.63
N LYS C 148 18.43 33.06 -5.48
CA LYS C 148 17.20 32.44 -5.02
C LYS C 148 17.13 30.88 -5.30
N VAL C 149 18.29 30.26 -5.55
CA VAL C 149 18.47 28.85 -5.67
C VAL C 149 19.26 28.35 -4.48
N GLY C 150 18.74 27.32 -3.82
CA GLY C 150 19.39 26.71 -2.67
C GLY C 150 18.59 25.64 -2.00
N LYS C 151 19.04 25.29 -0.79
CA LYS C 151 18.40 24.28 0.06
C LYS C 151 18.66 24.51 1.54
N ASN C 152 17.69 24.17 2.38
CA ASN C 152 17.88 24.30 3.78
C ASN C 152 18.94 23.24 4.30
N ASP C 153 19.71 23.62 5.32
CA ASP C 153 20.88 22.82 5.81
C ASP C 153 20.45 21.47 6.39
N ASP C 154 19.27 21.46 7.01
CA ASP C 154 18.61 20.26 7.54
C ASP C 154 17.94 19.29 6.52
N VAL C 155 17.78 19.66 5.23
CA VAL C 155 17.26 18.75 4.19
C VAL C 155 18.11 17.46 4.28
N PHE C 156 17.41 16.36 4.57
CA PHE C 156 18.00 15.02 4.63
C PHE C 156 17.12 14.12 3.73
N LEU C 157 17.77 13.27 2.95
CA LEU C 157 17.13 12.30 2.12
C LEU C 157 17.60 10.95 2.65
N THR C 158 16.71 10.26 3.40
CA THR C 158 17.09 9.05 4.14
C THR C 158 17.69 8.01 3.21
N GLY C 159 18.89 7.52 3.60
CA GLY C 159 19.67 6.57 2.80
C GLY C 159 20.57 7.19 1.75
N TRP C 160 20.59 8.54 1.70
CA TRP C 160 21.40 9.29 0.74
C TRP C 160 22.15 10.45 1.37
N ASP C 161 23.29 10.83 0.75
CA ASP C 161 24.02 12.07 1.02
C ASP C 161 23.69 13.07 -0.09
N ILE C 162 23.35 14.26 0.29
CA ILE C 162 23.06 15.33 -0.68
C ILE C 162 24.33 16.13 -0.94
N GLU C 163 24.82 16.12 -2.19
CA GLU C 163 26.03 16.85 -2.56
C GLU C 163 25.79 18.31 -2.97
N SER C 164 24.93 18.57 -3.95
CA SER C 164 24.67 19.92 -4.40
C SER C 164 23.30 20.04 -5.11
N PHE C 165 22.81 21.29 -5.13
CA PHE C 165 21.58 21.67 -5.79
C PHE C 165 21.90 22.91 -6.59
N THR C 166 22.03 22.74 -7.88
CA THR C 166 22.36 23.81 -8.82
C THR C 166 21.41 23.81 -10.00
N ALA C 167 21.43 24.90 -10.79
CA ALA C 167 20.63 25.04 -12.00
C ALA C 167 21.51 25.28 -13.21
N VAL C 168 21.16 24.66 -14.32
CA VAL C 168 21.81 24.91 -15.60
C VAL C 168 21.18 26.24 -16.06
N VAL C 169 21.97 27.30 -16.00
CA VAL C 169 21.50 28.71 -16.20
C VAL C 169 20.90 29.02 -17.58
N LYS C 170 21.36 28.33 -18.63
CA LYS C 170 20.83 28.52 -19.98
C LYS C 170 19.61 27.59 -20.20
N PRO C 171 18.46 28.19 -20.55
CA PRO C 171 17.26 27.36 -20.80
C PRO C 171 17.32 26.57 -22.10
N ALA C 172 16.49 25.55 -22.21
CA ALA C 172 16.33 24.85 -23.47
C ALA C 172 15.05 25.43 -24.11
N ASN C 173 15.26 26.31 -25.10
CA ASN C 173 14.15 26.96 -25.84
C ASN C 173 13.84 26.15 -27.10
N PHE C 174 12.59 25.73 -27.25
CA PHE C 174 12.20 24.86 -28.37
C PHE C 174 10.70 24.99 -28.69
N ALA C 175 10.36 24.52 -29.89
CA ALA C 175 8.99 24.63 -30.41
C ALA C 175 8.24 23.33 -30.09
N LEU C 176 7.04 23.48 -29.58
CA LEU C 176 6.14 22.33 -29.34
C LEU C 176 4.72 22.75 -29.66
N GLU C 177 4.14 22.12 -30.68
CA GLU C 177 2.77 22.41 -31.16
CA GLU C 177 2.78 22.41 -31.18
C GLU C 177 2.60 23.91 -31.52
N ASP C 178 3.51 24.40 -32.39
CA ASP C 178 3.49 25.80 -32.87
C ASP C 178 3.57 26.91 -31.84
N ARG C 179 4.09 26.64 -30.66
CA ARG C 179 4.49 27.66 -29.70
C ARG C 179 5.86 27.39 -29.13
N LEU C 180 6.52 28.47 -28.68
CA LEU C 180 7.79 28.38 -28.03
C LEU C 180 7.55 27.87 -26.57
N GLU C 181 8.53 27.08 -26.11
CA GLU C 181 8.54 26.54 -24.79
C GLU C 181 9.97 26.79 -24.21
N SER C 182 10.05 27.28 -22.97
CA SER C 182 11.32 27.61 -22.35
C SER C 182 11.51 26.71 -21.09
N LYS C 183 12.52 25.85 -21.13
CA LYS C 183 12.73 24.83 -20.10
C LYS C 183 14.06 24.97 -19.31
N LEU C 184 13.99 24.99 -17.96
CA LEU C 184 15.17 24.99 -17.12
C LEU C 184 15.40 23.68 -16.40
N ASP C 185 16.68 23.31 -16.22
CA ASP C 185 17.11 22.07 -15.57
C ASP C 185 17.75 22.34 -14.19
N TYR C 186 16.98 22.08 -13.10
CA TYR C 186 17.48 22.15 -11.75
C TYR C 186 17.98 20.75 -11.34
N GLN C 187 19.22 20.67 -10.92
CA GLN C 187 19.93 19.41 -10.67
C GLN C 187 20.30 19.18 -9.22
N LEU C 188 19.82 18.06 -8.65
CA LEU C 188 20.06 17.67 -7.27
C LEU C 188 20.97 16.43 -7.29
N ARG C 189 22.24 16.65 -6.95
CA ARG C 189 23.28 15.60 -6.98
C ARG C 189 23.33 14.88 -5.64
N ILE C 190 23.16 13.57 -5.69
CA ILE C 190 23.13 12.73 -4.47
C ILE C 190 23.99 11.46 -4.62
N SER C 191 24.43 10.91 -3.49
CA SER C 191 25.18 9.67 -3.48
C SER C 191 24.66 8.76 -2.39
N ARG C 192 24.51 7.49 -2.75
CA ARG C 192 23.92 6.47 -1.87
C ARG C 192 24.83 6.14 -0.69
N GLN C 193 24.20 6.03 0.49
CA GLN C 193 24.85 5.59 1.73
C GLN C 193 24.84 4.06 1.66
N TYR C 194 25.97 3.53 1.23
CA TYR C 194 26.14 2.08 0.98
C TYR C 194 26.37 1.27 2.29
N PHE C 195 26.69 1.99 3.39
CA PHE C 195 27.05 1.40 4.68
C PHE C 195 26.25 0.15 5.06
N SER C 196 24.93 0.26 5.26
CA SER C 196 24.09 -0.82 5.76
C SER C 196 24.05 -2.08 4.89
N TYR C 197 24.35 -1.94 3.58
CA TYR C 197 24.39 -3.07 2.66
C TYR C 197 25.49 -4.10 3.03
N ILE C 198 26.57 -3.61 3.68
CA ILE C 198 27.68 -4.44 4.09
C ILE C 198 27.31 -5.46 5.18
N PRO C 199 26.85 -5.04 6.40
CA PRO C 199 26.45 -6.01 7.44
C PRO C 199 25.16 -6.78 7.12
N ASN C 200 24.26 -6.18 6.35
CA ASN C 200 22.93 -6.76 6.07
C ASN C 200 22.79 -7.67 4.84
N ILE C 201 23.54 -7.44 3.76
CA ILE C 201 23.45 -8.23 2.57
C ILE C 201 24.80 -8.81 2.13
N ILE C 202 25.82 -7.99 1.92
CA ILE C 202 27.09 -8.42 1.36
C ILE C 202 27.86 -9.44 2.22
N LEU C 203 28.10 -9.14 3.51
CA LEU C 203 28.80 -10.05 4.38
C LEU C 203 28.01 -11.35 4.64
N PRO C 204 26.69 -11.31 4.97
CA PRO C 204 25.93 -12.54 5.16
C PRO C 204 26.00 -13.45 3.91
N MET C 205 25.95 -12.85 2.72
CA MET C 205 26.04 -13.57 1.46
C MET C 205 27.42 -14.23 1.25
N LEU C 206 28.49 -13.56 1.70
CA LEU C 206 29.85 -14.09 1.65
C LEU C 206 30.04 -15.23 2.67
N PHE C 207 29.49 -15.08 3.88
CA PHE C 207 29.57 -16.08 4.94
C PHE C 207 28.96 -17.40 4.53
N ILE C 208 27.74 -17.39 3.94
CA ILE C 208 27.09 -18.64 3.50
C ILE C 208 27.85 -19.31 2.36
N LEU C 209 28.44 -18.51 1.46
CA LEU C 209 29.24 -19.00 0.34
C LEU C 209 30.52 -19.72 0.89
N PHE C 210 31.21 -19.09 1.86
CA PHE C 210 32.39 -19.66 2.48
C PHE C 210 32.05 -20.91 3.29
N ILE C 211 30.84 -20.97 3.87
CA ILE C 211 30.34 -22.14 4.58
C ILE C 211 30.17 -23.32 3.61
N SER C 212 29.70 -23.04 2.39
CA SER C 212 29.56 -24.10 1.38
C SER C 212 30.92 -24.71 1.03
N TRP C 213 31.99 -23.93 1.12
CA TRP C 213 33.36 -24.36 0.77
C TRP C 213 34.02 -25.28 1.82
N THR C 214 33.37 -25.46 2.99
CA THR C 214 33.81 -26.40 3.99
C THR C 214 33.66 -27.87 3.47
N ALA C 215 32.81 -28.08 2.45
CA ALA C 215 32.60 -29.33 1.79
C ALA C 215 33.89 -29.88 1.15
N PHE C 216 34.86 -28.98 0.89
CA PHE C 216 36.16 -29.34 0.31
C PHE C 216 37.13 -29.95 1.38
N TRP C 217 36.69 -30.02 2.64
CA TRP C 217 37.42 -30.62 3.74
C TRP C 217 36.58 -31.77 4.35
N SER C 218 35.63 -32.31 3.56
CA SER C 218 34.77 -33.38 3.95
C SER C 218 34.59 -34.43 2.85
N THR C 219 34.63 -35.71 3.29
CA THR C 219 34.43 -36.89 2.43
C THR C 219 32.98 -37.40 2.55
N SER C 220 32.20 -36.86 3.48
CA SER C 220 30.80 -37.24 3.66
C SER C 220 29.93 -36.55 2.58
N TYR C 221 29.51 -37.31 1.57
CA TYR C 221 28.63 -36.87 0.49
C TYR C 221 27.29 -36.29 0.98
N GLU C 222 26.65 -36.98 1.92
CA GLU C 222 25.36 -36.67 2.50
C GLU C 222 25.44 -35.27 3.20
N ALA C 223 26.54 -35.04 3.93
CA ALA C 223 26.79 -33.80 4.65
C ALA C 223 27.11 -32.66 3.66
N ASN C 224 27.89 -32.99 2.62
CA ASN C 224 28.28 -32.06 1.57
C ASN C 224 27.06 -31.56 0.80
N VAL C 225 26.15 -32.46 0.42
CA VAL C 225 24.94 -32.12 -0.30
C VAL C 225 24.11 -31.16 0.58
N THR C 226 24.01 -31.44 1.90
CA THR C 226 23.33 -30.61 2.86
C THR C 226 23.97 -29.22 2.96
N LEU C 227 25.30 -29.16 3.01
CA LEU C 227 26.04 -27.90 3.08
C LEU C 227 25.82 -27.00 1.85
N VAL C 228 26.00 -27.54 0.65
CA VAL C 228 25.93 -26.79 -0.60
C VAL C 228 24.47 -26.40 -0.99
N VAL C 229 23.51 -27.32 -0.84
CA VAL C 229 22.14 -27.07 -1.16
C VAL C 229 21.45 -26.08 -0.19
N SER C 230 21.68 -26.22 1.10
CA SER C 230 21.13 -25.32 2.13
C SER C 230 21.61 -23.87 1.96
N THR C 231 22.92 -23.69 1.72
CA THR C 231 23.51 -22.38 1.52
C THR C 231 23.02 -21.74 0.20
N LEU C 232 22.80 -22.58 -0.84
CA LEU C 232 22.30 -22.14 -2.13
C LEU C 232 20.87 -21.53 -1.93
N ILE C 233 20.03 -22.19 -1.15
CA ILE C 233 18.70 -21.75 -0.85
C ILE C 233 18.72 -20.39 -0.11
N ALA C 234 19.65 -20.23 0.84
CA ALA C 234 19.88 -18.98 1.55
C ALA C 234 20.32 -17.89 0.56
N HIS C 235 21.13 -18.25 -0.45
CA HIS C 235 21.60 -17.35 -1.48
C HIS C 235 20.42 -16.87 -2.35
N ILE C 236 19.49 -17.80 -2.65
CA ILE C 236 18.28 -17.51 -3.43
C ILE C 236 17.44 -16.45 -2.65
N ALA C 237 17.29 -16.64 -1.34
CA ALA C 237 16.59 -15.71 -0.44
C ALA C 237 17.17 -14.30 -0.50
N PHE C 238 18.50 -14.18 -0.48
CA PHE C 238 19.17 -12.87 -0.60
C PHE C 238 18.97 -12.27 -2.01
N ASN C 239 19.02 -13.11 -3.06
CA ASN C 239 18.79 -12.68 -4.43
C ASN C 239 17.34 -12.07 -4.53
N ILE C 240 16.34 -12.79 -4.00
CA ILE C 240 14.98 -12.33 -4.00
C ILE C 240 14.81 -11.03 -3.20
N LEU C 241 15.43 -10.96 -2.00
CA LEU C 241 15.41 -9.76 -1.15
C LEU C 241 15.95 -8.54 -1.91
N VAL C 242 17.10 -8.69 -2.57
CA VAL C 242 17.73 -7.62 -3.29
C VAL C 242 16.86 -7.14 -4.47
N GLU C 243 16.29 -8.05 -5.28
CA GLU C 243 15.50 -7.69 -6.42
C GLU C 243 14.12 -7.03 -6.07
N THR C 244 13.66 -7.18 -4.83
CA THR C 244 12.45 -6.50 -4.36
C THR C 244 12.69 -5.03 -4.04
N ASN C 245 13.93 -4.64 -3.83
CA ASN C 245 14.37 -3.29 -3.54
C ASN C 245 14.65 -2.54 -4.82
N LEU C 246 14.70 -3.23 -5.93
CA LEU C 246 15.11 -2.66 -7.21
C LEU C 246 14.11 -2.84 -8.36
N PRO C 247 14.03 -1.85 -9.27
CA PRO C 247 13.28 -2.07 -10.51
C PRO C 247 14.00 -3.09 -11.44
N LYS C 248 13.28 -3.55 -12.44
CA LYS C 248 13.87 -4.42 -13.45
C LYS C 248 14.65 -3.50 -14.40
N THR C 249 15.90 -3.82 -14.65
CA THR C 249 16.76 -2.99 -15.53
C THR C 249 17.16 -3.70 -16.84
N PRO C 250 17.31 -2.95 -17.95
CA PRO C 250 17.75 -3.62 -19.20
C PRO C 250 19.27 -3.80 -19.26
N TYR C 251 19.92 -3.80 -18.09
CA TYR C 251 21.36 -3.97 -17.90
C TYR C 251 21.63 -4.65 -16.58
N MET C 252 22.87 -5.14 -16.39
CA MET C 252 23.27 -5.76 -15.12
C MET C 252 23.71 -4.67 -14.13
N THR C 253 23.28 -4.76 -12.88
CA THR C 253 23.82 -3.94 -11.82
C THR C 253 25.03 -4.67 -11.21
N TYR C 254 25.88 -3.93 -10.49
CA TYR C 254 27.07 -4.50 -9.87
C TYR C 254 26.75 -5.62 -8.90
N THR C 255 25.79 -5.41 -8.02
CA THR C 255 25.29 -6.40 -7.03
C THR C 255 24.64 -7.57 -7.75
N GLY C 256 23.83 -7.28 -8.77
CA GLY C 256 23.18 -8.29 -9.60
C GLY C 256 24.18 -9.25 -10.25
N ALA C 257 25.30 -8.70 -10.72
CA ALA C 257 26.40 -9.44 -11.37
C ALA C 257 27.11 -10.36 -10.38
N ILE C 258 27.41 -9.88 -9.16
CA ILE C 258 28.00 -10.69 -8.08
C ILE C 258 27.04 -11.80 -7.68
N ILE C 259 25.77 -11.45 -7.44
CA ILE C 259 24.73 -12.42 -7.07
C ILE C 259 24.63 -13.53 -8.12
N PHE C 260 24.57 -13.15 -9.39
CA PHE C 260 24.48 -14.10 -10.51
C PHE C 260 25.72 -15.01 -10.58
N MET C 261 26.90 -14.42 -10.45
CA MET C 261 28.17 -15.11 -10.51
C MET C 261 28.25 -16.19 -9.39
N ILE C 262 27.81 -15.84 -8.18
CA ILE C 262 27.82 -16.75 -7.05
C ILE C 262 27.04 -18.06 -7.32
N TYR C 263 25.98 -18.01 -8.14
CA TYR C 263 25.22 -19.19 -8.58
C TYR C 263 26.14 -20.20 -9.29
N LEU C 264 27.03 -19.68 -10.15
CA LEU C 264 27.99 -20.50 -10.90
C LEU C 264 28.94 -21.23 -9.93
N PHE C 265 29.38 -20.52 -8.88
CA PHE C 265 30.20 -21.10 -7.82
C PHE C 265 29.49 -22.21 -7.05
N TYR C 266 28.17 -22.05 -6.79
CA TYR C 266 27.37 -23.07 -6.14
C TYR C 266 27.22 -24.28 -7.07
N PHE C 267 26.97 -24.01 -8.36
CA PHE C 267 26.79 -25.03 -9.37
C PHE C 267 28.05 -25.91 -9.53
N VAL C 268 29.23 -25.28 -9.67
CA VAL C 268 30.50 -25.98 -9.81
C VAL C 268 30.84 -26.77 -8.50
N ALA C 269 30.50 -26.22 -7.33
CA ALA C 269 30.69 -26.88 -6.06
C ALA C 269 29.85 -28.18 -5.96
N VAL C 270 28.62 -28.17 -6.48
CA VAL C 270 27.77 -29.36 -6.53
C VAL C 270 28.44 -30.44 -7.47
N ILE C 271 28.96 -30.00 -8.65
CA ILE C 271 29.64 -30.87 -9.57
C ILE C 271 30.86 -31.56 -8.84
N GLU C 272 31.70 -30.77 -8.16
CA GLU C 272 32.82 -31.26 -7.41
C GLU C 272 32.42 -32.28 -6.35
N VAL C 273 31.38 -31.97 -5.56
CA VAL C 273 30.84 -32.84 -4.52
C VAL C 273 30.33 -34.17 -5.14
N THR C 274 29.71 -34.09 -6.33
CA THR C 274 29.19 -35.23 -7.07
C THR C 274 30.37 -36.11 -7.60
N VAL C 275 31.36 -35.46 -8.25
CA VAL C 275 32.52 -36.09 -8.81
C VAL C 275 33.33 -36.79 -7.70
N GLN C 276 33.53 -36.13 -6.55
CA GLN C 276 34.20 -36.69 -5.39
C GLN C 276 33.55 -38.00 -4.96
N HIS C 277 32.22 -37.97 -4.70
CA HIS C 277 31.46 -39.15 -4.29
C HIS C 277 31.53 -40.31 -5.34
N TYR C 278 31.34 -39.99 -6.62
CA TYR C 278 31.36 -40.93 -7.69
C TYR C 278 32.72 -41.73 -7.77
N LEU C 279 33.85 -41.04 -7.62
CA LEU C 279 35.16 -41.60 -7.62
C LEU C 279 35.41 -42.53 -6.41
N LYS C 280 34.94 -42.09 -5.22
CA LYS C 280 35.07 -42.88 -4.00
CA LYS C 280 35.07 -42.88 -4.00
C LYS C 280 34.29 -44.19 -4.12
N VAL C 281 33.09 -44.14 -4.69
CA VAL C 281 32.26 -45.30 -4.87
C VAL C 281 32.89 -46.28 -5.89
N GLU C 282 33.60 -45.71 -6.88
CA GLU C 282 34.33 -46.43 -7.93
C GLU C 282 35.73 -46.92 -7.44
N SER C 283 36.02 -46.79 -6.16
CA SER C 283 37.32 -47.11 -5.58
C SER C 283 38.50 -46.36 -6.18
N GLN C 284 38.31 -45.04 -6.40
CA GLN C 284 39.37 -44.12 -6.84
C GLN C 284 39.46 -42.89 -5.92
N PRO C 285 39.69 -43.11 -4.59
CA PRO C 285 39.74 -41.97 -3.64
C PRO C 285 40.98 -41.07 -3.81
N ALA C 286 42.12 -41.63 -4.26
CA ALA C 286 43.35 -40.83 -4.43
C ALA C 286 43.14 -39.74 -5.46
N ARG C 287 42.34 -40.02 -6.45
CA ARG C 287 42.01 -39.10 -7.50
C ARG C 287 41.00 -38.03 -7.04
N ALA C 288 39.96 -38.47 -6.30
CA ALA C 288 38.99 -37.62 -5.67
C ALA C 288 39.72 -36.63 -4.77
N ALA C 289 40.72 -37.11 -4.04
CA ALA C 289 41.53 -36.30 -3.11
C ALA C 289 42.31 -35.21 -3.83
N SER C 290 42.79 -35.48 -5.07
CA SER C 290 43.49 -34.50 -5.88
C SER C 290 42.59 -33.37 -6.31
N ILE C 291 41.36 -33.70 -6.75
CA ILE C 291 40.33 -32.74 -7.19
C ILE C 291 39.87 -31.88 -5.99
N THR C 292 39.63 -32.52 -4.83
CA THR C 292 39.21 -31.85 -3.61
C THR C 292 40.26 -30.89 -3.09
N ARG C 293 41.55 -31.29 -3.07
CA ARG C 293 42.64 -30.46 -2.58
C ARG C 293 42.87 -29.24 -3.51
N ALA C 294 42.72 -29.45 -4.82
CA ALA C 294 42.85 -28.38 -5.80
C ALA C 294 41.69 -27.36 -5.63
N SER C 295 40.46 -27.86 -5.38
CA SER C 295 39.25 -27.07 -5.17
C SER C 295 39.39 -26.12 -3.97
N ARG C 296 40.10 -26.55 -2.91
CA ARG C 296 40.34 -25.76 -1.71
C ARG C 296 41.05 -24.42 -2.05
N ILE C 297 41.93 -24.44 -3.05
CA ILE C 297 42.64 -23.27 -3.51
C ILE C 297 41.92 -22.59 -4.70
N ALA C 298 41.53 -23.35 -5.72
CA ALA C 298 40.87 -22.86 -6.91
C ALA C 298 39.58 -22.03 -6.64
N PHE C 299 38.64 -22.53 -5.81
CA PHE C 299 37.43 -21.79 -5.46
C PHE C 299 37.67 -20.37 -4.89
N PRO C 300 38.42 -20.18 -3.79
CA PRO C 300 38.68 -18.82 -3.28
C PRO C 300 39.51 -17.95 -4.26
N VAL C 301 40.48 -18.54 -4.98
CA VAL C 301 41.30 -17.82 -5.93
C VAL C 301 40.48 -17.31 -7.12
N VAL C 302 39.74 -18.19 -7.80
CA VAL C 302 38.88 -17.81 -8.93
C VAL C 302 37.79 -16.79 -8.45
N PHE C 303 37.30 -16.92 -7.22
CA PHE C 303 36.34 -15.99 -6.66
C PHE C 303 36.94 -14.59 -6.47
N LEU C 304 38.18 -14.52 -5.98
CA LEU C 304 38.90 -13.26 -5.81
C LEU C 304 39.20 -12.58 -7.18
N LEU C 305 39.73 -13.35 -8.14
CA LEU C 305 40.03 -12.84 -9.47
C LEU C 305 38.79 -12.35 -10.20
N ALA C 306 37.71 -13.13 -10.16
CA ALA C 306 36.43 -12.78 -10.83
C ALA C 306 35.84 -11.46 -10.23
N ASN C 307 36.00 -11.26 -8.92
CA ASN C 307 35.55 -10.06 -8.25
C ASN C 307 36.40 -8.83 -8.61
N ILE C 308 37.73 -9.02 -8.80
CA ILE C 308 38.62 -7.97 -9.25
C ILE C 308 38.21 -7.55 -10.69
N ILE C 309 37.97 -8.52 -11.56
CA ILE C 309 37.51 -8.26 -12.92
C ILE C 309 36.16 -7.49 -12.93
N LEU C 310 35.16 -7.94 -12.14
CA LEU C 310 33.87 -7.27 -12.02
C LEU C 310 33.99 -5.82 -11.50
N ALA C 311 34.77 -5.61 -10.42
CA ALA C 311 35.01 -4.30 -9.86
C ALA C 311 35.66 -3.35 -10.90
N PHE C 312 36.56 -3.90 -11.70
CA PHE C 312 37.24 -3.16 -12.75
C PHE C 312 36.24 -2.76 -13.88
N LEU C 313 35.40 -3.70 -14.34
CA LEU C 313 34.42 -3.44 -15.38
C LEU C 313 33.35 -2.42 -14.95
N PHE C 314 32.98 -2.41 -13.68
CA PHE C 314 31.94 -1.51 -13.17
C PHE C 314 32.46 -0.15 -12.61
N PHE C 315 33.71 -0.06 -12.13
CA PHE C 315 34.16 1.16 -11.46
C PHE C 315 35.31 1.97 -12.11
N VAL D 5 -6.95 42.74 2.94
CA VAL D 5 -6.53 43.64 4.06
C VAL D 5 -4.99 43.61 4.02
N SER D 6 -4.31 44.17 5.01
CA SER D 6 -2.84 44.14 5.07
C SER D 6 -2.42 44.26 6.56
N PRO D 7 -1.13 44.13 6.88
CA PRO D 7 -0.86 43.88 8.32
C PRO D 7 -1.11 45.07 9.21
N PRO D 8 -1.44 44.84 10.48
CA PRO D 8 -1.63 45.99 11.39
C PRO D 8 -0.38 46.87 11.45
N PRO D 9 -0.55 48.21 11.47
CA PRO D 9 0.65 49.04 11.44
C PRO D 9 1.22 49.18 12.87
N PRO D 10 2.54 49.37 12.98
CA PRO D 10 3.18 49.49 14.32
C PRO D 10 2.79 50.80 15.05
N ILE D 11 2.63 50.79 16.38
CA ILE D 11 2.57 52.06 17.15
C ILE D 11 3.83 52.86 16.84
N ALA D 12 4.99 52.18 16.80
CA ALA D 12 6.26 52.84 16.55
C ALA D 12 7.09 52.15 15.45
N ASP D 13 8.05 51.32 15.89
CA ASP D 13 8.81 50.43 15.01
C ASP D 13 9.11 49.00 15.63
N GLU D 14 8.17 48.54 16.47
CA GLU D 14 8.20 47.18 17.06
C GLU D 14 7.70 46.10 16.02
N PRO D 15 8.26 44.88 16.11
CA PRO D 15 7.76 43.79 15.28
C PRO D 15 6.34 43.39 15.66
N LEU D 16 5.58 42.78 14.75
CA LEU D 16 4.29 42.22 15.17
C LEU D 16 4.53 40.82 15.84
N THR D 17 4.09 40.69 17.09
CA THR D 17 4.16 39.45 17.84
C THR D 17 2.89 38.63 17.62
N VAL D 18 3.08 37.40 17.11
CA VAL D 18 1.99 36.44 16.98
C VAL D 18 2.24 35.36 18.06
N ASN D 19 1.36 35.34 19.04
CA ASN D 19 1.45 34.31 20.08
C ASN D 19 0.84 33.01 19.56
N THR D 20 1.52 31.91 19.82
CA THR D 20 1.08 30.58 19.36
C THR D 20 0.91 29.57 20.45
N GLY D 21 0.11 28.54 20.19
CA GLY D 21 -0.07 27.37 21.01
C GLY D 21 -0.53 26.18 20.18
N ILE D 22 -0.08 24.98 20.57
CA ILE D 22 -0.51 23.75 19.92
C ILE D 22 -1.06 22.82 21.01
N TYR D 23 -2.31 22.36 20.83
CA TYR D 23 -2.88 21.39 21.74
C TYR D 23 -3.17 20.08 20.95
N LEU D 24 -2.42 19.04 21.28
CA LEU D 24 -2.51 17.74 20.60
C LEU D 24 -3.79 16.97 20.98
N ILE D 25 -4.54 16.59 19.96
CA ILE D 25 -5.80 15.87 20.13
C ILE D 25 -5.54 14.39 19.81
N GLU D 26 -4.84 14.12 18.71
CA GLU D 26 -4.41 12.75 18.36
CA GLU D 26 -4.42 12.74 18.35
C GLU D 26 -2.96 12.73 17.81
N CYS D 27 -2.20 11.72 18.19
CA CYS D 27 -0.90 11.35 17.61
C CYS D 27 -1.04 9.89 17.17
N TYR D 28 -0.76 9.65 15.93
CA TYR D 28 -0.82 8.29 15.36
C TYR D 28 0.19 8.09 14.21
N SER D 29 0.39 6.81 13.88
CA SER D 29 1.17 6.31 12.75
C SER D 29 2.62 6.85 12.73
N LEU D 30 3.40 6.59 13.80
CA LEU D 30 4.80 6.78 13.77
C LEU D 30 5.38 5.68 12.86
N ASP D 31 5.76 6.05 11.65
CA ASP D 31 6.33 5.17 10.66
C ASP D 31 7.87 5.32 10.72
N ASP D 32 8.54 4.28 11.21
CA ASP D 32 9.99 4.22 11.41
C ASP D 32 10.77 4.34 10.10
N LYS D 33 10.34 3.57 9.08
CA LYS D 33 10.99 3.59 7.76
C LYS D 33 10.91 4.94 7.09
N ALA D 34 9.73 5.57 7.07
CA ALA D 34 9.56 6.91 6.45
C ALA D 34 10.01 8.07 7.35
N GLU D 35 10.15 7.81 8.67
CA GLU D 35 10.52 8.83 9.65
C GLU D 35 9.48 9.94 9.73
N THR D 36 8.21 9.49 9.73
CA THR D 36 7.04 10.37 9.80
C THR D 36 6.10 9.97 10.92
N PHE D 37 5.22 10.90 11.30
CA PHE D 37 4.13 10.68 12.24
C PHE D 37 2.96 11.60 11.85
N LYS D 38 1.76 11.16 12.11
CA LYS D 38 0.58 11.95 11.80
C LYS D 38 0.08 12.63 13.08
N VAL D 39 -0.42 13.85 12.93
CA VAL D 39 -0.91 14.61 14.06
C VAL D 39 -2.25 15.29 13.75
N ASN D 40 -3.10 15.41 14.77
CA ASN D 40 -4.37 16.09 14.72
C ASN D 40 -4.39 16.96 15.98
N ALA D 41 -4.55 18.25 15.81
CA ALA D 41 -4.31 19.21 16.89
C ALA D 41 -5.02 20.53 16.71
N PHE D 42 -5.13 21.30 17.82
CA PHE D 42 -5.55 22.69 17.79
C PHE D 42 -4.33 23.57 17.59
N LEU D 43 -4.45 24.56 16.71
CA LEU D 43 -3.48 25.65 16.63
C LEU D 43 -4.17 26.91 17.07
N SER D 44 -3.65 27.53 18.13
CA SER D 44 -4.18 28.82 18.62
C SER D 44 -3.24 29.96 18.25
N LEU D 45 -3.78 31.07 17.80
CA LEU D 45 -2.99 32.26 17.40
C LEU D 45 -3.58 33.51 18.08
N SER D 46 -2.69 34.41 18.51
CA SER D 46 -3.08 35.69 19.09
C SER D 46 -2.18 36.85 18.70
N TRP D 47 -2.79 37.96 18.32
CA TRP D 47 -2.04 39.19 17.95
C TRP D 47 -2.95 40.44 18.14
N LYS D 48 -2.32 41.60 18.18
CA LYS D 48 -3.01 42.90 18.33
C LYS D 48 -3.23 43.56 16.97
N ASP D 49 -4.49 43.86 16.64
CA ASP D 49 -4.82 44.67 15.48
C ASP D 49 -5.71 45.86 15.95
N ARG D 50 -5.08 47.00 16.20
CA ARG D 50 -5.75 48.23 16.71
C ARG D 50 -6.87 48.76 15.82
N ARG D 51 -6.80 48.51 14.51
CA ARG D 51 -7.86 48.85 13.56
C ARG D 51 -9.18 48.15 13.85
N LEU D 52 -9.15 47.09 14.66
CA LEU D 52 -10.34 46.33 15.05
C LEU D 52 -10.84 46.70 16.45
N ALA D 53 -10.16 47.61 17.13
CA ALA D 53 -10.60 48.07 18.46
C ALA D 53 -12.03 48.67 18.38
N PHE D 54 -12.76 48.54 19.48
CA PHE D 54 -14.14 49.05 19.56
C PHE D 54 -14.48 49.40 21.00
N ASP D 55 -15.60 50.13 21.16
CA ASP D 55 -16.02 50.57 22.47
C ASP D 55 -17.08 49.59 22.99
N PRO D 56 -16.84 49.01 24.20
CA PRO D 56 -17.79 48.00 24.73
C PRO D 56 -19.16 48.60 25.12
N VAL D 57 -19.11 49.72 25.88
CA VAL D 57 -20.30 50.52 26.29
C VAL D 57 -21.15 50.91 25.04
N ARG D 58 -20.52 51.48 24.00
CA ARG D 58 -21.22 51.83 22.76
C ARG D 58 -21.78 50.61 22.01
N SER D 59 -20.90 49.67 21.63
CA SER D 59 -21.31 48.51 20.80
C SER D 59 -22.23 47.52 21.53
N GLY D 60 -22.21 47.53 22.86
CA GLY D 60 -23.07 46.67 23.69
C GLY D 60 -22.66 45.21 23.74
N VAL D 61 -21.42 44.92 23.34
CA VAL D 61 -20.87 43.56 23.26
C VAL D 61 -19.42 43.59 23.80
N ARG D 62 -19.01 42.55 24.52
CA ARG D 62 -17.63 42.48 25.02
C ARG D 62 -16.65 41.89 24.00
N VAL D 63 -17.20 41.15 23.05
CA VAL D 63 -16.40 40.42 22.06
C VAL D 63 -17.11 40.46 20.74
N LYS D 64 -16.33 40.54 19.66
CA LYS D 64 -16.85 40.35 18.32
C LYS D 64 -16.25 39.11 17.64
N THR D 65 -17.05 38.48 16.80
CA THR D 65 -16.70 37.31 16.02
C THR D 65 -16.51 37.72 14.60
N TYR D 66 -15.47 37.23 13.93
CA TYR D 66 -15.30 37.48 12.48
C TYR D 66 -15.08 36.19 11.73
N GLU D 67 -15.24 36.28 10.42
CA GLU D 67 -14.84 35.26 9.46
C GLU D 67 -13.44 35.60 8.92
N PRO D 68 -12.65 34.57 8.58
CA PRO D 68 -11.23 34.80 8.21
C PRO D 68 -10.97 35.76 7.05
N GLU D 69 -11.92 35.84 6.12
CA GLU D 69 -11.77 36.70 4.93
C GLU D 69 -12.00 38.15 5.30
N ALA D 70 -12.79 38.44 6.34
CA ALA D 70 -13.05 39.80 6.78
C ALA D 70 -11.87 40.54 7.39
N ILE D 71 -10.92 39.82 8.00
CA ILE D 71 -9.77 40.48 8.65
C ILE D 71 -8.41 39.94 8.18
N TRP D 72 -7.33 40.62 8.61
CA TRP D 72 -5.97 40.19 8.34
C TRP D 72 -5.63 39.05 9.32
N ILE D 73 -5.06 37.97 8.75
CA ILE D 73 -4.59 36.80 9.51
C ILE D 73 -3.16 36.51 9.07
N PRO D 74 -2.23 36.29 10.03
CA PRO D 74 -0.86 35.91 9.62
C PRO D 74 -0.83 34.54 8.88
N GLU D 75 0.01 34.46 7.84
CA GLU D 75 0.26 33.24 7.11
C GLU D 75 1.24 32.41 7.93
N ILE D 76 0.68 31.54 8.79
CA ILE D 76 1.46 30.62 9.57
C ILE D 76 1.60 29.26 8.82
N ARG D 77 2.82 28.77 8.73
CA ARG D 77 3.07 27.46 8.13
C ARG D 77 3.91 26.56 9.04
N PHE D 78 3.90 25.26 8.72
CA PHE D 78 4.76 24.27 9.32
C PHE D 78 5.95 24.07 8.37
N VAL D 79 7.16 23.98 8.93
CA VAL D 79 8.33 23.71 8.13
C VAL D 79 8.33 22.24 7.68
N ASN D 80 8.32 21.31 8.62
CA ASN D 80 8.60 19.88 8.39
C ASN D 80 7.34 18.98 8.18
N VAL D 81 6.50 19.39 7.23
CA VAL D 81 5.32 18.67 6.79
C VAL D 81 5.41 18.23 5.34
N GLU D 82 4.79 17.08 5.01
CA GLU D 82 4.82 16.56 3.64
C GLU D 82 4.09 17.54 2.68
N ASN D 83 2.87 17.84 3.02
CA ASN D 83 1.99 18.76 2.30
C ASN D 83 1.48 19.76 3.31
N ALA D 84 0.95 20.89 2.86
CA ALA D 84 0.33 21.88 3.74
C ALA D 84 -0.76 21.16 4.60
N ARG D 85 -0.91 21.60 5.84
CA ARG D 85 -1.90 21.07 6.75
C ARG D 85 -3.35 21.17 6.24
N ASP D 86 -4.18 20.21 6.66
CA ASP D 86 -5.61 20.28 6.45
C ASP D 86 -6.12 21.06 7.64
N ALA D 87 -6.53 22.30 7.43
CA ALA D 87 -7.06 23.14 8.54
C ALA D 87 -8.52 23.59 8.38
N ASP D 88 -9.25 23.58 9.51
CA ASP D 88 -10.57 24.17 9.61
CA ASP D 88 -10.57 24.19 9.61
C ASP D 88 -10.61 25.18 10.77
N VAL D 89 -11.00 26.41 10.48
CA VAL D 89 -11.09 27.46 11.49
C VAL D 89 -12.26 27.14 12.44
N VAL D 90 -12.01 27.18 13.73
CA VAL D 90 -13.02 26.91 14.76
C VAL D 90 -13.63 28.25 15.25
N ASP D 91 -12.79 29.26 15.52
CA ASP D 91 -13.25 30.51 16.06
C ASP D 91 -12.23 31.67 15.88
N ILE D 92 -12.75 32.89 15.66
CA ILE D 92 -12.04 34.12 15.66
C ILE D 92 -12.82 35.09 16.55
N SER D 93 -12.18 35.50 17.65
CA SER D 93 -12.74 36.41 18.68
C SER D 93 -11.87 37.68 18.80
N VAL D 94 -12.53 38.85 18.79
CA VAL D 94 -11.84 40.11 18.94
C VAL D 94 -12.31 40.84 20.20
N SER D 95 -11.36 41.18 21.08
CA SER D 95 -11.69 41.89 22.32
C SER D 95 -11.65 43.44 22.05
N PRO D 96 -12.16 44.29 22.98
CA PRO D 96 -12.32 45.75 22.68
C PRO D 96 -11.04 46.52 22.27
N ASP D 97 -9.90 46.10 22.80
CA ASP D 97 -8.60 46.71 22.48
C ASP D 97 -7.97 46.21 21.16
N GLY D 98 -8.69 45.37 20.43
CA GLY D 98 -8.26 44.81 19.16
C GLY D 98 -7.39 43.54 19.25
N THR D 99 -7.38 42.85 20.40
CA THR D 99 -6.67 41.60 20.53
C THR D 99 -7.49 40.49 19.85
N VAL D 100 -6.89 39.90 18.83
CA VAL D 100 -7.51 38.78 18.08
C VAL D 100 -7.13 37.45 18.72
N GLN D 101 -8.13 36.56 18.90
CA GLN D 101 -7.96 35.18 19.35
C GLN D 101 -8.43 34.26 18.21
N TYR D 102 -7.47 33.57 17.63
CA TYR D 102 -7.71 32.65 16.51
C TYR D 102 -7.54 31.21 16.95
N LEU D 103 -8.47 30.33 16.54
CA LEU D 103 -8.37 28.90 16.79
C LEU D 103 -8.77 28.07 15.59
N GLU D 104 -7.85 27.19 15.17
CA GLU D 104 -8.10 26.20 14.13
C GLU D 104 -7.79 24.79 14.61
N ARG D 105 -8.48 23.83 14.02
CA ARG D 105 -8.15 22.43 14.21
C ARG D 105 -7.50 21.96 12.91
N PHE D 106 -6.35 21.32 13.02
CA PHE D 106 -5.65 20.82 11.82
C PHE D 106 -5.17 19.37 11.96
N SER D 107 -4.86 18.77 10.83
CA SER D 107 -4.22 17.46 10.73
C SER D 107 -3.04 17.61 9.74
N ALA D 108 -1.96 16.92 10.03
CA ALA D 108 -0.75 16.95 9.18
C ALA D 108 0.14 15.74 9.33
N ARG D 109 0.89 15.46 8.26
CA ARG D 109 1.89 14.39 8.26
C ARG D 109 3.23 15.08 8.44
N VAL D 110 3.91 14.80 9.53
CA VAL D 110 5.16 15.46 9.91
C VAL D 110 6.42 14.63 9.66
N LEU D 111 7.43 15.23 9.03
CA LEU D 111 8.76 14.65 8.81
C LEU D 111 9.62 14.97 10.03
N SER D 112 10.12 13.97 10.69
CA SER D 112 11.01 14.22 11.83
C SER D 112 12.02 13.07 11.95
N PRO D 113 13.30 13.42 11.87
CA PRO D 113 14.38 12.37 11.88
C PRO D 113 14.46 11.58 13.18
N LEU D 114 14.71 10.28 13.06
CA LEU D 114 14.80 9.38 14.19
C LEU D 114 16.21 8.79 14.31
N ASP D 115 16.71 8.67 15.54
CA ASP D 115 18.02 8.10 15.83
C ASP D 115 17.83 6.63 16.25
N PHE D 116 18.21 5.71 15.36
CA PHE D 116 18.01 4.27 15.63
C PHE D 116 19.16 3.53 16.33
N ARG D 117 20.21 4.24 16.74
CA ARG D 117 21.40 3.67 17.39
C ARG D 117 21.09 2.66 18.50
N ARG D 118 20.10 2.99 19.34
CA ARG D 118 19.75 2.08 20.48
C ARG D 118 18.47 1.29 20.31
N TYR D 119 17.97 1.19 19.07
CA TYR D 119 16.78 0.38 18.72
C TYR D 119 16.91 -1.09 19.20
N PRO D 120 15.86 -1.71 19.81
CA PRO D 120 14.54 -1.16 20.06
C PRO D 120 14.37 -0.49 21.46
N PHE D 121 15.47 -0.11 22.10
CA PHE D 121 15.47 0.53 23.43
C PHE D 121 15.75 2.04 23.29
N ASP D 122 15.23 2.63 22.22
CA ASP D 122 15.45 4.02 21.86
C ASP D 122 14.37 4.98 22.34
N SER D 123 14.78 6.25 22.47
CA SER D 123 13.93 7.39 22.77
C SER D 123 14.08 8.41 21.64
N GLN D 124 13.07 9.20 21.42
CA GLN D 124 13.12 10.17 20.34
C GLN D 124 12.55 11.52 20.79
N THR D 125 12.98 12.57 20.09
CA THR D 125 12.44 13.92 20.23
C THR D 125 11.85 14.28 18.89
N LEU D 126 10.54 14.19 18.78
CA LEU D 126 9.84 14.61 17.54
C LEU D 126 9.70 16.16 17.57
N HIS D 127 9.84 16.77 16.40
CA HIS D 127 9.70 18.21 16.25
C HIS D 127 8.52 18.61 15.35
N ILE D 128 7.82 19.68 15.72
CA ILE D 128 6.89 20.36 14.88
C ILE D 128 7.37 21.82 14.82
N TYR D 129 7.89 22.24 13.69
CA TYR D 129 8.38 23.60 13.47
C TYR D 129 7.34 24.55 12.90
N LEU D 130 6.97 25.55 13.70
CA LEU D 130 6.02 26.61 13.29
C LEU D 130 6.81 27.78 12.70
N ILE D 131 6.31 28.34 11.62
CA ILE D 131 7.00 29.42 10.93
C ILE D 131 6.10 30.53 10.33
N VAL D 132 6.65 31.76 10.31
CA VAL D 132 6.03 32.91 9.67
C VAL D 132 7.06 33.76 8.97
N ARG D 133 6.69 34.27 7.81
CA ARG D 133 7.55 35.11 6.98
C ARG D 133 7.13 36.60 7.17
N SER D 134 8.12 37.44 7.35
CA SER D 134 7.95 38.90 7.45
C SER D 134 7.52 39.50 6.13
N VAL D 135 6.85 40.64 6.20
CA VAL D 135 6.41 41.40 5.01
C VAL D 135 7.22 42.67 4.88
N ASP D 136 7.11 43.36 3.74
CA ASP D 136 7.91 44.58 3.44
C ASP D 136 7.60 45.70 4.43
N THR D 137 6.34 45.75 4.82
CA THR D 137 5.82 46.76 5.65
C THR D 137 6.12 46.48 7.15
N ARG D 138 6.56 45.28 7.55
CA ARG D 138 6.62 44.86 8.99
C ARG D 138 7.36 43.56 9.24
N ASN D 139 8.18 43.48 10.29
CA ASN D 139 8.77 42.25 10.77
C ASN D 139 7.75 41.48 11.67
N ILE D 140 7.54 40.18 11.37
CA ILE D 140 6.55 39.42 12.12
C ILE D 140 7.30 38.29 12.85
N VAL D 141 6.97 38.14 14.10
CA VAL D 141 7.83 37.34 15.02
C VAL D 141 6.86 36.47 15.84
N LEU D 142 7.29 35.20 16.12
CA LEU D 142 6.41 34.27 16.84
C LEU D 142 6.80 34.18 18.32
N ALA D 143 5.81 33.91 19.17
CA ALA D 143 6.02 33.61 20.57
C ALA D 143 5.10 32.43 20.99
N VAL D 144 5.42 31.85 22.14
CA VAL D 144 4.71 30.76 22.74
C VAL D 144 3.84 31.24 23.93
N ASP D 145 2.53 30.99 23.89
CA ASP D 145 1.68 31.12 25.02
C ASP D 145 1.59 29.71 25.66
N LEU D 146 2.37 29.54 26.71
CA LEU D 146 2.51 28.28 27.48
C LEU D 146 1.18 27.75 28.02
N GLU D 147 0.23 28.64 28.30
CA GLU D 147 -1.10 28.23 28.78
C GLU D 147 -1.92 27.54 27.68
N LYS D 148 -1.52 27.72 26.42
CA LYS D 148 -2.18 27.13 25.26
C LYS D 148 -1.37 26.00 24.55
N VAL D 149 -0.37 25.45 25.25
CA VAL D 149 0.42 24.32 24.84
C VAL D 149 0.07 23.13 25.73
N GLY D 150 -0.28 22.03 25.11
CA GLY D 150 -0.66 20.83 25.86
C GLY D 150 -1.03 19.67 24.93
N LYS D 151 -1.59 18.66 25.58
CA LYS D 151 -2.08 17.44 24.90
C LYS D 151 -3.21 16.78 25.68
N ASN D 152 -4.15 16.16 24.99
CA ASN D 152 -5.23 15.46 25.66
C ASN D 152 -4.64 14.14 26.33
N ASP D 153 -5.23 13.78 27.47
CA ASP D 153 -4.70 12.70 28.35
C ASP D 153 -4.75 11.33 27.66
N ASP D 154 -5.76 11.13 26.83
CA ASP D 154 -5.94 9.95 25.96
C ASP D 154 -5.01 9.82 24.72
N VAL D 155 -4.27 10.87 24.31
CA VAL D 155 -3.30 10.77 23.17
C VAL D 155 -2.41 9.55 23.48
N PHE D 156 -2.45 8.58 22.58
CA PHE D 156 -1.65 7.37 22.60
C PHE D 156 -0.97 7.25 21.23
N LEU D 157 0.30 6.89 21.24
CA LEU D 157 1.06 6.65 20.03
C LEU D 157 1.45 5.17 20.08
N THR D 158 0.75 4.34 19.28
CA THR D 158 0.88 2.88 19.42
C THR D 158 2.34 2.43 19.25
N GLY D 159 2.80 1.66 20.21
CA GLY D 159 4.19 1.20 20.28
C GLY D 159 5.15 2.16 20.99
N TRP D 160 4.62 3.27 21.50
CA TRP D 160 5.41 4.31 22.18
C TRP D 160 4.75 4.83 23.45
N ASP D 161 5.59 5.31 24.38
CA ASP D 161 5.18 6.06 25.57
C ASP D 161 5.46 7.54 25.31
N ILE D 162 4.49 8.36 25.61
CA ILE D 162 4.62 9.82 25.44
C ILE D 162 5.11 10.42 26.76
N GLU D 163 6.28 11.04 26.75
CA GLU D 163 6.84 11.68 27.95
C GLU D 163 6.41 13.14 28.16
N SER D 164 6.64 14.01 27.19
CA SER D 164 6.27 15.42 27.32
C SER D 164 6.10 16.09 25.94
N PHE D 165 5.35 17.19 25.96
CA PHE D 165 5.12 18.06 24.84
C PHE D 165 5.36 19.48 25.32
N THR D 166 6.48 20.03 24.93
CA THR D 166 6.89 21.40 25.29
C THR D 166 7.35 22.18 24.07
N ALA D 167 7.48 23.51 24.22
CA ALA D 167 7.95 24.39 23.17
C ALA D 167 9.20 25.15 23.62
N VAL D 168 10.15 25.31 22.72
CA VAL D 168 11.33 26.14 22.97
C VAL D 168 10.81 27.59 22.74
N VAL D 169 10.67 28.30 23.85
CA VAL D 169 10.01 29.66 23.90
C VAL D 169 10.65 30.75 23.03
N LYS D 170 11.97 30.70 22.82
CA LYS D 170 12.65 31.68 21.98
C LYS D 170 12.68 31.21 20.52
N PRO D 171 12.16 32.07 19.63
CA PRO D 171 12.16 31.67 18.21
C PRO D 171 13.53 31.74 17.54
N ALA D 172 13.68 31.05 16.44
CA ALA D 172 14.90 31.17 15.64
C ALA D 172 14.56 32.14 14.50
N ASN D 173 15.04 33.38 14.66
CA ASN D 173 14.86 34.46 13.66
C ASN D 173 16.02 34.45 12.65
N PHE D 174 15.72 34.36 11.38
CA PHE D 174 16.78 34.29 10.35
C PHE D 174 16.26 34.74 8.98
N ALA D 175 17.20 35.01 8.07
CA ALA D 175 16.91 35.50 6.74
C ALA D 175 16.83 34.35 5.72
N LEU D 176 15.77 34.35 4.93
CA LEU D 176 15.55 33.37 3.88
C LEU D 176 14.87 34.07 2.73
N GLU D 177 15.60 34.10 1.60
CA GLU D 177 15.17 34.77 0.37
C GLU D 177 14.87 36.26 0.59
N ASP D 178 15.83 36.98 1.20
CA ASP D 178 15.73 38.36 1.55
C ASP D 178 14.53 38.84 2.39
N ARG D 179 13.92 37.95 3.17
CA ARG D 179 13.00 38.33 4.23
C ARG D 179 13.29 37.62 5.52
N LEU D 180 12.90 38.22 6.62
CA LEU D 180 13.01 37.63 7.94
C LEU D 180 11.97 36.52 8.10
N GLU D 181 12.37 35.47 8.76
CA GLU D 181 11.54 34.31 9.02
C GLU D 181 11.69 33.99 10.54
N SER D 182 10.55 33.76 11.21
CA SER D 182 10.52 33.50 12.63
C SER D 182 10.01 32.06 12.89
N LYS D 183 10.87 31.23 13.45
CA LYS D 183 10.62 29.78 13.60
C LYS D 183 10.58 29.29 15.05
N LEU D 184 9.48 28.59 15.45
CA LEU D 184 9.38 27.96 16.76
C LEU D 184 9.49 26.44 16.70
N ASP D 185 10.10 25.85 17.72
CA ASP D 185 10.33 24.41 17.87
C ASP D 185 9.45 23.78 18.98
N TYR D 186 8.37 23.09 18.56
CA TYR D 186 7.54 22.32 19.46
C TYR D 186 8.05 20.88 19.52
N GLN D 187 8.34 20.42 20.71
CA GLN D 187 9.05 19.12 20.96
C GLN D 187 8.19 18.09 21.67
N LEU D 188 8.02 16.94 21.02
CA LEU D 188 7.25 15.81 21.54
C LEU D 188 8.23 14.67 21.88
N ARG D 189 8.48 14.48 23.15
CA ARG D 189 9.46 13.49 23.66
C ARG D 189 8.77 12.15 23.88
N ILE D 190 9.31 11.12 23.22
CA ILE D 190 8.72 9.77 23.29
C ILE D 190 9.80 8.69 23.52
N SER D 191 9.37 7.55 24.06
CA SER D 191 10.25 6.41 24.26
C SER D 191 9.56 5.14 23.81
N ARG D 192 10.32 4.31 23.10
CA ARG D 192 9.80 3.07 22.51
C ARG D 192 9.46 2.02 23.56
N GLN D 193 8.32 1.37 23.34
CA GLN D 193 7.84 0.23 24.15
C GLN D 193 8.56 -0.98 23.55
N TYR D 194 9.67 -1.34 24.21
CA TYR D 194 10.56 -2.43 23.75
C TYR D 194 10.00 -3.85 24.07
N PHE D 195 9.00 -3.91 24.96
CA PHE D 195 8.44 -5.17 25.48
C PHE D 195 8.32 -6.31 24.46
N SER D 196 7.51 -6.14 23.40
CA SER D 196 7.21 -7.20 22.45
C SER D 196 8.43 -7.73 21.67
N TYR D 197 9.51 -6.93 21.56
CA TYR D 197 10.72 -7.35 20.88
C TYR D 197 11.41 -8.56 21.59
N ILE D 198 11.20 -8.66 22.91
CA ILE D 198 11.76 -9.72 23.72
C ILE D 198 11.21 -11.10 23.37
N PRO D 199 9.88 -11.38 23.51
CA PRO D 199 9.31 -12.69 23.16
C PRO D 199 9.27 -12.98 21.64
N ASN D 200 9.21 -11.93 20.82
CA ASN D 200 9.05 -12.09 19.36
C ASN D 200 10.32 -12.13 18.51
N ILE D 201 11.41 -11.45 18.91
CA ILE D 201 12.62 -11.44 18.16
C ILE D 201 13.84 -11.87 18.99
N ILE D 202 14.10 -11.22 20.10
CA ILE D 202 15.33 -11.45 20.87
C ILE D 202 15.45 -12.89 21.45
N LEU D 203 14.44 -13.37 22.20
CA LEU D 203 14.48 -14.69 22.75
C LEU D 203 14.49 -15.81 21.67
N PRO D 204 13.61 -15.77 20.63
CA PRO D 204 13.66 -16.78 19.59
C PRO D 204 15.04 -16.85 18.92
N MET D 205 15.67 -15.70 18.70
CA MET D 205 17.00 -15.61 18.10
C MET D 205 18.08 -16.23 19.01
N LEU D 206 17.94 -16.07 20.33
CA LEU D 206 18.84 -16.68 21.31
C LEU D 206 18.65 -18.20 21.40
N PHE D 207 17.39 -18.66 21.36
CA PHE D 207 17.06 -20.09 21.41
C PHE D 207 17.67 -20.87 20.26
N ILE D 208 17.54 -20.36 19.02
CA ILE D 208 18.12 -21.05 17.85
C ILE D 208 19.63 -21.09 17.90
N LEU D 209 20.27 -20.01 18.41
CA LEU D 209 21.71 -19.92 18.57
C LEU D 209 22.20 -20.98 19.59
N PHE D 210 21.51 -21.09 20.73
CA PHE D 210 21.84 -22.05 21.77
C PHE D 210 21.61 -23.50 21.28
N ILE D 211 20.62 -23.70 20.39
CA ILE D 211 20.35 -24.98 19.76
C ILE D 211 21.52 -25.40 18.86
N SER D 212 22.12 -24.43 18.13
CA SER D 212 23.28 -24.71 17.30
C SER D 212 24.47 -25.22 18.15
N TRP D 213 24.57 -24.77 19.39
CA TRP D 213 25.67 -25.12 20.30
C TRP D 213 25.57 -26.56 20.87
N THR D 214 24.44 -27.26 20.64
CA THR D 214 24.31 -28.65 21.00
C THR D 214 25.28 -29.54 20.17
N ALA D 215 25.76 -29.04 19.04
CA ALA D 215 26.72 -29.66 18.16
C ALA D 215 28.04 -29.94 18.88
N PHE D 216 28.30 -29.21 19.97
CA PHE D 216 29.52 -29.36 20.79
C PHE D 216 29.42 -30.58 21.75
N TRP D 217 28.28 -31.28 21.75
CA TRP D 217 28.04 -32.49 22.52
C TRP D 217 27.68 -33.65 21.56
N SER D 218 28.07 -33.52 20.28
CA SER D 218 27.85 -34.51 19.26
C SER D 218 29.07 -34.73 18.37
N THR D 219 29.32 -36.00 18.06
CA THR D 219 30.37 -36.49 17.18
C THR D 219 29.77 -36.80 15.79
N SER D 220 28.44 -36.75 15.62
CA SER D 220 27.84 -36.96 14.32
C SER D 220 27.95 -35.68 13.45
N TYR D 221 28.86 -35.70 12.47
CA TYR D 221 29.08 -34.63 11.51
C TYR D 221 27.82 -34.21 10.71
N GLU D 222 27.10 -35.22 10.22
CA GLU D 222 25.89 -35.09 9.40
C GLU D 222 24.81 -34.32 10.22
N ALA D 223 24.66 -34.68 11.51
CA ALA D 223 23.70 -34.09 12.40
C ALA D 223 24.13 -32.66 12.79
N ASN D 224 25.43 -32.47 12.99
CA ASN D 224 26.04 -31.18 13.33
C ASN D 224 25.83 -30.18 12.19
N VAL D 225 26.09 -30.58 10.94
CA VAL D 225 25.91 -29.75 9.79
C VAL D 225 24.42 -29.32 9.71
N THR D 226 23.49 -30.25 9.96
CA THR D 226 22.07 -29.99 9.98
C THR D 226 21.71 -29.00 11.09
N LEU D 227 22.27 -29.17 12.29
CA LEU D 227 22.03 -28.27 13.42
C LEU D 227 22.48 -26.82 13.16
N VAL D 228 23.72 -26.63 12.70
CA VAL D 228 24.30 -25.31 12.51
C VAL D 228 23.76 -24.58 11.24
N VAL D 229 23.59 -25.27 10.14
CA VAL D 229 23.09 -24.71 8.92
C VAL D 229 21.59 -24.33 8.99
N SER D 230 20.76 -25.20 9.58
CA SER D 230 19.34 -24.93 9.73
C SER D 230 19.04 -23.73 10.62
N THR D 231 19.75 -23.63 11.76
CA THR D 231 19.62 -22.53 12.70
C THR D 231 20.12 -21.21 12.09
N LEU D 232 21.18 -21.29 11.25
CA LEU D 232 21.74 -20.14 10.56
C LEU D 232 20.67 -19.54 9.62
N ILE D 233 19.97 -20.40 8.88
CA ILE D 233 18.92 -20.01 7.97
C ILE D 233 17.77 -19.30 8.73
N ALA D 234 17.40 -19.84 9.90
CA ALA D 234 16.40 -19.24 10.77
C ALA D 234 16.89 -17.85 11.26
N HIS D 235 18.21 -17.70 11.50
CA HIS D 235 18.81 -16.45 11.92
C HIS D 235 18.74 -15.41 10.78
N ILE D 236 18.95 -15.87 9.53
CA ILE D 236 18.85 -15.05 8.34
C ILE D 236 17.39 -14.49 8.23
N ALA D 237 16.40 -15.34 8.46
CA ALA D 237 14.99 -14.99 8.46
C ALA D 237 14.67 -13.88 9.47
N PHE D 238 15.23 -13.97 10.68
CA PHE D 238 15.07 -12.93 11.70
C PHE D 238 15.78 -11.63 11.31
N ASN D 239 16.99 -11.74 10.70
CA ASN D 239 17.74 -10.58 10.21
C ASN D 239 16.86 -9.84 9.15
N ILE D 240 16.29 -10.57 8.18
CA ILE D 240 15.44 -10.01 7.17
C ILE D 240 14.18 -9.38 7.77
N LEU D 241 13.53 -10.07 8.73
CA LEU D 241 12.35 -9.55 9.43
C LEU D 241 12.66 -8.19 10.11
N VAL D 242 13.76 -8.12 10.83
CA VAL D 242 14.17 -6.92 11.55
C VAL D 242 14.44 -5.75 10.56
N GLU D 243 15.18 -5.99 9.46
CA GLU D 243 15.52 -4.94 8.53
CA GLU D 243 15.52 -4.93 8.55
C GLU D 243 14.32 -4.40 7.70
N THR D 244 13.20 -5.15 7.66
CA THR D 244 11.97 -4.68 7.02
C THR D 244 11.21 -3.66 7.86
N ASN D 245 11.46 -3.64 9.17
CA ASN D 245 10.88 -2.74 10.13
C ASN D 245 11.68 -1.45 10.23
N LEU D 246 12.85 -1.43 9.65
CA LEU D 246 13.77 -0.30 9.78
C LEU D 246 14.28 0.31 8.48
N PRO D 247 14.52 1.64 8.48
CA PRO D 247 15.20 2.25 7.34
C PRO D 247 16.71 1.83 7.32
N LYS D 248 17.36 2.08 6.20
CA LYS D 248 18.77 1.89 6.07
C LYS D 248 19.46 3.07 6.77
N THR D 249 20.38 2.77 7.67
CA THR D 249 21.12 3.79 8.42
C THR D 249 22.61 3.84 8.08
N PRO D 250 23.24 5.03 8.10
CA PRO D 250 24.70 5.08 7.82
C PRO D 250 25.54 4.72 9.06
N TYR D 251 24.93 4.03 10.02
CA TYR D 251 25.54 3.61 11.29
C TYR D 251 24.91 2.28 11.72
N MET D 252 25.54 1.61 12.69
CA MET D 252 25.04 0.39 13.24
C MET D 252 24.02 0.66 14.34
N THR D 253 22.90 -0.07 14.34
CA THR D 253 21.97 -0.04 15.44
C THR D 253 22.39 -1.14 16.42
N TYR D 254 21.91 -1.05 17.67
CA TYR D 254 22.26 -2.01 18.72
C TYR D 254 21.83 -3.44 18.34
N THR D 255 20.59 -3.60 17.85
CA THR D 255 20.05 -4.88 17.39
C THR D 255 20.81 -5.38 16.15
N GLY D 256 21.09 -4.46 15.22
CA GLY D 256 21.86 -4.75 14.02
C GLY D 256 23.24 -5.31 14.32
N ALA D 257 23.90 -4.75 15.35
CA ALA D 257 25.23 -5.16 15.83
C ALA D 257 25.21 -6.56 16.43
N ILE D 258 24.20 -6.90 17.25
CA ILE D 258 24.01 -8.22 17.82
C ILE D 258 23.73 -9.23 16.70
N ILE D 259 22.79 -8.90 15.80
CA ILE D 259 22.44 -9.75 14.66
C ILE D 259 23.67 -10.07 13.81
N PHE D 260 24.47 -9.05 13.49
CA PHE D 260 25.69 -9.20 12.68
C PHE D 260 26.73 -10.09 13.42
N MET D 261 26.92 -9.85 14.71
CA MET D 261 27.86 -10.56 15.52
C MET D 261 27.50 -12.07 15.56
N ILE D 262 26.21 -12.40 15.70
CA ILE D 262 25.75 -13.76 15.76
C ILE D 262 26.17 -14.58 14.52
N TYR D 263 26.27 -13.94 13.34
CA TYR D 263 26.75 -14.58 12.10
C TYR D 263 28.19 -15.14 12.29
N LEU D 264 29.03 -14.37 12.97
CA LEU D 264 30.42 -14.74 13.25
C LEU D 264 30.45 -16.01 14.15
N PHE D 265 29.53 -16.08 15.13
CA PHE D 265 29.37 -17.25 15.97
C PHE D 265 28.93 -18.50 15.20
N TYR D 266 28.05 -18.31 14.21
CA TYR D 266 27.61 -19.41 13.34
C TYR D 266 28.78 -19.85 12.45
N PHE D 267 29.54 -18.89 11.92
CA PHE D 267 30.67 -19.14 11.05
C PHE D 267 31.77 -19.94 11.77
N VAL D 268 32.15 -19.52 12.98
CA VAL D 268 33.16 -20.20 13.77
C VAL D 268 32.67 -21.62 14.19
N ALA D 269 31.37 -21.76 14.50
CA ALA D 269 30.76 -23.04 14.82
C ALA D 269 30.86 -24.04 13.66
N VAL D 270 30.67 -23.57 12.41
CA VAL D 270 30.82 -24.41 11.21
C VAL D 270 32.32 -24.87 11.10
N ILE D 271 33.28 -23.94 11.33
CA ILE D 271 34.68 -24.25 11.29
C ILE D 271 35.01 -25.38 12.34
N GLU D 272 34.55 -25.22 13.57
CA GLU D 272 34.72 -26.18 14.62
C GLU D 272 34.17 -27.56 14.26
N VAL D 273 32.93 -27.58 13.73
CA VAL D 273 32.27 -28.81 13.30
C VAL D 273 33.06 -29.49 12.16
N THR D 274 33.63 -28.69 11.25
CA THR D 274 34.44 -29.15 10.13
C THR D 274 35.80 -29.73 10.66
N VAL D 275 36.49 -28.98 11.53
CA VAL D 275 37.74 -29.35 12.13
C VAL D 275 37.59 -30.65 12.94
N GLN D 276 36.52 -30.77 13.75
CA GLN D 276 36.19 -31.96 14.51
C GLN D 276 36.10 -33.18 13.60
N HIS D 277 35.28 -33.12 12.54
CA HIS D 277 35.09 -34.22 11.58
C HIS D 277 36.43 -34.60 10.88
N TYR D 278 37.19 -33.61 10.41
CA TYR D 278 38.44 -33.79 9.72
C TYR D 278 39.47 -34.61 10.59
N LEU D 279 39.60 -34.26 11.87
CA LEU D 279 40.47 -34.91 12.80
C LEU D 279 40.05 -36.36 13.09
N LYS D 280 38.73 -36.60 13.22
CA LYS D 280 38.20 -37.92 13.46
CA LYS D 280 38.18 -37.93 13.44
C LYS D 280 38.49 -38.84 12.27
N VAL D 281 38.32 -38.34 11.05
CA VAL D 281 38.58 -39.08 9.83
C VAL D 281 40.10 -39.40 9.68
N GLU D 282 40.93 -38.51 10.20
CA GLU D 282 42.40 -38.61 10.21
C GLU D 282 42.90 -39.47 11.42
N SER D 283 41.98 -40.10 12.15
CA SER D 283 42.28 -40.87 13.35
C SER D 283 42.99 -40.08 14.45
N GLN D 284 42.50 -38.85 14.69
CA GLN D 284 42.93 -38.00 15.81
C GLN D 284 41.73 -37.51 16.64
N PRO D 285 40.90 -38.45 17.19
CA PRO D 285 39.69 -38.04 17.95
C PRO D 285 40.01 -37.39 19.30
N ALA D 286 41.12 -37.78 19.95
CA ALA D 286 41.48 -37.22 21.27
C ALA D 286 41.70 -35.72 21.18
N ARG D 287 42.22 -35.29 20.06
CA ARG D 287 42.48 -33.92 19.77
C ARG D 287 41.19 -33.13 19.44
N ALA D 288 40.33 -33.75 18.61
CA ALA D 288 39.03 -33.27 18.27
C ALA D 288 38.24 -33.04 19.55
N ALA D 289 38.35 -33.99 20.49
CA ALA D 289 37.65 -33.94 21.77
C ALA D 289 38.11 -32.76 22.64
N SER D 290 39.41 -32.38 22.56
CA SER D 290 39.94 -31.23 23.27
C SER D 290 39.36 -29.91 22.76
N ILE D 291 39.27 -29.77 21.43
CA ILE D 291 38.72 -28.60 20.73
C ILE D 291 37.20 -28.48 21.04
N THR D 292 36.47 -29.61 20.98
CA THR D 292 35.04 -29.67 21.24
C THR D 292 34.72 -29.32 22.68
N ARG D 293 35.48 -29.85 23.65
CA ARG D 293 35.27 -29.58 25.09
C ARG D 293 35.54 -28.11 25.41
N ALA D 294 36.57 -27.53 24.80
CA ALA D 294 36.92 -26.12 24.98
C ALA D 294 35.79 -25.23 24.40
N SER D 295 35.25 -25.60 23.22
CA SER D 295 34.18 -24.89 22.52
C SER D 295 32.90 -24.80 23.37
N ARG D 296 32.61 -25.84 24.18
CA ARG D 296 31.45 -25.88 25.06
C ARG D 296 31.45 -24.70 26.06
N ILE D 297 32.64 -24.29 26.49
CA ILE D 297 32.81 -23.13 27.39
C ILE D 297 33.10 -21.85 26.64
N ALA D 298 34.03 -21.87 25.68
CA ALA D 298 34.43 -20.71 24.88
C ALA D 298 33.25 -19.99 24.17
N PHE D 299 32.37 -20.73 23.44
CA PHE D 299 31.22 -20.14 22.77
C PHE D 299 30.28 -19.33 23.70
N PRO D 300 29.71 -19.90 24.79
CA PRO D 300 28.85 -19.11 25.67
C PRO D 300 29.61 -17.96 26.40
N VAL D 301 30.89 -18.18 26.77
CA VAL D 301 31.68 -17.17 27.45
C VAL D 301 31.98 -15.99 26.55
N VAL D 302 32.53 -16.24 25.36
CA VAL D 302 32.83 -15.17 24.38
C VAL D 302 31.52 -14.45 23.97
N PHE D 303 30.39 -15.16 23.90
CA PHE D 303 29.11 -14.57 23.59
C PHE D 303 28.64 -13.61 24.68
N LEU D 304 28.80 -14.00 25.96
CA LEU D 304 28.47 -13.16 27.10
C LEU D 304 29.36 -11.89 27.16
N LEU D 305 30.69 -12.06 27.03
CA LEU D 305 31.63 -10.94 27.06
C LEU D 305 31.40 -9.97 25.91
N ALA D 306 31.20 -10.48 24.69
CA ALA D 306 30.96 -9.65 23.49
C ALA D 306 29.66 -8.82 23.65
N ASN D 307 28.63 -9.40 24.30
CA ASN D 307 27.39 -8.71 24.54
C ASN D 307 27.53 -7.62 25.62
N ILE D 308 28.38 -7.86 26.65
CA ILE D 308 28.67 -6.87 27.68
C ILE D 308 29.40 -5.69 27.00
N ILE D 309 30.39 -5.97 26.16
CA ILE D 309 31.11 -4.92 25.42
C ILE D 309 30.16 -4.10 24.53
N LEU D 310 29.30 -4.76 23.75
CA LEU D 310 28.30 -4.09 22.89
C LEU D 310 27.33 -3.22 23.69
N ALA D 311 26.76 -3.75 24.78
CA ALA D 311 25.85 -3.01 25.65
C ALA D 311 26.54 -1.76 26.24
N PHE D 312 27.82 -1.89 26.57
CA PHE D 312 28.62 -0.79 27.10
C PHE D 312 28.85 0.30 26.02
N LEU D 313 29.24 -0.10 24.81
CA LEU D 313 29.46 0.83 23.70
C LEU D 313 28.19 1.58 23.28
N PHE D 314 27.03 0.93 23.37
CA PHE D 314 25.77 1.53 22.96
C PHE D 314 24.96 2.26 24.07
N PHE D 315 25.14 1.89 25.36
CA PHE D 315 24.30 2.47 26.43
C PHE D 315 25.01 3.30 27.51
N VAL E 5 -24.47 34.50 10.25
CA VAL E 5 -25.50 34.53 11.35
C VAL E 5 -24.70 34.24 12.64
N SER E 6 -25.36 34.09 13.77
CA SER E 6 -24.67 33.86 15.07
C SER E 6 -25.66 33.09 15.99
N PRO E 7 -25.21 32.65 17.18
CA PRO E 7 -26.04 31.61 17.81
C PRO E 7 -27.37 32.12 18.33
N PRO E 8 -28.40 31.26 18.41
CA PRO E 8 -29.67 31.71 18.98
C PRO E 8 -29.47 32.22 20.42
N PRO E 9 -30.15 33.34 20.77
CA PRO E 9 -29.87 33.88 22.11
C PRO E 9 -30.70 33.15 23.16
N PRO E 10 -30.20 33.05 24.40
CA PRO E 10 -30.95 32.34 25.47
C PRO E 10 -32.24 33.09 25.88
N ILE E 11 -33.32 32.38 26.22
CA ILE E 11 -34.47 33.04 26.89
C ILE E 11 -33.95 33.68 28.17
N ALA E 12 -33.06 32.98 28.91
CA ALA E 12 -32.52 33.50 30.15
C ALA E 12 -30.98 33.39 30.22
N ASP E 13 -30.51 32.34 30.89
CA ASP E 13 -29.08 31.97 30.93
C ASP E 13 -28.82 30.42 30.86
N GLU E 14 -29.72 29.71 30.16
CA GLU E 14 -29.59 28.28 29.89
C GLU E 14 -28.59 28.02 28.71
N PRO E 15 -27.86 26.89 28.76
CA PRO E 15 -27.04 26.49 27.62
C PRO E 15 -27.90 26.13 26.42
N LEU E 16 -27.36 26.19 25.20
CA LEU E 16 -28.09 25.65 24.07
C LEU E 16 -27.85 24.09 24.04
N THR E 17 -28.96 23.35 24.05
CA THR E 17 -28.95 21.90 23.90
C THR E 17 -29.02 21.52 22.41
N VAL E 18 -28.00 20.78 21.96
CA VAL E 18 -27.98 20.21 20.62
C VAL E 18 -28.22 18.70 20.79
N ASN E 19 -29.37 18.26 20.31
CA ASN E 19 -29.69 16.83 20.35
C ASN E 19 -28.99 16.14 19.17
N THR E 20 -28.39 15.00 19.46
CA THR E 20 -27.65 14.25 18.42
C THR E 20 -28.11 12.83 18.24
N GLY E 21 -27.80 12.26 17.08
CA GLY E 21 -27.94 10.86 16.76
C GLY E 21 -27.01 10.43 15.65
N ILE E 22 -26.60 9.17 15.71
CA ILE E 22 -25.78 8.55 14.67
C ILE E 22 -26.48 7.27 14.22
N TYR E 23 -26.73 7.14 12.92
CA TYR E 23 -27.30 5.93 12.37
C TYR E 23 -26.28 5.33 11.36
N LEU E 24 -25.72 4.19 11.75
CA LEU E 24 -24.70 3.49 10.95
C LEU E 24 -25.26 2.84 9.71
N ILE E 25 -24.69 3.19 8.56
CA ILE E 25 -25.10 2.67 7.26
C ILE E 25 -24.08 1.59 6.84
N GLU E 26 -22.80 1.88 6.97
CA GLU E 26 -21.73 0.89 6.72
CA GLU E 26 -21.72 0.88 6.74
C GLU E 26 -20.61 0.99 7.79
N CYS E 27 -20.09 -0.17 8.19
CA CYS E 27 -18.87 -0.34 8.97
C CYS E 27 -17.97 -1.26 8.14
N TYR E 28 -16.78 -0.79 7.90
CA TYR E 28 -15.77 -1.57 7.15
C TYR E 28 -14.33 -1.23 7.60
N SER E 29 -13.42 -2.11 7.19
CA SER E 29 -11.97 -2.00 7.34
C SER E 29 -11.52 -1.77 8.79
N LEU E 30 -11.86 -2.68 9.72
CA LEU E 30 -11.26 -2.71 10.99
C LEU E 30 -9.82 -3.20 10.79
N ASP E 31 -8.88 -2.28 10.89
CA ASP E 31 -7.45 -2.53 10.75
C ASP E 31 -6.84 -2.66 12.15
N ASP E 32 -6.46 -3.88 12.50
CA ASP E 32 -5.89 -4.26 13.81
C ASP E 32 -4.57 -3.54 14.09
N LYS E 33 -3.65 -3.53 13.12
CA LYS E 33 -2.33 -2.89 13.25
C LYS E 33 -2.45 -1.40 13.46
N ALA E 34 -3.27 -0.71 12.65
CA ALA E 34 -3.47 0.75 12.79
C ALA E 34 -4.44 1.13 13.93
N GLU E 35 -5.26 0.19 14.39
CA GLU E 35 -6.31 0.41 15.40
C GLU E 35 -7.34 1.44 14.92
N THR E 36 -7.73 1.26 13.66
CA THR E 36 -8.71 2.12 12.99
C THR E 36 -9.86 1.30 12.37
N PHE E 37 -10.95 1.99 12.08
CA PHE E 37 -12.09 1.45 11.37
C PHE E 37 -12.77 2.56 10.58
N LYS E 38 -13.34 2.22 9.44
CA LYS E 38 -14.01 3.19 8.60
C LYS E 38 -15.52 3.12 8.85
N VAL E 39 -16.17 4.26 8.79
CA VAL E 39 -17.60 4.33 9.03
C VAL E 39 -18.30 5.25 8.01
N ASN E 40 -19.53 4.89 7.65
CA ASN E 40 -20.39 5.65 6.79
C ASN E 40 -21.74 5.67 7.50
N ALA E 41 -22.26 6.84 7.77
CA ALA E 41 -23.38 7.01 8.71
C ALA E 41 -24.14 8.30 8.52
N PHE E 42 -25.37 8.34 9.07
CA PHE E 42 -26.15 9.55 9.22
C PHE E 42 -25.80 10.23 10.53
N LEU E 43 -25.62 11.52 10.51
CA LEU E 43 -25.53 12.34 11.72
C LEU E 43 -26.77 13.23 11.74
N SER E 44 -27.58 13.09 12.79
CA SER E 44 -28.76 13.95 12.97
C SER E 44 -28.50 14.98 14.07
N LEU E 45 -28.90 16.23 13.85
CA LEU E 45 -28.75 17.29 14.85
C LEU E 45 -30.11 18.02 15.02
N SER E 46 -30.42 18.38 16.27
CA SER E 46 -31.62 19.15 16.59
C SER E 46 -31.41 20.20 17.67
N TRP E 47 -31.90 21.41 17.43
CA TRP E 47 -31.80 22.51 18.41
C TRP E 47 -32.93 23.54 18.16
N LYS E 48 -33.17 24.40 19.15
CA LYS E 48 -34.19 25.46 19.08
C LYS E 48 -33.56 26.80 18.67
N ASP E 49 -34.06 27.38 17.58
CA ASP E 49 -33.73 28.74 17.18
C ASP E 49 -35.05 29.55 17.03
N ARG E 50 -35.42 30.27 18.09
CA ARG E 50 -36.68 31.06 18.15
C ARG E 50 -36.81 32.14 17.07
N ARG E 51 -35.67 32.66 16.58
CA ARG E 51 -35.64 33.60 15.46
C ARG E 51 -36.23 33.03 14.18
N LEU E 52 -36.35 31.71 14.09
CA LEU E 52 -36.89 31.02 12.92
C LEU E 52 -38.35 30.58 13.12
N ALA E 53 -38.92 30.87 14.29
CA ALA E 53 -40.35 30.53 14.53
C ALA E 53 -41.27 31.23 13.49
N PHE E 54 -42.38 30.60 13.21
CA PHE E 54 -43.39 31.13 12.26
C PHE E 54 -44.78 30.61 12.60
N ASP E 55 -45.82 31.19 12.01
CA ASP E 55 -47.20 30.80 12.31
C ASP E 55 -47.69 29.81 11.27
N PRO E 56 -48.14 28.61 11.70
CA PRO E 56 -48.55 27.57 10.71
C PRO E 56 -49.86 27.97 9.95
N VAL E 57 -50.88 28.39 10.73
CA VAL E 57 -52.17 28.91 10.23
C VAL E 57 -51.95 30.05 9.20
N ARG E 58 -51.14 31.06 9.53
CA ARG E 58 -50.80 32.15 8.60
C ARG E 58 -50.01 31.68 7.39
N SER E 59 -48.84 31.06 7.59
CA SER E 59 -47.93 30.69 6.49
C SER E 59 -48.48 29.58 5.58
N GLY E 60 -49.43 28.77 6.11
CA GLY E 60 -50.06 27.68 5.36
C GLY E 60 -49.17 26.47 5.12
N VAL E 61 -48.08 26.37 5.90
CA VAL E 61 -47.07 25.29 5.79
C VAL E 61 -46.73 24.84 7.21
N ARG E 62 -46.54 23.52 7.41
CA ARG E 62 -46.11 23.02 8.73
C ARG E 62 -44.60 23.07 8.91
N VAL E 63 -43.84 23.17 7.82
CA VAL E 63 -42.40 23.02 7.85
C VAL E 63 -41.79 23.91 6.83
N LYS E 64 -40.63 24.49 7.15
CA LYS E 64 -39.80 25.16 6.18
C LYS E 64 -38.46 24.45 5.99
N THR E 65 -37.93 24.52 4.78
CA THR E 65 -36.66 23.96 4.38
C THR E 65 -35.67 25.05 4.23
N TYR E 66 -34.45 24.87 4.74
CA TYR E 66 -33.36 25.86 4.50
C TYR E 66 -32.14 25.19 3.93
N GLU E 67 -31.26 26.02 3.37
CA GLU E 67 -29.91 25.66 2.96
C GLU E 67 -28.97 26.05 4.13
N PRO E 68 -27.86 25.29 4.30
CA PRO E 68 -26.97 25.50 5.49
C PRO E 68 -26.40 26.90 5.66
N GLU E 69 -26.21 27.61 4.55
CA GLU E 69 -25.62 28.98 4.58
C GLU E 69 -26.65 29.98 5.08
N ALA E 70 -27.94 29.73 4.86
CA ALA E 70 -29.00 30.62 5.30
C ALA E 70 -29.20 30.71 6.81
N ILE E 71 -28.87 29.67 7.58
CA ILE E 71 -29.04 29.70 9.03
C ILE E 71 -27.78 29.36 9.84
N TRP E 72 -27.85 29.56 11.15
CA TRP E 72 -26.81 29.18 12.08
C TRP E 72 -26.89 27.66 12.31
N ILE E 73 -25.72 27.02 12.23
CA ILE E 73 -25.56 25.57 12.49
C ILE E 73 -24.42 25.38 13.49
N PRO E 74 -24.60 24.58 14.54
CA PRO E 74 -23.46 24.32 15.46
C PRO E 74 -22.30 23.57 14.76
N GLU E 75 -21.08 23.95 15.11
CA GLU E 75 -19.85 23.30 14.65
C GLU E 75 -19.66 22.04 15.48
N ILE E 76 -20.21 20.94 14.97
CA ILE E 76 -20.03 19.62 15.57
C ILE E 76 -18.80 18.92 14.94
N ARG E 77 -17.93 18.40 15.77
CA ARG E 77 -16.78 17.60 15.29
C ARG E 77 -16.67 16.26 16.00
N PHE E 78 -15.86 15.39 15.40
CA PHE E 78 -15.48 14.10 15.98
C PHE E 78 -14.10 14.28 16.62
N VAL E 79 -13.93 13.74 17.81
CA VAL E 79 -12.63 13.82 18.48
C VAL E 79 -11.63 12.86 17.81
N ASN E 80 -11.95 11.56 17.76
CA ASN E 80 -11.04 10.49 17.37
C ASN E 80 -11.09 10.07 15.87
N VAL E 81 -10.96 11.06 14.99
CA VAL E 81 -10.89 10.83 13.53
C VAL E 81 -9.54 11.28 12.96
N GLU E 82 -9.09 10.61 11.90
CA GLU E 82 -7.80 10.94 11.29
C GLU E 82 -7.83 12.38 10.69
N ASN E 83 -8.80 12.59 9.83
CA ASN E 83 -9.07 13.87 9.17
C ASN E 83 -10.53 14.19 9.44
N ALA E 84 -10.93 15.46 9.26
CA ALA E 84 -12.31 15.88 9.37
C ALA E 84 -13.18 14.99 8.45
N ARG E 85 -14.40 14.70 8.90
CA ARG E 85 -15.32 13.84 8.15
C ARG E 85 -15.68 14.42 6.76
N ASP E 86 -15.96 13.50 5.83
CA ASP E 86 -16.47 13.86 4.52
C ASP E 86 -17.98 13.89 4.72
N ALA E 87 -18.56 15.09 4.76
CA ALA E 87 -20.03 15.24 4.97
C ALA E 87 -20.81 15.87 3.79
N ASP E 88 -22.01 15.35 3.57
CA ASP E 88 -22.99 15.91 2.64
C ASP E 88 -24.33 16.14 3.40
N VAL E 89 -24.84 17.36 3.40
CA VAL E 89 -26.11 17.67 4.05
C VAL E 89 -27.25 17.04 3.24
N VAL E 90 -28.13 16.32 3.92
CA VAL E 90 -29.29 15.65 3.29
C VAL E 90 -30.53 16.55 3.43
N ASP E 91 -30.78 17.12 4.62
CA ASP E 91 -31.97 17.91 4.86
C ASP E 91 -31.84 18.84 6.09
N ILE E 92 -32.47 20.03 6.01
CA ILE E 92 -32.70 20.94 7.08
C ILE E 92 -34.18 21.30 7.07
N SER E 93 -34.88 20.95 8.16
CA SER E 93 -36.31 21.20 8.38
C SER E 93 -36.53 22.07 9.64
N VAL E 94 -37.36 23.11 9.48
CA VAL E 94 -37.70 23.97 10.61
C VAL E 94 -39.20 23.91 10.92
N SER E 95 -39.56 23.56 12.16
CA SER E 95 -40.95 23.46 12.56
C SER E 95 -41.42 24.87 13.10
N PRO E 96 -42.76 25.08 13.28
CA PRO E 96 -43.27 26.45 13.61
C PRO E 96 -42.68 27.13 14.86
N ASP E 97 -42.33 26.35 15.88
CA ASP E 97 -41.74 26.87 17.11
C ASP E 97 -40.21 27.14 17.02
N GLY E 98 -39.65 26.97 15.83
CA GLY E 98 -38.23 27.19 15.55
C GLY E 98 -37.30 26.00 15.87
N THR E 99 -37.84 24.80 15.99
CA THR E 99 -37.04 23.60 16.17
C THR E 99 -36.43 23.20 14.82
N VAL E 100 -35.10 23.24 14.76
CA VAL E 100 -34.35 22.82 13.56
C VAL E 100 -34.06 21.32 13.61
N GLN E 101 -34.28 20.64 12.47
CA GLN E 101 -33.92 19.23 12.27
C GLN E 101 -32.91 19.15 11.13
N TYR E 102 -31.70 18.79 11.53
CA TYR E 102 -30.55 18.72 10.59
C TYR E 102 -30.16 17.28 10.35
N LEU E 103 -29.91 16.91 9.09
CA LEU E 103 -29.44 15.57 8.74
C LEU E 103 -28.36 15.62 7.67
N GLU E 104 -27.22 14.99 8.01
CA GLU E 104 -26.11 14.79 7.08
C GLU E 104 -25.72 13.32 6.99
N ARG E 105 -25.19 12.95 5.84
CA ARG E 105 -24.55 11.65 5.66
C ARG E 105 -23.05 11.89 5.62
N PHE E 106 -22.31 11.15 6.40
CA PHE E 106 -20.84 11.31 6.45
C PHE E 106 -20.09 9.98 6.39
N SER E 107 -18.81 10.08 6.06
CA SER E 107 -17.85 8.97 6.10
C SER E 107 -16.61 9.49 6.86
N ALA E 108 -16.02 8.61 7.65
CA ALA E 108 -14.82 8.93 8.42
C ALA E 108 -13.97 7.71 8.79
N ARG E 109 -12.69 7.96 9.00
CA ARG E 109 -11.74 6.97 9.47
C ARG E 109 -11.54 7.25 10.95
N VAL E 110 -11.94 6.33 11.81
CA VAL E 110 -11.92 6.50 13.27
C VAL E 110 -10.75 5.77 13.97
N LEU E 111 -10.06 6.48 14.85
CA LEU E 111 -9.00 5.93 15.72
C LEU E 111 -9.65 5.42 16.98
N SER E 112 -9.49 4.16 17.28
CA SER E 112 -10.03 3.62 18.53
C SER E 112 -9.17 2.45 19.01
N PRO E 113 -8.62 2.58 20.21
CA PRO E 113 -7.69 1.54 20.75
C PRO E 113 -8.34 0.18 20.95
N LEU E 114 -7.60 -0.88 20.65
CA LEU E 114 -8.04 -2.26 20.79
C LEU E 114 -7.22 -3.00 21.83
N ASP E 115 -7.87 -3.84 22.63
CA ASP E 115 -7.23 -4.65 23.66
C ASP E 115 -7.00 -6.07 23.10
N PHE E 116 -5.74 -6.37 22.81
CA PHE E 116 -5.40 -7.68 22.18
C PHE E 116 -5.09 -8.85 23.15
N ARG E 117 -5.19 -8.62 24.46
CA ARG E 117 -4.90 -9.62 25.49
C ARG E 117 -5.46 -11.01 25.23
N ARG E 118 -6.71 -11.08 24.75
CA ARG E 118 -7.35 -12.40 24.49
C ARG E 118 -7.45 -12.80 23.03
N TYR E 119 -6.70 -12.13 22.15
CA TYR E 119 -6.63 -12.43 20.70
C TYR E 119 -6.29 -13.92 20.44
N PRO E 120 -6.98 -14.63 19.50
CA PRO E 120 -8.05 -14.12 18.63
C PRO E 120 -9.49 -14.32 19.17
N PHE E 121 -9.63 -14.52 20.49
CA PHE E 121 -10.93 -14.73 21.15
C PHE E 121 -11.35 -13.44 21.91
N ASP E 122 -11.02 -12.30 21.31
CA ASP E 122 -11.26 -10.99 21.90
C ASP E 122 -12.55 -10.31 21.47
N SER E 123 -13.00 -9.41 22.33
CA SER E 123 -14.14 -8.51 22.11
C SER E 123 -13.66 -7.09 22.26
N GLN E 124 -14.31 -6.17 21.58
CA GLN E 124 -13.89 -4.78 21.64
C GLN E 124 -15.09 -3.85 21.80
N THR E 125 -14.80 -2.66 22.35
CA THR E 125 -15.72 -1.54 22.42
C THR E 125 -15.12 -0.42 21.60
N LEU E 126 -15.60 -0.25 20.39
CA LEU E 126 -15.16 0.89 19.56
C LEU E 126 -15.91 2.17 20.00
N HIS E 127 -15.22 3.29 19.97
CA HIS E 127 -15.79 4.59 20.34
C HIS E 127 -15.81 5.59 19.18
N ILE E 128 -16.88 6.36 19.07
CA ILE E 128 -16.99 7.51 18.23
C ILE E 128 -17.37 8.67 19.16
N TYR E 129 -16.43 9.57 19.38
CA TYR E 129 -16.64 10.75 20.25
C TYR E 129 -17.12 11.98 19.51
N LEU E 130 -18.35 12.40 19.81
CA LEU E 130 -18.94 13.63 19.24
C LEU E 130 -18.63 14.80 20.17
N ILE E 131 -18.30 15.94 19.59
CA ILE E 131 -17.94 17.12 20.38
C ILE E 131 -18.37 18.47 19.81
N VAL E 132 -18.64 19.41 20.73
CA VAL E 132 -18.96 20.79 20.41
C VAL E 132 -18.23 21.74 21.37
N ARG E 133 -17.71 22.82 20.82
CA ARG E 133 -17.03 23.85 21.59
C ARG E 133 -18.00 25.03 21.77
N SER E 134 -18.06 25.54 23.01
CA SER E 134 -18.93 26.68 23.35
C SER E 134 -18.35 27.96 22.71
N VAL E 135 -19.23 28.93 22.49
CA VAL E 135 -18.87 30.22 21.91
C VAL E 135 -18.96 31.32 22.98
N ASP E 136 -18.42 32.51 22.69
CA ASP E 136 -18.34 33.58 23.69
C ASP E 136 -19.72 34.05 24.16
N THR E 137 -20.62 34.04 23.22
CA THR E 137 -21.96 34.50 23.37
C THR E 137 -22.86 33.42 24.08
N ARG E 138 -22.45 32.15 24.17
CA ARG E 138 -23.35 31.05 24.60
C ARG E 138 -22.63 29.70 24.88
N ASN E 139 -23.03 29.00 25.94
CA ASN E 139 -22.58 27.66 26.21
C ASN E 139 -23.41 26.61 25.44
N ILE E 140 -22.71 25.69 24.74
CA ILE E 140 -23.42 24.69 23.94
C ILE E 140 -23.14 23.32 24.53
N VAL E 141 -24.20 22.55 24.63
CA VAL E 141 -24.14 21.24 25.39
C VAL E 141 -24.84 20.22 24.49
N LEU E 142 -24.33 18.97 24.49
CA LEU E 142 -24.85 17.90 23.62
C LEU E 142 -25.75 16.94 24.40
N ALA E 143 -26.73 16.37 23.71
CA ALA E 143 -27.58 15.32 24.24
C ALA E 143 -27.86 14.27 23.15
N VAL E 144 -28.37 13.13 23.56
CA VAL E 144 -28.68 12.00 22.73
C VAL E 144 -30.21 11.88 22.50
N ASP E 145 -30.66 11.89 21.24
CA ASP E 145 -31.96 11.50 20.87
C ASP E 145 -31.91 10.02 20.47
N LEU E 146 -32.28 9.16 21.42
CA LEU E 146 -32.29 7.68 21.23
C LEU E 146 -33.10 7.18 20.05
N GLU E 147 -34.12 7.92 19.64
CA GLU E 147 -34.94 7.58 18.45
C GLU E 147 -34.12 7.75 17.15
N LYS E 148 -33.03 8.52 17.20
CA LYS E 148 -32.17 8.76 16.06
C LYS E 148 -30.75 8.07 16.15
N VAL E 149 -30.62 7.09 17.03
CA VAL E 149 -29.46 6.26 17.21
C VAL E 149 -29.79 4.85 16.75
N GLY E 150 -28.97 4.31 15.89
CA GLY E 150 -29.07 2.91 15.47
C GLY E 150 -28.08 2.50 14.41
N LYS E 151 -28.40 1.38 13.76
CA LYS E 151 -27.60 0.81 12.66
CA LYS E 151 -27.60 0.81 12.65
C LYS E 151 -28.45 -0.02 11.71
N ASN E 152 -28.11 0.00 10.43
CA ASN E 152 -28.82 -0.79 9.47
C ASN E 152 -28.49 -2.32 9.68
N ASP E 153 -29.48 -3.17 9.41
CA ASP E 153 -29.44 -4.63 9.74
C ASP E 153 -28.34 -5.35 8.95
N ASP E 154 -28.12 -4.90 7.72
CA ASP E 154 -27.05 -5.36 6.84
C ASP E 154 -25.60 -4.91 7.15
N VAL E 155 -25.37 -3.94 8.06
CA VAL E 155 -24.00 -3.55 8.49
C VAL E 155 -23.27 -4.85 8.87
N PHE E 156 -22.18 -5.12 8.17
CA PHE E 156 -21.29 -6.25 8.42
C PHE E 156 -19.85 -5.69 8.54
N LEU E 157 -19.12 -6.19 9.50
CA LEU E 157 -17.72 -5.83 9.67
C LEU E 157 -16.98 -7.17 9.53
N THR E 158 -16.33 -7.34 8.34
CA THR E 158 -15.77 -8.64 7.97
C THR E 158 -14.74 -9.12 9.04
N GLY E 159 -14.95 -10.35 9.49
CA GLY E 159 -14.15 -10.96 10.55
C GLY E 159 -14.64 -10.68 11.96
N TRP E 160 -15.77 -9.95 12.08
CA TRP E 160 -16.36 -9.58 13.36
C TRP E 160 -17.87 -9.78 13.41
N ASP E 161 -18.40 -10.00 14.62
CA ASP E 161 -19.82 -9.97 14.94
C ASP E 161 -20.13 -8.64 15.62
N ILE E 162 -21.16 -7.97 15.17
CA ILE E 162 -21.59 -6.69 15.75
C ILE E 162 -22.65 -6.96 16.82
N GLU E 163 -22.37 -6.64 18.07
CA GLU E 163 -23.32 -6.84 19.16
C GLU E 163 -24.31 -5.69 19.39
N SER E 164 -23.83 -4.47 19.60
CA SER E 164 -24.72 -3.33 19.86
C SER E 164 -24.02 -1.99 19.52
N PHE E 165 -24.87 -1.00 19.28
CA PHE E 165 -24.48 0.37 19.01
C PHE E 165 -25.36 1.24 19.88
N THR E 166 -24.78 1.75 20.95
CA THR E 166 -25.47 2.61 21.91
C THR E 166 -24.66 3.86 22.19
N ALA E 167 -25.31 4.85 22.84
CA ALA E 167 -24.65 6.08 23.27
C ALA E 167 -24.75 6.23 24.80
N VAL E 168 -23.69 6.71 25.40
CA VAL E 168 -23.69 7.07 26.81
C VAL E 168 -24.39 8.45 26.82
N VAL E 169 -25.63 8.46 27.32
CA VAL E 169 -26.55 9.64 27.25
C VAL E 169 -26.06 10.91 27.95
N LYS E 170 -25.26 10.78 29.01
CA LYS E 170 -24.70 11.93 29.72
C LYS E 170 -23.37 12.37 29.07
N PRO E 171 -23.31 13.64 28.65
CA PRO E 171 -22.05 14.11 28.06
C PRO E 171 -20.94 14.33 29.06
N ALA E 172 -19.71 14.39 28.57
CA ALA E 172 -18.59 14.80 29.41
C ALA E 172 -18.36 16.29 29.12
N ASN E 173 -18.82 17.13 30.05
CA ASN E 173 -18.67 18.61 29.95
C ASN E 173 -17.38 19.03 30.67
N PHE E 174 -16.51 19.73 29.98
CA PHE E 174 -15.20 20.10 30.57
C PHE E 174 -14.59 21.31 29.87
N ALA E 175 -13.61 21.91 30.54
CA ALA E 175 -12.94 23.13 30.05
C ALA E 175 -11.67 22.74 29.28
N LEU E 176 -11.51 23.32 28.10
CA LEU E 176 -10.34 23.14 27.27
C LEU E 176 -10.05 24.45 26.60
N GLU E 177 -8.88 25.03 26.97
CA GLU E 177 -8.41 26.33 26.49
C GLU E 177 -9.42 27.45 26.76
N ASP E 178 -9.84 27.56 28.04
CA ASP E 178 -10.80 28.59 28.49
C ASP E 178 -12.18 28.61 27.80
N ARG E 179 -12.61 27.51 27.18
CA ARG E 179 -13.99 27.34 26.77
C ARG E 179 -14.54 26.01 27.18
N LEU E 180 -15.86 25.95 27.34
CA LEU E 180 -16.57 24.73 27.64
C LEU E 180 -16.60 23.84 26.36
N GLU E 181 -16.47 22.56 26.60
CA GLU E 181 -16.54 21.57 25.56
C GLU E 181 -17.50 20.45 26.03
N SER E 182 -18.40 20.03 25.15
CA SER E 182 -19.40 19.03 25.48
C SER E 182 -19.17 17.76 24.60
N LYS E 183 -18.84 16.67 25.24
CA LYS E 183 -18.43 15.42 24.53
C LYS E 183 -19.34 14.20 24.78
N LEU E 184 -19.81 13.56 23.69
CA LEU E 184 -20.59 12.34 23.79
C LEU E 184 -19.86 11.10 23.32
N ASP E 185 -20.11 9.96 23.98
CA ASP E 185 -19.46 8.68 23.70
C ASP E 185 -20.45 7.66 23.05
N TYR E 186 -20.32 7.48 21.72
CA TYR E 186 -21.06 6.48 20.99
C TYR E 186 -20.23 5.19 20.93
N GLN E 187 -20.82 4.11 21.38
CA GLN E 187 -20.13 2.83 21.60
C GLN E 187 -20.61 1.70 20.71
N LEU E 188 -19.68 1.13 19.93
CA LEU E 188 -19.96 0.02 19.00
C LEU E 188 -19.26 -1.23 19.56
N ARG E 189 -20.06 -2.13 20.10
CA ARG E 189 -19.57 -3.38 20.74
C ARG E 189 -19.47 -4.49 19.69
N ILE E 190 -18.27 -5.05 19.57
CA ILE E 190 -18.01 -6.12 18.59
C ILE E 190 -17.22 -7.29 19.21
N SER E 191 -17.33 -8.47 18.60
CA SER E 191 -16.57 -9.63 19.03
C SER E 191 -16.00 -10.34 17.82
N ARG E 192 -14.74 -10.73 17.94
CA ARG E 192 -14.00 -11.37 16.86
C ARG E 192 -14.48 -12.77 16.54
N GLN E 193 -14.59 -13.04 15.24
CA GLN E 193 -14.93 -14.36 14.68
C GLN E 193 -13.60 -15.13 14.66
N TYR E 194 -13.42 -15.93 15.71
CA TYR E 194 -12.18 -16.70 15.93
C TYR E 194 -12.09 -17.97 15.04
N PHE E 195 -13.23 -18.37 14.44
CA PHE E 195 -13.33 -19.63 13.67
C PHE E 195 -12.13 -19.98 12.81
N SER E 196 -11.77 -19.15 11.81
CA SER E 196 -10.73 -19.43 10.85
C SER E 196 -9.33 -19.61 11.44
N TYR E 197 -9.07 -19.05 12.64
CA TYR E 197 -7.79 -19.19 13.32
C TYR E 197 -7.49 -20.66 13.70
N ILE E 198 -8.55 -21.46 13.91
CA ILE E 198 -8.44 -22.85 14.28
C ILE E 198 -7.83 -23.72 13.16
N PRO E 199 -8.45 -23.84 11.95
CA PRO E 199 -7.86 -24.65 10.87
C PRO E 199 -6.60 -24.02 10.23
N ASN E 200 -6.47 -22.69 10.28
CA ASN E 200 -5.37 -21.99 9.64
C ASN E 200 -4.07 -21.72 10.44
N ILE E 201 -4.16 -21.54 11.76
CA ILE E 201 -3.04 -21.26 12.58
C ILE E 201 -2.90 -22.26 13.75
N ILE E 202 -3.92 -22.38 14.60
CA ILE E 202 -3.84 -23.15 15.83
C ILE E 202 -3.59 -24.67 15.62
N LEU E 203 -4.41 -25.35 14.80
CA LEU E 203 -4.24 -26.75 14.55
C LEU E 203 -2.93 -27.06 13.79
N PRO E 204 -2.56 -26.34 12.69
CA PRO E 204 -1.30 -26.59 12.02
C PRO E 204 -0.11 -26.46 12.99
N MET E 205 -0.15 -25.48 13.89
CA MET E 205 0.90 -25.25 14.88
C MET E 205 0.99 -26.42 15.90
N LEU E 206 -0.16 -27.00 16.26
CA LEU E 206 -0.21 -28.16 17.15
C LEU E 206 0.29 -29.43 16.45
N PHE E 207 -0.07 -29.63 15.17
CA PHE E 207 0.37 -30.77 14.37
C PHE E 207 1.87 -30.86 14.26
N ILE E 208 2.54 -29.74 13.92
CA ILE E 208 4.01 -29.74 13.79
C ILE E 208 4.70 -30.01 15.12
N LEU E 209 4.13 -29.49 16.22
CA LEU E 209 4.64 -29.70 17.57
C LEU E 209 4.56 -31.21 17.94
N PHE E 210 3.41 -31.83 17.68
CA PHE E 210 3.19 -33.25 17.94
C PHE E 210 4.08 -34.13 17.05
N ILE E 211 4.40 -33.66 15.83
CA ILE E 211 5.32 -34.33 14.91
C ILE E 211 6.74 -34.32 15.51
N SER E 212 7.15 -33.22 16.14
CA SER E 212 8.45 -33.15 16.80
C SER E 212 8.58 -34.21 17.91
N TRP E 213 7.46 -34.55 18.56
CA TRP E 213 7.42 -35.50 19.68
C TRP E 213 7.57 -36.98 19.26
N THR E 214 7.53 -37.26 17.93
CA THR E 214 7.80 -38.59 17.41
C THR E 214 9.27 -38.99 17.66
N ALA E 215 10.16 -38.02 17.89
CA ALA E 215 11.55 -38.18 18.21
C ALA E 215 11.74 -39.00 19.50
N PHE E 216 10.70 -39.03 20.36
CA PHE E 216 10.72 -39.78 21.62
C PHE E 216 10.47 -41.31 21.40
N TRP E 217 10.23 -41.72 20.15
CA TRP E 217 10.06 -43.09 19.75
C TRP E 217 11.13 -43.48 18.70
N SER E 218 12.23 -42.72 18.68
CA SER E 218 13.34 -42.92 17.76
C SER E 218 14.68 -42.80 18.47
N THR E 219 15.60 -43.72 18.12
CA THR E 219 16.99 -43.79 18.58
C THR E 219 17.91 -43.18 17.51
N SER E 220 17.42 -42.85 16.31
CA SER E 220 18.20 -42.22 15.28
C SER E 220 18.37 -40.71 15.56
N TYR E 221 19.55 -40.31 16.03
CA TYR E 221 19.91 -38.92 16.33
C TYR E 221 19.76 -37.98 15.12
N GLU E 222 20.25 -38.43 13.96
CA GLU E 222 20.25 -37.71 12.69
C GLU E 222 18.79 -37.38 12.28
N ALA E 223 17.90 -38.36 12.43
CA ALA E 223 16.49 -38.25 12.09
C ALA E 223 15.77 -37.33 13.10
N ASN E 224 16.14 -37.47 14.38
CA ASN E 224 15.59 -36.69 15.48
C ASN E 224 15.92 -35.20 15.29
N VAL E 225 17.18 -34.88 14.98
CA VAL E 225 17.63 -33.52 14.76
C VAL E 225 16.81 -32.92 13.58
N THR E 226 16.61 -33.70 12.51
CA THR E 226 15.83 -33.30 11.36
C THR E 226 14.36 -33.05 11.76
N LEU E 227 13.77 -33.92 12.57
CA LEU E 227 12.40 -33.76 13.04
C LEU E 227 12.18 -32.50 13.87
N VAL E 228 13.00 -32.27 14.90
CA VAL E 228 12.86 -31.17 15.84
C VAL E 228 13.25 -29.78 15.23
N VAL E 229 14.33 -29.72 14.46
CA VAL E 229 14.78 -28.51 13.84
C VAL E 229 13.86 -28.03 12.70
N SER E 230 13.40 -28.94 11.85
CA SER E 230 12.50 -28.63 10.75
C SER E 230 11.14 -28.08 11.23
N THR E 231 10.57 -28.73 12.26
CA THR E 231 9.31 -28.32 12.84
C THR E 231 9.44 -26.97 13.58
N LEU E 232 10.62 -26.72 14.19
CA LEU E 232 10.90 -25.47 14.87
C LEU E 232 10.87 -24.30 13.84
N ILE E 233 11.47 -24.50 12.67
CA ILE E 233 11.50 -23.54 11.61
C ILE E 233 10.07 -23.22 11.12
N ALA E 234 9.23 -24.26 10.98
CA ALA E 234 7.83 -24.11 10.62
C ALA E 234 7.08 -23.31 11.71
N HIS E 235 7.46 -23.51 13.00
CA HIS E 235 6.89 -22.79 14.12
C HIS E 235 7.26 -21.28 14.06
N ILE E 236 8.52 -21.01 13.66
CA ILE E 236 9.03 -19.65 13.47
C ILE E 236 8.17 -18.93 12.38
N ALA E 237 7.90 -19.63 11.27
CA ALA E 237 7.07 -19.15 10.19
C ALA E 237 5.66 -18.76 10.64
N PHE E 238 5.04 -19.58 11.50
CA PHE E 238 3.73 -19.26 12.08
C PHE E 238 3.81 -18.07 13.04
N ASN E 239 4.88 -17.99 13.84
CA ASN E 239 5.12 -16.88 14.77
C ASN E 239 5.19 -15.56 13.93
N ILE E 240 5.98 -15.54 12.84
CA ILE E 240 6.11 -14.41 11.99
C ILE E 240 4.78 -14.03 11.33
N LEU E 241 4.04 -15.03 10.81
CA LEU E 241 2.72 -14.84 10.21
C LEU E 241 1.76 -14.14 11.19
N VAL E 242 1.69 -14.64 12.42
CA VAL E 242 0.81 -14.10 13.43
C VAL E 242 1.19 -12.63 13.79
N GLU E 243 2.47 -12.33 14.01
CA GLU E 243 2.89 -11.01 14.39
C GLU E 243 2.73 -9.93 13.26
N THR E 244 2.58 -10.36 12.00
CA THR E 244 2.28 -9.44 10.89
C THR E 244 0.84 -8.97 10.88
N ASN E 245 -0.05 -9.72 11.52
CA ASN E 245 -1.46 -9.42 11.64
C ASN E 245 -1.75 -8.56 12.84
N LEU E 246 -0.77 -8.37 13.69
CA LEU E 246 -0.92 -7.64 14.95
C LEU E 246 0.04 -6.48 15.16
N PRO E 247 -0.40 -5.41 15.86
CA PRO E 247 0.54 -4.37 16.28
C PRO E 247 1.46 -4.91 17.42
N LYS E 248 2.49 -4.16 17.72
CA LYS E 248 3.34 -4.45 18.85
C LYS E 248 2.59 -3.98 20.10
N THR E 249 2.48 -4.86 21.10
CA THR E 249 1.79 -4.52 22.36
C THR E 249 2.73 -4.48 23.57
N PRO E 250 2.47 -3.61 24.57
CA PRO E 250 3.33 -3.61 25.77
C PRO E 250 2.93 -4.68 26.78
N TYR E 251 2.24 -5.71 26.30
CA TYR E 251 1.72 -6.84 27.10
C TYR E 251 1.70 -8.08 26.23
N MET E 252 1.55 -9.27 26.87
CA MET E 252 1.44 -10.52 26.14
C MET E 252 -0.02 -10.75 25.69
N THR E 253 -0.23 -11.18 24.45
CA THR E 253 -1.51 -11.64 24.01
C THR E 253 -1.58 -13.16 24.30
N TYR E 254 -2.81 -13.70 24.32
CA TYR E 254 -3.02 -15.12 24.60
C TYR E 254 -2.30 -16.03 23.58
N THR E 255 -2.43 -15.72 22.30
CA THR E 255 -1.76 -16.44 21.20
C THR E 255 -0.25 -16.27 21.29
N GLY E 256 0.21 -15.04 21.56
CA GLY E 256 1.61 -14.74 21.74
C GLY E 256 2.27 -15.56 22.83
N ALA E 257 1.54 -15.75 23.94
CA ALA E 257 1.97 -16.53 25.12
C ALA E 257 2.12 -18.01 24.77
N ILE E 258 1.15 -18.59 24.05
CA ILE E 258 1.21 -19.98 23.58
C ILE E 258 2.37 -20.16 22.60
N ILE E 259 2.48 -19.26 21.61
CA ILE E 259 3.56 -19.28 20.62
C ILE E 259 4.93 -19.25 21.30
N PHE E 260 5.10 -18.35 22.26
CA PHE E 260 6.35 -18.22 23.01
C PHE E 260 6.66 -19.49 23.83
N MET E 261 5.66 -20.02 24.51
CA MET E 261 5.78 -21.19 25.34
C MET E 261 6.23 -22.41 24.49
N ILE E 262 5.66 -22.58 23.30
CA ILE E 262 5.99 -23.66 22.41
C ILE E 262 7.50 -23.71 22.07
N TYR E 263 8.18 -22.55 22.01
CA TYR E 263 9.63 -22.46 21.79
C TYR E 263 10.40 -23.22 22.90
N LEU E 264 9.94 -23.09 24.15
CA LEU E 264 10.54 -23.76 25.30
C LEU E 264 10.41 -25.29 25.15
N PHE E 265 9.27 -25.76 24.66
CA PHE E 265 9.04 -27.16 24.37
C PHE E 265 9.98 -27.70 23.26
N TYR E 266 10.24 -26.88 22.23
CA TYR E 266 11.17 -27.23 21.17
C TYR E 266 12.60 -27.29 21.72
N PHE E 267 12.96 -26.30 22.57
CA PHE E 267 14.25 -26.19 23.17
C PHE E 267 14.57 -27.40 24.07
N VAL E 268 13.65 -27.77 24.96
CA VAL E 268 13.81 -28.90 25.86
C VAL E 268 13.85 -30.24 25.05
N ALA E 269 13.08 -30.34 23.97
CA ALA E 269 13.10 -31.50 23.09
C ALA E 269 14.48 -31.69 22.42
N VAL E 270 15.13 -30.60 22.02
CA VAL E 270 16.49 -30.65 21.47
C VAL E 270 17.48 -31.16 22.56
N ILE E 271 17.36 -30.65 23.81
CA ILE E 271 18.17 -31.07 24.92
C ILE E 271 18.02 -32.61 25.13
N GLU E 272 16.78 -33.11 25.19
CA GLU E 272 16.47 -34.51 25.33
C GLU E 272 17.11 -35.36 24.22
N VAL E 273 16.94 -34.93 22.97
CA VAL E 273 17.50 -35.60 21.80
C VAL E 273 19.05 -35.63 21.87
N THR E 274 19.67 -34.56 22.38
CA THR E 274 21.10 -34.42 22.55
C THR E 274 21.59 -35.37 23.69
N VAL E 275 20.91 -35.33 24.86
CA VAL E 275 21.19 -36.14 26.00
C VAL E 275 21.07 -37.65 25.65
N GLN E 276 20.00 -38.04 24.94
CA GLN E 276 19.78 -39.39 24.47
C GLN E 276 20.98 -39.88 23.65
N HIS E 277 21.38 -39.13 22.61
CA HIS E 277 22.50 -39.47 21.75
C HIS E 277 23.84 -39.59 22.53
N TYR E 278 24.12 -38.61 23.40
CA TYR E 278 25.31 -38.56 24.20
C TYR E 278 25.50 -39.84 25.09
N LEU E 279 24.42 -40.29 25.75
CA LEU E 279 24.40 -41.46 26.58
C LEU E 279 24.63 -42.75 25.78
N LYS E 280 24.00 -42.84 24.59
CA LYS E 280 24.16 -44.00 23.71
CA LYS E 280 24.15 -43.99 23.65
C LYS E 280 25.60 -44.14 23.25
N VAL E 281 26.23 -43.01 22.89
CA VAL E 281 27.61 -43.00 22.43
C VAL E 281 28.58 -43.37 23.58
N GLU E 282 28.19 -43.03 24.82
CA GLU E 282 28.91 -43.33 26.06
C GLU E 282 28.61 -44.76 26.58
N SER E 283 27.90 -45.56 25.78
CA SER E 283 27.46 -46.91 26.17
C SER E 283 26.59 -46.96 27.41
N GLN E 284 25.64 -46.02 27.51
CA GLN E 284 24.60 -46.01 28.57
C GLN E 284 23.19 -45.89 27.97
N PRO E 285 22.80 -46.85 27.09
CA PRO E 285 21.46 -46.80 26.44
C PRO E 285 20.28 -47.05 27.40
N ALA E 286 20.48 -47.86 28.44
CA ALA E 286 19.43 -48.18 29.40
C ALA E 286 18.92 -46.91 30.11
N ARG E 287 19.82 -46.01 30.33
CA ARG E 287 19.58 -44.76 30.95
C ARG E 287 18.88 -43.76 30.00
N ALA E 288 19.39 -43.70 28.76
CA ALA E 288 18.81 -42.93 27.69
C ALA E 288 17.36 -43.35 27.50
N ALA E 289 17.11 -44.67 27.57
CA ALA E 289 15.79 -45.23 27.39
C ALA E 289 14.81 -44.81 28.50
N SER E 290 15.31 -44.62 29.75
CA SER E 290 14.52 -44.13 30.86
C SER E 290 14.06 -42.69 30.66
N ILE E 291 14.98 -41.84 30.20
CA ILE E 291 14.74 -40.41 29.91
C ILE E 291 13.74 -40.27 28.73
N THR E 292 13.95 -41.07 27.66
CA THR E 292 13.10 -41.07 26.48
C THR E 292 11.69 -41.53 26.80
N ARG E 293 11.53 -42.61 27.58
CA ARG E 293 10.21 -43.15 27.95
C ARG E 293 9.44 -42.16 28.84
N ALA E 294 10.14 -41.47 29.76
CA ALA E 294 9.55 -40.48 30.62
C ALA E 294 9.08 -39.25 29.79
N SER E 295 9.89 -38.85 28.79
CA SER E 295 9.61 -37.74 27.89
C SER E 295 8.31 -37.95 27.09
N ARG E 296 8.02 -39.21 26.72
CA ARG E 296 6.82 -39.57 25.98
C ARG E 296 5.53 -39.16 26.75
N ILE E 297 5.58 -39.21 28.08
CA ILE E 297 4.48 -38.83 28.93
C ILE E 297 4.62 -37.36 29.42
N ALA E 298 5.79 -36.97 29.91
CA ALA E 298 6.07 -35.63 30.42
C ALA E 298 5.75 -34.49 29.42
N PHE E 299 6.24 -34.57 28.16
CA PHE E 299 5.95 -33.56 27.14
C PHE E 299 4.46 -33.28 26.90
N PRO E 300 3.60 -34.25 26.55
CA PRO E 300 2.16 -33.96 26.37
C PRO E 300 1.46 -33.53 27.70
N VAL E 301 1.86 -34.11 28.85
CA VAL E 301 1.28 -33.76 30.13
C VAL E 301 1.59 -32.32 30.54
N VAL E 302 2.87 -31.95 30.55
CA VAL E 302 3.31 -30.58 30.88
C VAL E 302 2.69 -29.57 29.87
N PHE E 303 2.54 -29.96 28.59
CA PHE E 303 1.92 -29.12 27.59
C PHE E 303 0.45 -28.86 27.88
N LEU E 304 -0.29 -29.91 28.30
CA LEU E 304 -1.69 -29.80 28.66
C LEU E 304 -1.88 -28.92 29.94
N LEU E 305 -1.09 -29.18 30.99
CA LEU E 305 -1.15 -28.39 32.22
C LEU E 305 -0.81 -26.93 32.01
N ALA E 306 0.27 -26.64 31.26
CA ALA E 306 0.72 -25.28 30.97
C ALA E 306 -0.38 -24.50 30.18
N ASN E 307 -1.10 -25.18 29.29
CA ASN E 307 -2.18 -24.59 28.53
C ASN E 307 -3.42 -24.30 29.40
N ILE E 308 -3.71 -25.18 30.37
CA ILE E 308 -4.78 -24.97 31.33
C ILE E 308 -4.43 -23.72 32.20
N ILE E 309 -3.21 -23.63 32.68
CA ILE E 309 -2.75 -22.48 33.44
C ILE E 309 -2.86 -21.17 32.61
N LEU E 310 -2.38 -21.16 31.35
CA LEU E 310 -2.50 -20.01 30.46
C LEU E 310 -3.96 -19.59 30.19
N ALA E 311 -4.84 -20.55 29.87
CA ALA E 311 -6.25 -20.30 29.65
C ALA E 311 -6.93 -19.69 30.89
N PHE E 312 -6.51 -20.15 32.07
CA PHE E 312 -7.02 -19.65 33.34
C PHE E 312 -6.56 -18.20 33.58
N LEU E 313 -5.26 -17.91 33.37
CA LEU E 313 -4.72 -16.56 33.55
C LEU E 313 -5.33 -15.55 32.59
N PHE E 314 -5.66 -15.95 31.36
CA PHE E 314 -6.19 -15.06 30.35
C PHE E 314 -7.75 -14.96 30.28
N PHE E 315 -8.49 -16.00 30.71
CA PHE E 315 -9.95 -15.99 30.54
C PHE E 315 -10.81 -16.02 31.80
C ACT F . -29.39 7.07 2.62
O ACT F . -30.48 7.59 2.28
OXT ACT F . -28.32 7.62 2.26
CH3 ACT F . -29.42 5.79 3.44
C1 PLC G . -18.61 -26.17 -11.01
C2 PLC G . -17.13 -26.60 -10.72
C3 PLC G . -17.06 -27.88 -9.82
C4 PLC G . -23.63 -26.16 -9.43
C5 PLC G . -24.52 -27.36 -9.85
C6 PLC G . -24.90 -29.79 -9.67
C7 PLC G . -23.66 -28.71 -7.95
C8 PLC G . -26.02 -28.31 -8.15
C' PLC G . -15.28 -27.47 -12.64
C1' PLC G . -13.98 -27.99 -11.99
C2' PLC G . -12.74 -28.32 -12.86
C3' PLC G . -11.65 -28.88 -11.90
C4' PLC G . -10.30 -29.42 -12.40
C5' PLC G . -9.38 -29.79 -11.22
C6' PLC G . -8.21 -30.70 -11.58
C7' PLC G . -7.30 -31.23 -10.45
CB PLC G . -15.07 -29.09 -8.51
C1B PLC G . -13.54 -29.06 -8.51
C2B PLC G . -12.77 -30.27 -7.94
C3B PLC G . -11.38 -29.82 -7.41
C4B PLC G . -10.26 -30.89 -7.31
C5B PLC G . -9.74 -31.16 -5.89
C6B PLC G . -8.46 -32.02 -5.85
C7B PLC G . -8.48 -33.07 -4.74
O' PLC G . -15.40 -27.83 -13.79
OB PLC G . -15.62 -30.08 -8.10
O2 PLC G . -16.40 -26.60 -12.04
O3 PLC G . -15.91 -27.92 -8.92
O1P PLC G . -21.37 -24.20 -9.09
O2P PLC G . -21.24 -24.97 -11.56
O3P PLC G . -19.53 -25.90 -9.91
O4P PLC G . -22.22 -26.41 -9.70
N PLC G . -24.76 -28.52 -8.91
P PLC G . -21.09 -25.30 -10.10
C' PLC H . -8.31 -35.25 -9.99
C1' PLC H . -9.80 -35.49 -10.16
C2' PLC H . -10.51 -34.21 -10.64
C3' PLC H . -12.03 -34.33 -10.79
C4' PLC H . -12.65 -33.25 -11.70
C5' PLC H . -14.15 -32.99 -11.45
C6' PLC H . -14.79 -32.09 -12.53
C7' PLC H . -16.33 -32.08 -12.47
C8' PLC H . -16.98 -31.09 -13.47
C9' PLC H . -18.52 -31.18 -13.48
CA' PLC H . -19.17 -30.17 -14.43
CB' PLC H . -20.40 -29.56 -13.78
CL CL I . -23.38 8.23 -3.40
CL CL J . -42.56 9.83 4.84
CL CL K . -41.47 0.51 7.64
NA NA L . -31.07 21.69 -7.80
C ACT M . -27.92 13.80 -7.39
O ACT M . -28.83 13.60 -8.19
OXT ACT M . -27.77 13.03 -6.46
CH3 ACT M . -26.97 14.91 -7.58
C1 LMT N . 5.68 -11.06 1.51
C2 LMT N . 6.97 -11.74 2.04
C3 LMT N . 7.03 -13.28 1.96
C4 LMT N . 8.11 -14.08 2.77
C5 LMT N . 8.65 -15.40 2.21
C6 LMT N . 9.18 -16.36 3.27
C7 LMT N . 9.93 -17.62 2.77
C8 LMT N . 10.51 -18.57 3.83
C9 LMT N . 11.37 -19.78 3.33
C10 LMT N . 11.69 -20.89 4.41
C11 LMT N . 13.03 -21.71 4.26
C12 LMT N . 12.91 -23.25 4.30
C1 LMT O . 0.48 -12.62 -2.89
C2 LMT O . 1.36 -12.13 -1.72
C3 LMT O . 2.65 -12.98 -1.45
C4 LMT O . 2.87 -13.77 -0.10
C5 LMT O . 3.79 -15.06 -0.15
C6 LMT O . 3.94 -15.84 1.17
C7 LMT O . 4.34 -17.34 1.23
C8 LMT O . 5.12 -17.62 2.55
C9 LMT O . 5.38 -19.08 2.94
C10 LMT O . 6.44 -19.38 4.03
C11 LMT O . 6.38 -20.82 4.62
C12 LMT O . 7.37 -21.54 5.56
O1B LMT P . -26.13 -23.60 -0.83
O2B LMT P . -29.07 -21.78 -2.98
C1' LMT P . -22.82 -24.66 1.11
C2' LMT P . -22.93 -24.36 -0.41
C3' LMT P . -24.21 -25.03 -0.97
C4' LMT P . -25.52 -24.74 -0.23
C5' LMT P . -25.27 -24.47 1.25
C6' LMT P . -26.55 -24.78 2.05
O1' LMT P . -21.63 -25.48 1.30
O2' LMT P . -22.85 -22.95 -0.77
O3' LMT P . -23.99 -26.45 -0.94
O5' LMT P . -24.08 -25.21 1.65
O6' LMT P . -26.50 -26.12 2.57
C1 LMT P . -21.07 -25.57 2.64
C2 LMT P . -21.29 -27.00 3.12
C3 LMT P . -20.76 -27.30 4.52
C4 LMT P . -19.62 -28.32 4.47
C5 LMT P . -18.93 -28.70 5.81
C6 LMT P . -17.40 -28.86 5.61
C7 LMT P . -16.55 -29.33 6.80
C8 LMT P . -15.08 -29.42 6.38
C9 LMT P . -14.16 -30.02 7.44
C10 LMT P . -13.03 -30.84 6.82
C11 LMT P . -12.50 -31.83 7.84
C12 LMT P . -11.44 -32.74 7.23
C1 PLC Q . 4.56 -50.77 20.13
C2 PLC Q . 4.18 -49.99 18.86
C3 PLC Q . 2.77 -50.38 18.41
C4 PLC Q . 5.36 -55.85 19.98
C5 PLC Q . 6.37 -56.53 20.93
C6 PLC Q . 7.42 -58.57 21.65
C7 PLC Q . 5.16 -58.06 22.38
C8 PLC Q . 5.57 -58.77 20.13
C' PLC Q . 4.83 -47.66 18.25
C1' PLC Q . 5.01 -46.21 18.70
C2' PLC Q . 5.09 -45.16 17.60
C3' PLC Q . 3.92 -44.18 17.62
C4' PLC Q . 4.25 -42.85 18.29
C5' PLC Q . 3.40 -41.67 17.76
C6' PLC Q . 3.67 -40.36 18.54
C7' PLC Q . 2.78 -39.10 18.29
C8' PLC Q . 2.91 -38.07 19.44
C9' PLC Q . 1.60 -37.29 19.73
CA' PLC Q . 1.13 -37.26 21.22
CB' PLC Q . -0.01 -36.28 21.52
CB PLC Q . 1.48 -51.12 16.37
C1B PLC Q . 0.29 -50.18 16.65
C2B PLC Q . 0.63 -48.71 16.39
C3B PLC Q . 0.20 -47.67 17.43
C4B PLC Q . -0.29 -46.38 16.74
C5B PLC Q . -0.34 -45.20 17.70
C6B PLC Q . -0.94 -43.86 17.16
C7B PLC Q . -0.80 -42.69 18.18
C8B PLC Q . -1.15 -41.29 17.63
C9B PLC Q . -1.68 -40.20 18.62
CAA PLC Q . -2.68 -39.21 17.92
CBA PLC Q . -2.79 -37.76 18.44
O' PLC Q . 5.26 -48.06 17.22
OB PLC Q . 1.45 -52.05 15.56
O2 PLC Q . 4.15 -48.59 19.12
O3 PLC Q . 2.75 -50.91 17.08
O1P PLC Q . 3.84 -53.78 21.43
O2P PLC Q . 6.15 -52.72 21.73
O3P PLC Q . 4.72 -52.13 19.74
O4P PLC Q . 5.64 -54.44 19.80
N PLC Q . 6.13 -57.97 21.26
P PLC Q . 5.10 -53.28 20.80
C1 PLC R . 8.66 -53.29 -8.60
C2 PLC R . 9.19 -51.86 -8.76
C3 PLC R . 8.99 -51.28 -10.18
C4 PLC R . 11.17 -57.35 -10.64
C5 PLC R . 11.44 -58.53 -9.69
C6 PLC R . 11.80 -60.86 -9.17
C7 PLC R . 9.83 -60.23 -10.40
C8 PLC R . 12.03 -60.11 -11.46
C' PLC R . 9.17 -49.81 -7.37
C1' PLC R . 8.45 -48.95 -6.35
C2' PLC R . 8.69 -47.48 -6.54
C3' PLC R . 7.56 -46.73 -7.20
C4' PLC R . 6.60 -46.10 -6.18
C5' PLC R . 6.11 -44.72 -6.62
C6' PLC R . 5.06 -44.15 -5.64
C7' PLC R . 4.24 -42.95 -6.19
C8' PLC R . 3.09 -42.52 -5.24
C9' PLC R . 2.13 -41.52 -5.92
CA' PLC R . 0.59 -41.85 -5.85
CB' PLC R . -0.35 -41.14 -6.87
CB PLC R . 10.51 -50.97 -12.29
C1B PLC R . 9.64 -50.15 -13.27
C2B PLC R . 9.13 -48.82 -12.71
C3B PLC R . 7.63 -48.78 -12.32
C4B PLC R . 7.28 -47.58 -11.43
C5B PLC R . 5.82 -47.15 -11.47
C6B PLC R . 5.56 -45.64 -11.23
C7B PLC R . 4.12 -45.30 -10.75
C8B PLC R . 3.89 -43.79 -10.74
C9B PLC R . 2.50 -43.32 -10.31
CAA PLC R . 2.16 -41.93 -10.88
CBA PLC R . 0.88 -41.25 -10.35
O' PLC R . 10.27 -49.49 -7.83
OB PLC R . 11.49 -51.62 -12.70
O2 PLC R . 8.54 -51.07 -7.76
O3 PLC R . 10.24 -51.01 -10.84
O1P PLC R . 8.56 -56.26 -9.57
O2P PLC R . 10.05 -55.84 -7.48
O3P PLC R . 9.69 -54.10 -9.19
O4P PLC R . 11.09 -56.12 -9.87
N PLC R . 11.27 -59.92 -10.20
P PLC R . 9.79 -55.67 -8.96
C ACT S . -19.06 8.68 -22.08
O ACT S . -19.39 9.50 -23.01
OXT ACT S . -18.63 9.11 -20.95
CH3 ACT S . -19.19 7.19 -22.35
C1 PLC T . 11.53 -13.29 -29.30
C2 PLC T . 11.73 -14.16 -28.03
C3 PLC T . 11.63 -15.69 -28.38
C4 PLC T . 8.41 -13.64 -32.84
C5 PLC T . 8.78 -13.93 -34.31
C6 PLC T . 8.99 -15.41 -36.22
C7 PLC T . 9.73 -16.16 -34.04
C8 PLC T . 7.35 -15.88 -34.58
C' PLC T . 14.27 -13.30 -27.63
C1' PLC T . 15.63 -13.97 -27.17
C2' PLC T . 16.02 -14.13 -25.67
C3' PLC T . 16.13 -15.56 -25.09
C4' PLC T . 17.25 -15.87 -24.06
C5' PLC T . 16.96 -17.04 -23.08
C6' PLC T . 18.21 -17.54 -22.31
C7' PLC T . 18.04 -18.88 -21.55
CB PLC T . 12.38 -17.20 -26.43
C1B PLC T . 12.29 -18.46 -25.60
C2B PLC T . 13.10 -18.38 -24.26
C3B PLC T . 13.62 -19.72 -23.71
C4B PLC T . 13.38 -19.95 -22.21
C5B PLC T . 14.37 -20.96 -21.59
C6B PLC T . 13.77 -22.34 -21.33
C7B PLC T . 13.37 -22.51 -19.85
O' PLC T . 14.29 -12.34 -28.41
OB PLC T . 13.46 -16.66 -26.37
O2 PLC T . 12.90 -13.76 -27.20
O3 PLC T . 11.33 -16.58 -27.27
O1P PLC T . 7.86 -12.32 -30.25
O2P PLC T . 10.13 -10.99 -30.47
O3P PLC T . 10.19 -13.44 -29.81
O4P PLC T . 9.40 -12.80 -32.21
N PLC T . 8.72 -15.35 -34.76
P PLC T . 9.35 -12.29 -30.64
C' PLC U . 19.21 -24.15 -22.25
C1' PLC U . 18.51 -22.89 -22.78
C2' PLC U . 19.13 -22.22 -24.06
C3' PLC U . 18.12 -21.67 -25.12
C4' PLC U . 18.51 -20.51 -26.09
C5' PLC U . 17.28 -19.77 -26.70
C6' PLC U . 17.51 -18.74 -27.83
C7' PLC U . 16.25 -18.38 -28.65
C8' PLC U . 16.53 -17.42 -29.84
C9' PLC U . 15.28 -16.77 -30.48
CA' PLC U . 15.55 -16.12 -31.86
CB' PLC U . 14.72 -14.89 -32.22
CL CL V . -11.91 12.07 -18.21
NA NA W . -17.92 26.48 -20.58
C ACT X . -13.72 19.57 -21.01
O ACT X . -12.79 20.32 -21.16
OXT ACT X . -13.70 18.56 -21.65
CH3 ACT X . -14.84 19.88 -20.05
C1 LMT Y . 7.30 -8.38 -5.09
C2 LMT Y . 7.20 -9.01 -3.67
C3 LMT Y . 8.13 -10.22 -3.26
C4 LMT Y . 7.51 -11.61 -2.83
C5 LMT Y . 8.44 -12.80 -2.42
C6 LMT Y . 7.82 -14.26 -2.33
C7 LMT Y . 8.71 -15.46 -1.84
C8 LMT Y . 7.96 -16.82 -1.70
C9 LMT Y . 8.64 -17.98 -0.90
C10 LMT Y . 8.02 -19.39 -0.82
C11 LMT Y . 8.88 -20.46 -0.12
C12 LMT Y . 8.57 -21.98 -0.13
O1B LMT Z . -1.28 -16.62 -32.59
O2B LMT Z . -4.57 -12.89 -36.29
C1' LMT Z . -0.82 -18.00 -28.66
C2' LMT Z . 0.24 -17.05 -29.33
C3' LMT Z . 0.34 -17.18 -30.89
C4' LMT Z . -0.92 -17.63 -31.66
C5' LMT Z . -2.11 -17.90 -30.75
C6' LMT Z . -3.23 -18.60 -31.54
O1' LMT Z . -0.15 -18.86 -27.68
O2' LMT Z . 0.04 -15.67 -28.93
O3' LMT Z . 1.44 -18.06 -31.25
O5' LMT Z . -1.63 -18.70 -29.64
O6' LMT Z . -3.20 -20.01 -31.25
C1 LMT Z . -0.89 -19.84 -26.93
C2 LMT Z . -1.13 -21.13 -27.74
C3 LMT Z . -1.67 -22.29 -26.89
C4 LMT Z . -0.51 -23.05 -26.22
C5 LMT Z . -0.92 -24.24 -25.31
C6 LMT Z . -0.43 -24.14 -23.86
C7 LMT Z . 0.26 -25.41 -23.36
C8 LMT Z . 0.30 -25.53 -21.83
C9 LMT Z . 0.85 -26.91 -21.46
C10 LMT Z . 1.94 -26.84 -20.40
C11 LMT Z . 2.28 -28.22 -19.91
C12 LMT Z . 3.76 -28.47 -19.74
NA NA AA . 20.03 -34.40 6.04
C1 PLC BA . 33.63 -40.79 -14.67
C2 PLC BA . 33.47 -39.50 -13.86
C3 PLC BA . 34.42 -38.43 -14.40
C4 PLC BA . 38.10 -43.12 -14.36
C5 PLC BA . 38.37 -44.58 -14.81
C6 PLC BA . 40.44 -45.83 -14.84
C7 PLC BA . 39.17 -45.56 -16.88
C8 PLC BA . 40.43 -43.73 -16.01
C' PLC BA . 31.52 -38.36 -12.85
C1' PLC BA . 30.07 -37.95 -12.88
C2' PLC BA . 29.73 -36.61 -12.29
C3' PLC BA . 29.36 -35.54 -13.30
C4' PLC BA . 27.86 -35.31 -13.32
C5' PLC BA . 27.44 -33.85 -13.41
C6' PLC BA . 25.97 -33.75 -13.84
C7' PLC BA . 25.34 -32.35 -14.03
C8' PLC BA . 23.97 -32.44 -14.74
C9' PLC BA . 23.67 -31.34 -15.80
CA' PLC BA . 23.23 -31.72 -17.25
CB' PLC BA . 22.88 -30.45 -18.06
CB PLC BA . 36.42 -36.99 -13.75
C1B PLC BA . 36.07 -35.89 -14.77
C2B PLC BA . 34.79 -35.12 -14.41
C3B PLC BA . 33.78 -34.81 -15.54
C4B PLC BA . 33.14 -33.42 -15.33
C5B PLC BA . 31.69 -33.42 -15.78
C6B PLC BA . 30.91 -32.12 -15.52
C7B PLC BA . 29.76 -31.88 -16.54
C8B PLC BA . 28.93 -30.60 -16.30
C9B PLC BA . 28.19 -30.07 -17.55
CAA PLC BA . 27.86 -28.56 -17.55
CBA PLC BA . 26.67 -28.11 -18.41
O' PLC BA . 32.22 -38.13 -11.90
OB PLC BA . 37.52 -37.09 -13.18
O2 PLC BA . 32.11 -39.06 -13.95
O3 PLC BA . 35.40 -38.00 -13.42
O1P PLC BA . 35.78 -42.36 -16.06
O2P PLC BA . 34.39 -43.75 -14.42
O3P PLC BA . 34.79 -41.37 -14.08
O4P PLC BA . 36.80 -42.94 -13.75
N PLC BA . 39.59 -44.90 -15.62
P PLC BA . 35.43 -42.70 -14.63
C ACT CA . 4.35 22.01 -20.37
O ACT CA . 4.46 23.20 -20.83
OXT ACT CA . 3.61 21.71 -19.37
CH3 ACT CA . 5.05 20.87 -21.04
C1 PLC DA . 33.45 3.20 -4.51
C2 PLC DA . 33.09 1.71 -4.32
C3 PLC DA . 33.93 0.73 -5.21
C4 PLC DA . 34.46 6.52 -8.53
C5 PLC DA . 35.63 5.73 -9.15
C6 PLC DA . 37.69 5.65 -10.44
C7 PLC DA . 35.66 6.20 -11.55
C8 PLC DA . 36.65 7.79 -10.01
C' PLC DA . 33.55 1.92 -1.63
C1' PLC DA . 34.38 1.21 -0.53
C2' PLC DA . 33.64 0.30 0.48
C3' PLC DA . 33.51 -1.18 0.06
C4' PLC DA . 33.43 -2.16 1.24
C5' PLC DA . 32.99 -3.58 0.86
C6' PLC DA . 33.63 -4.64 1.77
C7' PLC DA . 32.96 -6.01 1.80
CB PLC DA . 33.66 -1.66 -4.19
C1B PLC DA . 33.72 -3.17 -4.28
C2B PLC DA . 32.75 -3.84 -3.25
C3B PLC DA . 33.15 -5.23 -2.80
C4B PLC DA . 32.07 -6.31 -2.83
C5B PLC DA . 32.65 -7.64 -2.33
C6B PLC DA . 32.43 -8.86 -3.20
C7B PLC DA . 31.04 -9.43 -2.94
O' PLC DA . 33.22 3.08 -1.41
OB PLC DA . 33.72 -1.27 -3.07
O2 PLC DA . 33.14 1.24 -2.91
O3 PLC DA . 33.49 -0.66 -5.28
O1P PLC DA . 32.66 6.15 -5.36
O2P PLC DA . 35.10 5.50 -5.87
O3P PLC DA . 33.31 3.75 -5.85
O4P PLC DA . 33.54 5.67 -7.78
N PLC DA . 36.40 6.36 -10.28
P PLC DA . 33.65 5.33 -6.18
C' PLC EA . 36.70 -11.80 -1.17
C1' PLC EA . 36.11 -10.47 -1.62
C2' PLC EA . 36.18 -9.35 -0.55
C3' PLC EA . 36.86 -8.00 -0.98
C4' PLC EA . 36.74 -6.69 -0.11
C5' PLC EA . 37.63 -5.52 -0.63
C6' PLC EA . 37.20 -4.07 -0.32
C7' PLC EA . 37.59 -3.06 -1.44
C8' PLC EA . 37.66 -1.56 -1.11
C9' PLC EA . 37.81 -0.59 -2.35
CA' PLC EA . 38.17 0.88 -1.97
CB' PLC EA . 38.23 1.95 -3.07
CL CL FA . 3.34 21.68 -11.85
NA NA GA . -3.43 36.24 -12.59
C ACT HA . 1.76 29.80 -11.31
O ACT HA . 2.31 30.74 -10.79
OXT ACT HA . 2.29 29.18 -12.26
CH3 ACT HA . 0.49 29.49 -10.65
C1 LMT IA . 10.12 -5.75 1.40
C2 LMT IA . 10.21 -7.07 2.20
C3 LMT IA . 10.62 -8.37 1.39
C4 LMT IA . 10.95 -9.80 1.98
C5 LMT IA . 11.41 -10.89 0.92
C6 LMT IA . 12.22 -12.19 1.34
C7 LMT IA . 12.00 -13.46 0.44
C8 LMT IA . 12.68 -14.80 0.71
C9 LMT IA . 12.31 -16.03 -0.17
C10 LMT IA . 13.13 -17.28 0.17
C11 LMT IA . 12.89 -18.58 -0.62
C12 LMT IA . 13.96 -19.65 -0.60
C1B LMT JA . 30.82 5.99 -16.42
O1B LMT JA . 30.31 4.93 -17.27
C1' LMT JA . 29.33 1.12 -16.53
C2' LMT JA . 29.94 2.11 -15.50
C3' LMT JA . 31.18 2.90 -16.06
C4' LMT JA . 30.94 3.60 -17.43
C5' LMT JA . 30.18 2.60 -18.38
C6' LMT JA . 30.81 2.40 -19.79
O1' LMT JA . 29.31 -0.25 -16.00
O2' LMT JA . 28.95 3.02 -14.95
O3' LMT JA . 32.37 2.04 -16.04
O5' LMT JA . 29.99 1.26 -17.83
O6' LMT JA . 31.00 1.00 -20.10
C1 LMT JA . 28.83 -1.33 -16.83
C2 LMT JA . 29.94 -2.11 -17.56
C3 LMT JA . 29.43 -3.30 -18.39
C4 LMT JA . 29.48 -4.65 -17.63
C5 LMT JA . 28.68 -5.82 -18.29
C6 LMT JA . 27.99 -6.83 -17.33
C7 LMT JA . 28.83 -8.06 -16.90
C8 LMT JA . 28.02 -9.15 -16.20
C9 LMT JA . 28.71 -10.51 -16.19
C10 LMT JA . 28.44 -11.38 -14.98
C11 LMT JA . 28.89 -12.84 -15.24
C12 LMT JA . 29.68 -13.52 -14.13
C1 PLC KA . 44.83 -30.45 9.59
C2 PLC KA . 43.79 -29.54 10.22
C3 PLC KA . 44.55 -28.76 11.30
C4 PLC KA . 48.29 -33.61 12.12
C5 PLC KA . 48.87 -35.04 11.83
C6 PLC KA . 50.12 -37.01 12.57
C7 PLC KA . 51.31 -35.06 11.88
C8 PLC KA . 50.19 -35.13 14.01
C' PLC KA . 41.65 -28.83 9.14
C1' PLC KA . 40.88 -28.33 7.94
C2' PLC KA . 39.49 -27.83 8.30
C3' PLC KA . 39.38 -26.32 8.29
C4' PLC KA . 38.80 -25.82 7.00
C5' PLC KA . 37.99 -24.55 7.16
C6' PLC KA . 37.51 -24.09 5.78
C7' PLC KA . 36.98 -22.62 5.65
C8' PLC KA . 36.64 -22.16 4.20
C9' PLC KA . 36.62 -20.61 4.02
CA' PLC KA . 37.71 -19.98 3.07
CB' PLC KA . 37.57 -18.46 2.80
CB PLC KA . 43.79 -28.15 13.67
C1B PLC KA . 43.78 -26.66 13.32
C2B PLC KA . 42.70 -26.25 12.32
C3B PLC KA . 42.97 -24.90 11.65
C4B PLC KA . 41.66 -24.10 11.59
C5B PLC KA . 41.76 -22.93 10.64
C6B PLC KA . 40.44 -22.25 10.28
C7B PLC KA . 40.51 -21.54 8.91
C8B PLC KA . 39.32 -20.63 8.68
C9B PLC KA . 39.57 -19.49 7.67
CAA PLC KA . 38.94 -18.15 8.06
CBA PLC KA . 38.46 -17.29 6.90
O' PLC KA . 41.05 -29.38 10.03
OB PLC KA . 43.61 -28.57 14.81
O2 PLC KA . 43.11 -28.72 9.22
O3 PLC KA . 44.08 -29.12 12.62
O1P PLC KA . 47.52 -30.81 11.05
O2P PLC KA . 46.71 -32.33 9.04
O3P PLC KA . 45.20 -31.41 10.61
O4P PLC KA . 46.99 -33.27 11.50
N PLC KA . 50.10 -35.53 12.58
P PLC KA . 46.69 -31.96 10.52
C ACT LA . 8.25 28.78 5.11
O ACT LA . 8.23 29.98 5.46
OXT ACT LA . 7.14 28.17 4.95
CH3 ACT LA . 9.63 28.19 4.91
C1 PLC MA . 17.05 1.38 28.41
C2 PLC MA . 17.32 -0.17 28.35
C3 PLC MA . 18.84 -0.51 28.41
C4 PLC MA . 20.55 5.23 29.80
C5 PLC MA . 21.83 4.41 30.16
C6 PLC MA . 23.66 3.92 31.65
C7 PLC MA . 23.59 6.09 30.57
C8 PLC MA . 22.08 5.50 32.37
C' PLC MA . 16.03 -2.30 29.65
C1' PLC MA . 16.35 -3.61 28.92
C2' PLC MA . 15.84 -4.97 29.50
C3' PLC MA . 15.82 -6.03 28.36
C4' PLC MA . 16.04 -7.51 28.71
C5' PLC MA . 16.58 -8.44 27.59
C6' PLC MA . 16.03 -9.89 27.77
C7' PLC MA . 16.74 -11.04 27.04
CB PLC MA . 19.88 -2.77 27.56
C1B PLC MA . 19.91 -3.88 26.52
C2B PLC MA . 19.14 -5.21 26.73
C3B PLC MA . 19.93 -6.53 26.45
C4B PLC MA . 19.60 -7.37 25.19
C5B PLC MA . 19.95 -8.91 25.19
C6B PLC MA . 21.21 -9.40 24.46
C7B PLC MA . 20.99 -10.25 23.22
O' PLC MA . 15.34 -2.48 30.63
OB PLC MA . 20.59 -2.90 28.56
O2 PLC MA . 16.44 -0.83 29.38
O3 PLC MA . 19.14 -1.50 27.41
O1P PLC MA . 17.18 4.38 29.36
O2P PLC MA . 18.98 2.91 30.55
O3P PLC MA . 18.17 2.28 28.28
O4P PLC MA . 19.68 4.55 28.86
N PLC MA . 22.78 4.99 31.17
P PLC MA . 18.45 3.56 29.30
C' PLC NA . 20.51 -13.92 28.30
C1' PLC NA . 20.84 -12.93 29.43
C2' PLC NA . 20.12 -11.55 29.36
C3' PLC NA . 20.72 -10.33 30.17
C4' PLC NA . 19.69 -9.25 30.60
C5' PLC NA . 20.18 -7.78 30.68
C6' PLC NA . 19.40 -6.87 31.64
C7' PLC NA . 19.88 -5.39 31.66
C8' PLC NA . 19.00 -4.40 32.50
C9' PLC NA . 19.47 -2.91 32.57
CA' PLC NA . 18.65 -2.06 33.58
CB' PLC NA . 19.07 -0.60 33.62
CL CL OA . 1.33 24.04 6.87
NA NA PA . -7.34 37.57 5.89
C ACT QA . -3.39 30.68 8.70
O ACT QA . -3.74 31.13 9.77
OXT ACT QA . -2.22 30.43 8.55
CH3 ACT QA . -4.37 30.40 7.63
C1 LMT RA . 6.09 -6.90 6.83
C2 LMT RA . 6.58 -8.28 7.26
C3 LMT RA . 7.57 -8.99 6.27
C4 LMT RA . 7.97 -10.51 6.44
C5 LMT RA . 9.44 -10.98 6.19
C6 LMT RA . 9.81 -12.48 6.35
C7 LMT RA . 11.12 -12.92 5.64
C8 LMT RA . 11.76 -14.32 5.93
C9 LMT RA . 12.73 -14.91 4.84
C10 LMT RA . 13.85 -15.89 5.25
C11 LMT RA . 14.30 -16.98 4.27
C12 LMT RA . 15.52 -17.86 4.56
C1B LMT SA . 24.19 9.77 22.28
O1B LMT SA . 25.54 9.40 21.84
O5B LMT SA . 23.94 9.90 23.69
C1' LMT SA . 26.10 5.97 20.54
C2' LMT SA . 25.04 6.17 21.68
C3' LMT SA . 25.64 7.02 22.84
C4' LMT SA . 26.35 8.32 22.40
C5' LMT SA . 27.45 7.95 21.38
C6' LMT SA . 28.80 8.45 21.91
O1' LMT SA . 26.09 4.57 20.06
O2' LMT SA . 23.73 6.70 21.27
O3' LMT SA . 26.50 6.16 23.68
O5' LMT SA . 27.40 6.52 21.00
O6' LMT SA . 29.89 7.93 21.14
C1 LMT SA . 26.99 4.20 19.01
C2 LMT SA . 28.26 3.50 19.54
C3 LMT SA . 29.30 2.96 18.52
C4 LMT SA . 29.34 1.42 18.50
C5 LMT SA . 30.38 0.75 17.59
C6 LMT SA . 29.82 -0.24 16.54
C7 LMT SA . 30.31 -1.67 16.72
C8 LMT SA . 29.79 -2.69 15.68
C9 LMT SA . 30.56 -3.99 15.78
C10 LMT SA . 29.83 -5.30 15.44
C11 LMT SA . 30.92 -6.40 15.42
C12 LMT SA . 30.65 -7.64 16.23
C1 PLC TA . 26.90 -36.60 31.05
C2 PLC TA . 25.65 -36.12 30.36
C3 PLC TA . 24.64 -35.73 31.42
C4 PLC TA . 27.80 -41.04 33.56
C5 PLC TA . 29.09 -41.90 33.76
C6 PLC TA . 29.91 -44.05 34.61
C7 PLC TA . 30.01 -42.11 36.06
C8 PLC TA . 27.95 -43.19 35.62
C' PLC TA . 25.10 -34.71 28.43
C1' PLC TA . 25.28 -33.37 27.77
C2' PLC TA . 24.24 -32.99 26.75
C3' PLC TA . 23.53 -31.67 27.08
C4' PLC TA . 24.22 -30.47 26.51
C5' PLC TA . 23.23 -29.37 26.21
C6' PLC TA . 23.96 -28.12 25.71
C7' PLC TA . 23.09 -26.86 25.50
C8' PLC TA . 23.96 -25.66 25.12
C9' PLC TA . 23.32 -24.31 25.49
CA' PLC TA . 24.24 -23.33 26.29
CB' PLC TA . 23.51 -22.05 26.76
CB PLC TA . 22.51 -36.64 32.38
C1B PLC TA . 22.10 -35.24 32.84
C2B PLC TA . 21.68 -34.32 31.69
C3B PLC TA . 22.11 -32.84 31.83
C4B PLC TA . 21.06 -31.94 31.19
C5B PLC TA . 21.44 -30.46 31.28
C6B PLC TA . 20.69 -29.52 30.31
C7B PLC TA . 21.33 -28.10 30.24
C8B PLC TA . 20.38 -26.97 29.75
C9B PLC TA . 20.97 -25.54 29.59
CAA PLC TA . 19.93 -24.40 29.85
CBA PLC TA . 20.27 -22.96 29.45
O' PLC TA . 24.26 -35.51 28.11
OB PLC TA . 21.97 -37.70 32.72
O2 PLC TA . 25.99 -35.01 29.52
O3 PLC TA . 23.64 -36.76 31.47
O1P PLC TA . 27.49 -38.03 33.58
O2P PLC TA . 29.08 -38.24 31.48
O3P PLC TA . 26.67 -37.99 31.33
O4P PLC TA . 27.65 -40.25 32.33
N PLC TA . 29.23 -42.78 34.99
P PLC TA . 27.80 -38.62 32.22
C ACT UA . -12.57 19.66 19.36
O ACT UA . -13.47 20.39 19.81
OXT ACT UA . -12.48 19.58 18.10
CH3 ACT UA . -11.64 18.93 20.29
C1 PLC VA . -14.36 -17.40 24.54
C2 PLC VA . -13.38 -18.54 24.15
C3 PLC VA . -12.28 -18.83 25.20
C4 PLC VA . -15.31 -14.96 29.16
C5 PLC VA . -15.25 -15.55 30.58
C6 PLC VA . -15.75 -15.18 32.95
C7 PLC VA . -13.83 -14.14 32.01
C8 PLC VA . -16.00 -13.32 31.44
C' PLC VA . -14.14 -20.50 22.57
C1' PLC VA . -13.59 -21.92 22.43
C2' PLC VA . -12.97 -22.32 21.09
C3' PLC VA . -11.63 -23.03 21.27
C4' PLC VA . -11.30 -24.09 20.21
C5' PLC VA . -9.83 -24.55 20.17
C6' PLC VA . -9.61 -25.83 19.31
C7' PLC VA . -8.22 -26.48 19.33
CB PLC VA . -10.37 -20.58 25.09
C1B PLC VA . -8.96 -20.95 24.66
C2B PLC VA . -8.82 -21.77 23.37
C3B PLC VA . -7.71 -22.86 23.45
C4B PLC VA . -6.68 -23.00 22.30
C5B PLC VA . -5.66 -24.13 22.56
C6B PLC VA . -4.23 -23.88 22.09
C7B PLC VA . -3.39 -25.10 22.46
O' PLC VA . -14.65 -19.98 21.60
OB PLC VA . -10.90 -21.27 25.93
O2 PLC VA . -14.16 -19.76 23.87
O3 PLC VA . -11.07 -19.38 24.62
O1P PLC VA . -14.25 -14.19 26.45
O2P PLC VA . -16.27 -15.56 25.69
O3P PLC VA . -14.04 -16.71 25.77
O4P PLC VA . -15.07 -15.91 28.09
N PLC VA . -15.22 -14.55 31.71
P PLC VA . -14.96 -15.52 26.47
C' PLC WA . -6.82 -30.23 23.20
C1' PLC WA . -7.41 -29.00 22.51
C2' PLC WA . -8.91 -28.76 22.84
C3' PLC WA . -9.29 -27.34 23.33
C4' PLC WA . -10.66 -27.30 24.07
C5' PLC WA . -11.10 -25.91 24.61
C6' PLC WA . -12.63 -25.72 24.69
C7' PLC WA . -13.08 -24.66 25.73
C8' PLC WA . -14.53 -24.20 25.60
C9' PLC WA . -14.99 -23.09 26.58
CA' PLC WA . -16.28 -22.38 26.11
CB' PLC WA . -17.11 -21.79 27.24
CL CL XA . -15.24 15.76 12.07
NA NA YA . -24.80 28.28 8.37
C ACT ZA . -21.51 20.87 11.13
O ACT ZA . -22.70 20.56 11.22
OXT ACT ZA . -20.75 20.59 12.04
CH3 ACT ZA . -21.01 21.59 9.95
C1 LMT AB . 0.19 -11.14 4.99
C2 LMT AB . 1.72 -11.22 4.91
C3 LMT AB . 2.45 -12.61 4.71
C4 LMT AB . 3.74 -12.95 5.56
C5 LMT AB . 4.38 -14.35 5.50
C6 LMT AB . 5.43 -14.67 6.59
C7 LMT AB . 6.35 -15.88 6.34
C8 LMT AB . 7.56 -16.07 7.28
C9 LMT AB . 8.57 -17.19 6.96
C10 LMT AB . 9.80 -17.40 7.88
C11 LMT AB . 10.59 -18.65 7.58
C12 LMT AB . 11.72 -19.21 8.49
C1B LMT BB . -9.49 -7.79 31.84
O1B LMT BB . -8.59 -8.19 32.92
O5B LMT BB . -10.88 -7.99 32.13
C1' LMT BB . -5.85 -10.28 31.61
C2' LMT BB . -7.26 -10.62 31.03
C3' LMT BB . -8.37 -10.63 32.14
C4' LMT BB . -8.24 -9.57 33.26
C5' LMT BB . -6.81 -9.62 33.86
C6' LMT BB . -6.84 -10.11 35.31
O1' LMT BB . -4.83 -11.10 30.96
O2' LMT BB . -7.65 -9.78 29.89
O3' LMT BB . -8.46 -11.96 32.75
O5' LMT BB . -5.84 -10.41 33.08
O6' LMT BB . -5.49 -10.31 35.74
C1 LMT BB . -3.50 -10.99 31.50
C2 LMT BB . -3.19 -12.13 32.48
C3 LMT BB . -1.71 -12.23 32.85
C4 LMT BB . -0.96 -13.10 31.85
C5 LMT BB . 0.57 -13.12 32.04
C6 LMT BB . 1.41 -13.49 30.80
C7 LMT BB . 2.05 -14.87 30.89
C8 LMT BB . 3.15 -15.11 29.85
C9 LMT BB . 3.82 -16.47 30.14
C10 LMT BB . 4.49 -17.18 28.96
C11 LMT BB . 5.66 -18.08 29.41
C12 LMT BB . 5.42 -19.57 29.55
#